data_6S84
#
_entry.id   6S84
#
_cell.length_a   85.160
_cell.length_b   108.210
_cell.length_c   176.650
_cell.angle_alpha   90.000
_cell.angle_beta   90.000
_cell.angle_gamma   90.000
#
_symmetry.space_group_name_H-M   'P 21 21 21'
#
loop_
_entity.id
_entity.type
_entity.pdbx_description
1 polymer 'tRNA N6-adenosine threonylcarbamoyltransferase'
2 polymer 'ATPase YjeE, predicted to have essential role in cell wall biosynthesis'
3 polymer 'tRNA threonylcarbamoyladenosine biosynthesis protein TsaB'
4 non-polymer 'DIPHOSPHOMETHYLPHOSPHONIC ACID ADENOSYL ESTER'
5 non-polymer 'MAGNESIUM ION'
6 non-polymer LEUCINE
7 water water
#
loop_
_entity_poly.entity_id
_entity_poly.type
_entity_poly.pdbx_seq_one_letter_code
_entity_poly.pdbx_strand_id
1 'polypeptide(L)'
;MRVLGIETSCDETAVAVLDDGKNVVVNFTVSQIEVHQKFGGVVPEVAARHHLKNLPILLKKAFEKVPPETVDVVAATYGP
GLIGALLVGLSAAKGLAISLEKPFVGVNHVEAHVQAVFLANPDLKPPLVVLMVSGGHTQLMKVDEDYSMEVLGETLDDSA
GEAFDKVARLLGLGYPGGPVIDRVAKKGDPEKYSFPRPMLDDDSYNFSFAGLKTSVLYFLQREKGYKVEDVAASFQKAVV
DILVEKTFRLARNLGIRKIAFVGGVAANSMLREEVRKRAERWNYEVFFPPLELCTDNALMVAKAGYEKAKRGMFSPLSLN
ADPNLNV
;
A,D
2 'polypeptide(L)'
;MGHHHHHHENLYFQGYNTVEEQKMRHLRFENLTEEQLKRLAKILTENLKGGEVVILSGNLGAGKTTFVKGMIRAIGLDEK
MVKSPTFTLMNVYPGLKTIYHLDLYRLQDTDFLSLDVEDILEDEDGIMVVEWGDLFDGFWPEDSIKVKIEIADESHRNVE
ILIPEEVNFLVEKIERYRKELQNT
;
E,B
3 'polypeptide(L)'
;MNVLALDTSQRIRIGLRKGEDLFEISYTGEKKHAEILPVVVKKLLDELDLKVKDLDVVGVGIGPGGLTGLRVGIATVVGL
VSPYDIPVAPLNSFEMTAKSCPADGVVLVARRARKGYHYCAVYLKDKGLNPLKEPSVVSDEELEEITKEFSPKIVLKDDL
LISPAVLVEESERLFREKKTIHYYEIEPLYLQKSIAELNWEKKKRG
;
C,F
#
# COMPACT_ATOMS: atom_id res chain seq x y z
N MET A 1 -29.83 -18.13 9.72
CA MET A 1 -28.95 -16.98 9.40
C MET A 1 -28.76 -16.11 10.65
N ARG A 2 -27.67 -16.41 11.36
CA ARG A 2 -27.28 -15.68 12.55
C ARG A 2 -26.75 -14.32 12.11
N VAL A 3 -27.49 -13.26 12.44
CA VAL A 3 -27.08 -11.89 12.12
C VAL A 3 -26.76 -11.13 13.42
N LEU A 4 -25.57 -10.52 13.44
CA LEU A 4 -25.08 -9.69 14.53
C LEU A 4 -25.43 -8.24 14.23
N GLY A 5 -26.15 -7.61 15.18
CA GLY A 5 -26.61 -6.23 15.06
C GLY A 5 -25.95 -5.31 16.08
N ILE A 6 -25.44 -4.17 15.58
CA ILE A 6 -24.80 -3.15 16.41
C ILE A 6 -25.64 -1.88 16.33
N GLU A 7 -25.83 -1.24 17.49
CA GLU A 7 -26.62 -0.02 17.58
C GLU A 7 -25.84 1.06 18.33
N THR A 8 -25.42 2.11 17.62
CA THR A 8 -24.75 3.25 18.22
C THR A 8 -25.41 4.55 17.76
N SER A 9 -26.63 4.47 17.23
CA SER A 9 -27.36 5.66 16.83
C SER A 9 -28.15 6.23 18.02
N CYS A 10 -28.74 5.33 18.83
CA CYS A 10 -29.51 5.70 20.00
C CYS A 10 -28.60 5.84 21.22
N ASP A 11 -29.16 6.37 22.31
CA ASP A 11 -28.42 6.70 23.53
C ASP A 11 -27.91 5.43 24.21
N GLU A 12 -28.70 4.36 24.14
CA GLU A 12 -28.24 3.06 24.61
C GLU A 12 -27.34 2.46 23.54
N THR A 13 -26.17 1.97 23.96
CA THR A 13 -25.31 1.14 23.12
C THR A 13 -25.80 -0.30 23.24
N ALA A 14 -25.86 -1.01 22.11
CA ALA A 14 -26.51 -2.31 22.09
C ALA A 14 -25.88 -3.23 21.03
N VAL A 15 -25.83 -4.53 21.37
CA VAL A 15 -25.38 -5.60 20.50
C VAL A 15 -26.33 -6.79 20.63
N ALA A 16 -26.86 -7.25 19.50
CA ALA A 16 -27.84 -8.33 19.45
C ALA A 16 -27.47 -9.38 18.40
N VAL A 17 -27.65 -10.67 18.76
CA VAL A 17 -27.48 -11.79 17.86
C VAL A 17 -28.84 -12.45 17.63
N LEU A 18 -29.22 -12.56 16.35
CA LEU A 18 -30.55 -13.00 15.97
C LEU A 18 -30.43 -14.14 14.95
N ASP A 19 -31.23 -15.19 15.15
CA ASP A 19 -31.27 -16.35 14.28
C ASP A 19 -32.57 -16.31 13.48
N ASP A 20 -32.42 -16.22 12.15
CA ASP A 20 -33.49 -16.38 11.18
C ASP A 20 -34.51 -15.25 11.31
N GLY A 21 -34.12 -14.15 11.97
CA GLY A 21 -34.95 -12.98 12.03
C GLY A 21 -36.04 -13.05 13.12
N LYS A 22 -36.06 -14.14 13.90
CA LYS A 22 -37.15 -14.33 14.84
C LYS A 22 -36.67 -14.93 16.16
N ASN A 23 -35.38 -15.27 16.26
CA ASN A 23 -34.89 -15.97 17.45
C ASN A 23 -33.72 -15.20 18.07
N VAL A 24 -33.94 -14.65 19.27
CA VAL A 24 -32.87 -13.98 20.00
C VAL A 24 -32.01 -15.04 20.66
N VAL A 25 -30.75 -15.13 20.24
CA VAL A 25 -29.83 -16.02 20.89
C VAL A 25 -29.13 -15.26 22.02
N VAL A 26 -28.90 -13.95 21.77
CA VAL A 26 -28.30 -13.08 22.76
C VAL A 26 -28.58 -11.61 22.42
N ASN A 27 -28.95 -10.85 23.46
CA ASN A 27 -29.22 -9.42 23.35
C ASN A 27 -28.57 -8.73 24.54
N PHE A 28 -27.54 -7.92 24.25
CA PHE A 28 -26.87 -7.14 25.28
C PHE A 28 -27.16 -5.66 25.06
N THR A 29 -27.40 -4.96 26.18
CA THR A 29 -27.57 -3.52 26.19
C THR A 29 -26.74 -2.94 27.32
N VAL A 30 -26.33 -1.67 27.18
CA VAL A 30 -25.48 -1.02 28.17
C VAL A 30 -26.20 -1.04 29.53
N SER A 31 -27.46 -0.59 29.53
CA SER A 31 -28.35 -0.62 30.69
C SER A 31 -28.51 -2.07 31.18
N ARG A 49 -24.56 5.70 24.86
CA ARG A 49 -24.13 7.01 25.43
C ARG A 49 -22.67 7.23 25.02
N HIS A 50 -21.73 6.63 25.78
CA HIS A 50 -20.35 6.57 25.36
C HIS A 50 -20.11 5.29 24.57
N HIS A 51 -20.22 5.38 23.24
CA HIS A 51 -20.26 4.21 22.39
C HIS A 51 -18.90 3.52 22.32
N LEU A 52 -17.83 4.29 22.11
CA LEU A 52 -16.50 3.73 21.92
C LEU A 52 -15.97 3.04 23.18
N LYS A 53 -16.47 3.44 24.36
CA LYS A 53 -16.04 2.86 25.62
C LYS A 53 -16.83 1.59 25.89
N ASN A 54 -18.13 1.64 25.55
CA ASN A 54 -19.10 0.61 25.92
C ASN A 54 -19.04 -0.57 24.94
N LEU A 55 -19.11 -0.27 23.64
CA LEU A 55 -19.27 -1.28 22.61
C LEU A 55 -18.28 -2.45 22.80
N PRO A 56 -16.95 -2.21 22.92
CA PRO A 56 -16.01 -3.31 23.18
C PRO A 56 -16.37 -4.23 24.34
N ILE A 57 -16.92 -3.67 25.42
CA ILE A 57 -17.38 -4.48 26.55
C ILE A 57 -18.48 -5.42 26.07
N LEU A 58 -19.44 -4.87 25.31
CA LEU A 58 -20.62 -5.61 24.88
C LEU A 58 -20.24 -6.74 23.91
N LEU A 59 -19.33 -6.43 22.97
CA LEU A 59 -18.81 -7.41 22.01
C LEU A 59 -18.07 -8.53 22.75
N LYS A 60 -17.31 -8.16 23.78
CA LYS A 60 -16.69 -9.13 24.67
C LYS A 60 -17.77 -10.12 25.15
N LYS A 61 -18.81 -9.58 25.82
CA LYS A 61 -19.87 -10.36 26.43
C LYS A 61 -20.56 -11.23 25.39
N ALA A 62 -20.74 -10.69 24.18
CA ALA A 62 -21.37 -11.42 23.08
C ALA A 62 -20.52 -12.62 22.67
N PHE A 63 -19.21 -12.41 22.49
CA PHE A 63 -18.33 -13.42 21.95
C PHE A 63 -17.95 -14.46 23.00
N GLU A 64 -18.26 -14.18 24.27
CA GLU A 64 -18.07 -15.12 25.35
C GLU A 64 -19.13 -16.22 25.29
N LYS A 65 -20.32 -15.86 24.78
CA LYS A 65 -21.49 -16.73 24.79
C LYS A 65 -21.71 -17.40 23.44
N VAL A 66 -21.77 -16.58 22.38
CA VAL A 66 -21.89 -17.04 21.00
C VAL A 66 -20.48 -17.27 20.42
N PRO A 67 -20.23 -18.38 19.69
CA PRO A 67 -18.98 -18.56 18.95
C PRO A 67 -18.95 -17.71 17.69
N PRO A 68 -17.84 -16.99 17.41
CA PRO A 68 -17.76 -16.06 16.29
C PRO A 68 -18.03 -16.66 14.91
N GLU A 69 -17.67 -17.94 14.73
CA GLU A 69 -17.75 -18.61 13.44
C GLU A 69 -19.19 -18.66 12.95
N THR A 70 -20.13 -18.63 13.90
CA THR A 70 -21.54 -18.89 13.63
C THR A 70 -22.21 -17.69 12.97
N VAL A 71 -21.69 -16.49 13.21
CA VAL A 71 -22.30 -15.27 12.69
C VAL A 71 -22.20 -15.28 11.17
N ASP A 72 -23.30 -14.93 10.50
CA ASP A 72 -23.43 -15.07 9.06
C ASP A 72 -23.35 -13.70 8.39
N VAL A 73 -23.93 -12.70 9.06
CA VAL A 73 -23.96 -11.33 8.56
C VAL A 73 -23.84 -10.36 9.74
N VAL A 74 -23.10 -9.26 9.52
CA VAL A 74 -22.94 -8.21 10.50
C VAL A 74 -23.72 -6.99 10.01
N ALA A 75 -24.42 -6.33 10.95
CA ALA A 75 -25.32 -5.23 10.61
C ALA A 75 -25.24 -4.12 11.66
N ALA A 76 -25.22 -2.86 11.20
CA ALA A 76 -25.18 -1.67 12.05
C ALA A 76 -25.80 -0.47 11.34
N THR A 77 -26.27 0.50 12.12
CA THR A 77 -26.94 1.70 11.62
C THR A 77 -25.90 2.65 11.02
N TYR A 78 -26.19 3.17 9.82
CA TYR A 78 -25.30 4.11 9.16
C TYR A 78 -25.95 5.49 9.07
N GLY A 79 -26.98 5.70 9.90
CA GLY A 79 -27.73 6.96 9.87
C GLY A 79 -29.23 6.73 9.92
N PRO A 80 -30.03 7.74 10.34
CA PRO A 80 -29.51 9.04 10.72
C PRO A 80 -29.05 9.04 12.17
N GLY A 81 -28.49 10.16 12.62
CA GLY A 81 -27.98 10.29 13.98
C GLY A 81 -26.80 11.24 14.02
N LEU A 82 -25.92 11.05 15.02
CA LEU A 82 -24.76 11.90 15.20
C LEU A 82 -23.55 11.28 14.50
N ILE A 83 -22.89 12.08 13.65
CA ILE A 83 -21.74 11.65 12.87
C ILE A 83 -20.79 10.83 13.74
N GLY A 84 -20.52 11.31 14.95
CA GLY A 84 -19.56 10.67 15.85
C GLY A 84 -20.10 9.38 16.45
N ALA A 85 -21.38 9.39 16.83
CA ALA A 85 -22.01 8.24 17.48
C ALA A 85 -22.11 7.08 16.50
N LEU A 86 -22.38 7.39 15.23
CA LEU A 86 -22.68 6.41 14.19
C LEU A 86 -21.41 5.69 13.75
N LEU A 87 -20.34 6.46 13.56
CA LEU A 87 -19.08 5.95 13.06
C LEU A 87 -18.56 4.79 13.91
N VAL A 88 -18.77 4.84 15.24
CA VAL A 88 -18.26 3.82 16.14
C VAL A 88 -18.87 2.46 15.82
N GLY A 89 -20.20 2.43 15.64
CA GLY A 89 -20.90 1.20 15.27
C GLY A 89 -20.58 0.73 13.85
N LEU A 90 -20.67 1.68 12.90
CA LEU A 90 -20.40 1.45 11.49
C LEU A 90 -18.98 0.94 11.30
N SER A 91 -18.02 1.62 11.95
CA SER A 91 -16.60 1.30 11.86
C SER A 91 -16.32 -0.09 12.43
N ALA A 92 -16.91 -0.39 13.60
CA ALA A 92 -16.73 -1.66 14.28
C ALA A 92 -17.28 -2.81 13.44
N ALA A 93 -18.43 -2.57 12.80
CA ALA A 93 -19.13 -3.63 12.07
C ALA A 93 -18.33 -4.06 10.85
N LYS A 94 -17.70 -3.09 10.17
CA LYS A 94 -16.91 -3.37 8.98
C LYS A 94 -15.66 -4.16 9.36
N GLY A 95 -15.09 -3.85 10.53
CA GLY A 95 -13.94 -4.56 11.05
C GLY A 95 -14.29 -6.00 11.39
N LEU A 96 -15.47 -6.18 12.01
CA LEU A 96 -16.01 -7.50 12.28
C LEU A 96 -16.22 -8.26 10.98
N ALA A 97 -16.85 -7.59 10.00
CA ALA A 97 -17.07 -8.12 8.67
C ALA A 97 -15.77 -8.64 8.07
N ILE A 98 -14.71 -7.80 8.13
CA ILE A 98 -13.41 -8.14 7.58
C ILE A 98 -12.82 -9.34 8.34
N SER A 99 -12.81 -9.26 9.66
CA SER A 99 -12.15 -10.28 10.48
C SER A 99 -12.89 -11.62 10.42
N LEU A 100 -14.23 -11.57 10.33
CA LEU A 100 -15.04 -12.77 10.29
C LEU A 100 -15.05 -13.37 8.88
N GLU A 101 -14.86 -12.51 7.87
CA GLU A 101 -15.01 -12.89 6.47
C GLU A 101 -16.48 -13.21 6.20
N LYS A 102 -17.36 -12.28 6.60
CA LYS A 102 -18.79 -12.40 6.38
C LYS A 102 -19.29 -11.06 5.83
N PRO A 103 -20.45 -11.02 5.12
CA PRO A 103 -20.93 -9.76 4.52
C PRO A 103 -21.50 -8.79 5.55
N PHE A 104 -21.60 -7.51 5.16
CA PHE A 104 -22.01 -6.45 6.07
C PHE A 104 -23.20 -5.68 5.48
N VAL A 105 -24.11 -5.27 6.37
CA VAL A 105 -25.31 -4.55 5.99
C VAL A 105 -25.40 -3.26 6.82
N GLY A 106 -25.39 -2.12 6.13
CA GLY A 106 -25.63 -0.84 6.80
C GLY A 106 -27.10 -0.49 6.75
N VAL A 107 -27.74 -0.40 7.92
CA VAL A 107 -29.19 -0.21 7.98
C VAL A 107 -29.52 1.27 8.14
N ASN A 108 -30.54 1.69 7.39
CA ASN A 108 -31.16 3.00 7.47
C ASN A 108 -32.20 2.96 8.61
N HIS A 109 -32.01 3.82 9.62
CA HIS A 109 -32.77 3.68 10.85
C HIS A 109 -34.26 3.96 10.62
N VAL A 110 -34.55 5.06 9.91
CA VAL A 110 -35.94 5.41 9.61
C VAL A 110 -36.59 4.29 8.79
N GLU A 111 -35.90 3.80 7.76
CA GLU A 111 -36.43 2.70 6.97
C GLU A 111 -36.80 1.52 7.87
N ALA A 112 -35.93 1.20 8.83
CA ALA A 112 -36.11 0.04 9.69
C ALA A 112 -37.37 0.19 10.54
N HIS A 113 -37.63 1.41 11.05
CA HIS A 113 -38.83 1.70 11.84
C HIS A 113 -40.09 1.36 11.05
N VAL A 114 -40.13 1.76 9.78
CA VAL A 114 -41.28 1.57 8.92
C VAL A 114 -41.53 0.08 8.68
N GLN A 115 -40.45 -0.69 8.48
CA GLN A 115 -40.54 -2.11 8.16
C GLN A 115 -41.11 -2.87 9.35
N ALA A 116 -40.99 -2.30 10.56
CA ALA A 116 -41.44 -2.94 11.79
C ALA A 116 -42.97 -2.90 11.93
N VAL A 117 -43.62 -2.04 11.14
CA VAL A 117 -45.07 -2.01 11.01
C VAL A 117 -45.53 -3.33 10.40
N PHE A 118 -44.83 -3.76 9.34
CA PHE A 118 -45.12 -5.02 8.67
C PHE A 118 -44.69 -6.20 9.55
N LEU A 119 -43.78 -5.95 10.50
CA LEU A 119 -43.33 -6.97 11.42
C LEU A 119 -44.40 -7.18 12.51
N ALA A 120 -44.93 -6.07 13.03
CA ALA A 120 -45.98 -6.15 14.04
C ALA A 120 -47.23 -6.80 13.44
N ASN A 121 -47.57 -6.43 12.19
CA ASN A 121 -48.77 -6.90 11.52
C ASN A 121 -48.39 -7.80 10.35
N PRO A 122 -48.41 -9.15 10.53
CA PRO A 122 -47.99 -10.08 9.48
C PRO A 122 -48.82 -9.94 8.19
N ASP A 123 -50.14 -9.78 8.35
CA ASP A 123 -51.07 -9.77 7.23
C ASP A 123 -51.29 -8.34 6.75
N LEU A 124 -50.24 -7.67 6.26
CA LEU A 124 -50.40 -6.28 5.87
C LEU A 124 -50.03 -6.06 4.40
N LYS A 125 -50.96 -5.43 3.69
CA LYS A 125 -50.82 -5.07 2.28
C LYS A 125 -49.62 -4.15 2.10
N PRO A 126 -48.82 -4.34 1.03
CA PRO A 126 -47.70 -3.45 0.74
C PRO A 126 -48.00 -1.97 0.54
N PRO A 127 -49.09 -1.54 -0.15
CA PRO A 127 -49.38 -0.12 -0.37
C PRO A 127 -50.05 0.51 0.85
N LEU A 128 -49.34 1.46 1.47
CA LEU A 128 -49.60 1.95 2.82
C LEU A 128 -49.15 3.40 2.90
N VAL A 129 -49.85 4.19 3.73
CA VAL A 129 -49.40 5.53 4.09
C VAL A 129 -49.09 5.53 5.58
N VAL A 130 -48.03 6.25 5.97
CA VAL A 130 -47.55 6.21 7.34
C VAL A 130 -47.16 7.61 7.79
N LEU A 131 -47.59 7.95 9.02
CA LEU A 131 -47.22 9.18 9.68
C LEU A 131 -46.18 8.87 10.76
N MET A 132 -45.03 9.56 10.65
CA MET A 132 -44.00 9.48 11.67
C MET A 132 -44.03 10.78 12.47
N VAL A 133 -44.46 10.69 13.72
CA VAL A 133 -44.58 11.86 14.57
C VAL A 133 -43.87 11.59 15.88
N SER A 134 -42.70 12.22 16.03
CA SER A 134 -41.90 12.10 17.23
C SER A 134 -41.19 13.42 17.48
N GLY A 135 -40.20 13.41 18.38
CA GLY A 135 -39.34 14.55 18.56
C GLY A 135 -38.24 14.52 17.51
N GLY A 136 -38.14 15.58 16.72
CA GLY A 136 -37.13 15.67 15.67
C GLY A 136 -37.45 14.81 14.45
N HIS A 137 -38.60 14.13 14.46
CA HIS A 137 -39.09 13.44 13.29
C HIS A 137 -40.60 13.67 13.14
N THR A 138 -40.98 14.27 12.01
CA THR A 138 -42.38 14.43 11.66
C THR A 138 -42.51 14.47 10.13
N GLN A 139 -42.97 13.36 9.55
CA GLN A 139 -43.08 13.22 8.11
C GLN A 139 -44.23 12.29 7.73
N LEU A 140 -44.74 12.46 6.51
CA LEU A 140 -45.69 11.55 5.88
C LEU A 140 -44.97 10.79 4.76
N MET A 141 -45.07 9.45 4.75
CA MET A 141 -44.40 8.66 3.73
C MET A 141 -45.36 7.64 3.12
N LYS A 142 -45.17 7.38 1.82
CA LYS A 142 -45.90 6.37 1.06
C LYS A 142 -45.03 5.13 1.00
N VAL A 143 -45.64 3.96 1.23
CA VAL A 143 -44.99 2.68 0.99
C VAL A 143 -45.60 2.06 -0.27
N ASP A 144 -44.76 1.85 -1.29
CA ASP A 144 -45.17 1.28 -2.56
C ASP A 144 -45.51 -0.20 -2.39
N GLU A 145 -45.86 -0.86 -3.50
CA GLU A 145 -46.14 -2.28 -3.49
C GLU A 145 -44.83 -3.07 -3.36
N ASP A 146 -43.77 -2.53 -3.99
CA ASP A 146 -42.48 -3.19 -4.03
C ASP A 146 -41.71 -2.96 -2.73
N TYR A 147 -42.34 -2.24 -1.79
CA TYR A 147 -41.84 -1.97 -0.44
C TYR A 147 -40.82 -0.83 -0.43
N SER A 148 -40.68 -0.14 -1.57
CA SER A 148 -39.94 1.11 -1.64
C SER A 148 -40.77 2.23 -1.02
N MET A 149 -40.11 3.30 -0.57
CA MET A 149 -40.80 4.34 0.18
C MET A 149 -40.15 5.71 -0.05
N GLU A 150 -40.97 6.76 -0.15
CA GLU A 150 -40.52 8.15 -0.30
C GLU A 150 -41.22 9.01 0.76
N VAL A 151 -40.56 10.10 1.16
CA VAL A 151 -41.16 11.06 2.07
C VAL A 151 -41.89 12.12 1.26
N LEU A 152 -43.20 12.26 1.52
CA LEU A 152 -44.05 13.17 0.77
C LEU A 152 -44.32 14.45 1.56
N GLY A 153 -44.47 14.32 2.89
CA GLY A 153 -44.71 15.45 3.77
C GLY A 153 -43.64 15.55 4.85
N GLU A 154 -43.36 16.78 5.30
CA GLU A 154 -42.23 17.05 6.17
C GLU A 154 -42.42 18.37 6.90
N THR A 155 -42.00 18.43 8.17
CA THR A 155 -42.05 19.66 8.95
C THR A 155 -40.94 20.61 8.49
N LEU A 156 -41.28 21.90 8.41
CA LEU A 156 -40.32 22.90 7.98
C LEU A 156 -39.62 23.52 9.19
N ASP A 157 -40.30 23.51 10.35
CA ASP A 157 -39.83 24.20 11.55
C ASP A 157 -39.47 23.18 12.63
N ASP A 158 -40.38 23.01 13.59
CA ASP A 158 -40.20 22.11 14.72
C ASP A 158 -40.94 20.81 14.44
N SER A 159 -40.55 19.75 15.15
CA SER A 159 -41.32 18.52 15.16
C SER A 159 -42.54 18.68 16.04
N ALA A 160 -43.53 17.80 15.89
CA ALA A 160 -44.70 17.81 16.75
C ALA A 160 -44.30 17.52 18.19
N GLY A 161 -43.46 16.50 18.40
CA GLY A 161 -42.97 16.17 19.72
C GLY A 161 -42.33 17.36 20.40
N GLU A 162 -41.49 18.09 19.64
CA GLU A 162 -40.82 19.30 20.10
C GLU A 162 -41.86 20.30 20.59
N ALA A 163 -42.95 20.45 19.82
CA ALA A 163 -44.01 21.37 20.16
C ALA A 163 -44.64 20.95 21.48
N PHE A 164 -44.82 19.64 21.68
CA PHE A 164 -45.39 19.13 22.92
C PHE A 164 -44.49 19.47 24.10
N ASP A 165 -43.18 19.24 23.94
CA ASP A 165 -42.23 19.38 25.03
C ASP A 165 -42.07 20.85 25.42
N LYS A 166 -41.97 21.73 24.42
CA LYS A 166 -41.68 23.14 24.66
C LYS A 166 -42.94 23.86 25.13
N VAL A 167 -44.10 23.42 24.66
CA VAL A 167 -45.35 24.02 25.10
C VAL A 167 -45.63 23.59 26.54
N ALA A 168 -45.28 22.35 26.89
CA ALA A 168 -45.43 21.86 28.25
C ALA A 168 -44.60 22.71 29.21
N ARG A 169 -43.34 23.00 28.81
CA ARG A 169 -42.44 23.87 29.56
C ARG A 169 -43.13 25.21 29.79
N LEU A 170 -43.58 25.83 28.69
CA LEU A 170 -44.25 27.12 28.71
C LEU A 170 -45.42 27.09 29.69
N LEU A 171 -46.15 25.98 29.71
CA LEU A 171 -47.35 25.85 30.53
C LEU A 171 -46.99 25.61 32.00
N GLY A 172 -45.70 25.35 32.26
CA GLY A 172 -45.24 25.06 33.60
C GLY A 172 -45.69 23.66 34.03
N LEU A 173 -45.33 22.68 33.20
CA LEU A 173 -45.68 21.28 33.42
C LEU A 173 -44.41 20.45 33.30
N GLY A 174 -44.37 19.34 34.05
CA GLY A 174 -43.16 18.53 34.15
C GLY A 174 -42.80 17.88 32.82
N TYR A 175 -41.67 17.17 32.81
CA TYR A 175 -41.30 16.30 31.71
C TYR A 175 -42.00 14.96 31.92
N PRO A 176 -42.27 14.16 30.86
CA PRO A 176 -42.10 14.61 29.47
C PRO A 176 -43.35 15.33 28.99
N GLY A 177 -43.13 16.30 28.10
CA GLY A 177 -44.18 17.21 27.65
C GLY A 177 -45.44 16.45 27.22
N GLY A 178 -45.25 15.51 26.30
CA GLY A 178 -46.34 14.82 25.62
C GLY A 178 -47.30 14.12 26.57
N PRO A 179 -46.85 13.12 27.37
CA PRO A 179 -47.75 12.39 28.28
C PRO A 179 -48.39 13.24 29.36
N VAL A 180 -47.68 14.30 29.77
CA VAL A 180 -48.18 15.22 30.77
C VAL A 180 -49.33 16.02 30.16
N ILE A 181 -49.12 16.58 28.95
CA ILE A 181 -50.14 17.36 28.26
C ILE A 181 -51.34 16.49 27.91
N ASP A 182 -51.06 15.24 27.52
CA ASP A 182 -52.06 14.21 27.29
C ASP A 182 -53.00 14.15 28.50
N ARG A 183 -52.41 13.91 29.68
CA ARG A 183 -53.15 13.60 30.91
C ARG A 183 -53.94 14.81 31.39
N VAL A 184 -53.33 16.01 31.33
CA VAL A 184 -53.97 17.19 31.88
C VAL A 184 -55.09 17.67 30.93
N ALA A 185 -54.98 17.31 29.65
CA ALA A 185 -55.93 17.78 28.65
C ALA A 185 -57.26 17.04 28.78
N LYS A 186 -57.21 15.88 29.45
CA LYS A 186 -58.38 15.03 29.66
C LYS A 186 -59.39 15.73 30.57
N LYS A 187 -58.88 16.61 31.44
CA LYS A 187 -59.71 17.35 32.37
C LYS A 187 -60.11 18.70 31.78
N GLY A 188 -59.64 18.97 30.55
CA GLY A 188 -59.85 20.28 29.94
C GLY A 188 -60.81 20.21 28.76
N ASP A 189 -61.28 21.40 28.35
CA ASP A 189 -62.15 21.52 27.19
C ASP A 189 -61.32 22.00 25.99
N PRO A 190 -61.09 21.12 24.99
CA PRO A 190 -60.53 21.54 23.71
C PRO A 190 -61.52 22.50 23.04
N GLU A 191 -60.99 23.35 22.16
CA GLU A 191 -61.76 24.32 21.40
C GLU A 191 -62.36 25.40 22.31
N LYS A 192 -62.04 25.35 23.61
CA LYS A 192 -62.25 26.48 24.50
C LYS A 192 -61.54 27.70 23.90
N TYR A 193 -60.26 27.53 23.58
CA TYR A 193 -59.47 28.52 22.86
C TYR A 193 -59.14 27.94 21.48
N SER A 194 -59.00 28.81 20.49
CA SER A 194 -58.79 28.34 19.13
C SER A 194 -57.45 28.82 18.59
N PHE A 195 -56.40 28.02 18.79
CA PHE A 195 -55.07 28.35 18.30
C PHE A 195 -55.02 28.07 16.79
N PRO A 196 -54.07 28.68 16.05
CA PRO A 196 -53.93 28.43 14.62
C PRO A 196 -53.46 27.02 14.28
N ARG A 197 -53.94 26.50 13.14
CA ARG A 197 -53.43 25.28 12.54
C ARG A 197 -52.51 25.67 11.38
N PRO A 198 -51.19 25.80 11.63
CA PRO A 198 -50.28 26.60 10.80
C PRO A 198 -50.13 26.34 9.31
N MET A 199 -50.34 25.09 8.87
CA MET A 199 -50.14 24.77 7.46
C MET A 199 -51.42 24.21 6.84
N LEU A 200 -52.45 24.01 7.67
CA LEU A 200 -53.71 23.39 7.28
C LEU A 200 -54.36 24.20 6.17
N ASP A 201 -55.06 23.50 5.26
CA ASP A 201 -55.61 24.11 4.06
C ASP A 201 -54.48 24.73 3.23
N ASP A 202 -53.53 23.88 2.84
CA ASP A 202 -52.45 24.26 1.96
C ASP A 202 -52.36 23.23 0.83
N ASP A 203 -51.66 23.60 -0.25
CA ASP A 203 -51.47 22.73 -1.40
C ASP A 203 -50.26 21.83 -1.16
N SER A 204 -49.76 21.85 0.08
CA SER A 204 -48.62 21.07 0.49
C SER A 204 -49.03 20.08 1.58
N TYR A 205 -48.27 18.99 1.69
CA TYR A 205 -48.46 18.00 2.74
C TYR A 205 -47.46 18.24 3.88
N ASN A 206 -46.86 19.44 3.87
CA ASN A 206 -45.84 19.79 4.86
C ASN A 206 -46.49 20.26 6.16
N PHE A 207 -45.67 20.35 7.22
CA PHE A 207 -46.12 20.79 8.53
C PHE A 207 -45.24 21.94 9.03
N SER A 208 -45.85 22.74 9.89
CA SER A 208 -45.21 23.79 10.66
C SER A 208 -45.76 23.76 12.08
N PHE A 209 -44.87 23.92 13.06
CA PHE A 209 -45.32 23.90 14.45
C PHE A 209 -44.74 25.06 15.25
N ALA A 210 -43.72 25.74 14.70
CA ALA A 210 -43.08 26.84 15.39
C ALA A 210 -44.08 27.96 15.66
N GLY A 211 -44.93 28.22 14.66
CA GLY A 211 -45.99 29.21 14.76
C GLY A 211 -46.96 28.89 15.91
N LEU A 212 -47.43 27.64 15.97
CA LEU A 212 -48.34 27.18 17.00
C LEU A 212 -47.70 27.43 18.38
N LYS A 213 -46.45 26.98 18.53
CA LYS A 213 -45.72 27.08 19.78
C LYS A 213 -45.71 28.51 20.32
N THR A 214 -45.44 29.50 19.44
CA THR A 214 -45.30 30.88 19.85
C THR A 214 -46.67 31.48 20.16
N SER A 215 -47.69 31.03 19.42
CA SER A 215 -49.06 31.50 19.61
C SER A 215 -49.50 31.22 21.05
N VAL A 216 -49.13 30.03 21.56
CA VAL A 216 -49.43 29.64 22.93
C VAL A 216 -48.78 30.62 23.88
N LEU A 217 -47.51 30.96 23.60
CA LEU A 217 -46.70 31.84 24.45
C LEU A 217 -47.37 33.21 24.53
N TYR A 218 -47.83 33.73 23.38
CA TYR A 218 -48.48 35.04 23.31
C TYR A 218 -49.75 35.06 24.14
N PHE A 219 -50.53 33.97 24.08
CA PHE A 219 -51.75 33.82 24.87
C PHE A 219 -51.41 33.81 26.37
N LEU A 220 -50.29 33.14 26.72
CA LEU A 220 -49.84 33.05 28.10
C LEU A 220 -49.40 34.41 28.62
N GLN A 221 -48.92 35.28 27.72
CA GLN A 221 -48.46 36.62 28.06
C GLN A 221 -49.65 37.57 28.17
N ARG A 222 -50.71 37.34 27.37
CA ARG A 222 -51.85 38.23 27.28
C ARG A 222 -52.86 37.94 28.39
N GLU A 223 -53.32 36.68 28.45
CA GLU A 223 -54.50 36.31 29.23
C GLU A 223 -54.13 36.06 30.70
N LYS A 224 -55.16 35.95 31.55
CA LYS A 224 -54.91 35.88 32.97
C LYS A 224 -55.78 34.84 33.67
N GLY A 225 -57.06 34.75 33.30
CA GLY A 225 -58.01 34.00 34.10
C GLY A 225 -58.03 32.49 33.82
N TYR A 226 -57.20 32.04 32.86
CA TYR A 226 -57.38 30.78 32.15
C TYR A 226 -57.08 29.56 33.03
N LYS A 227 -57.65 28.41 32.63
CA LYS A 227 -57.31 27.11 33.18
C LYS A 227 -56.19 26.50 32.34
N VAL A 228 -55.25 25.80 32.98
CA VAL A 228 -54.13 25.16 32.31
C VAL A 228 -54.66 23.98 31.50
N GLU A 229 -55.64 23.28 32.07
CA GLU A 229 -56.32 22.15 31.45
C GLU A 229 -56.92 22.57 30.12
N ASP A 230 -57.46 23.80 30.06
CA ASP A 230 -58.17 24.28 28.89
C ASP A 230 -57.19 24.63 27.78
N VAL A 231 -56.05 25.26 28.16
CA VAL A 231 -55.03 25.67 27.22
C VAL A 231 -54.39 24.43 26.59
N ALA A 232 -54.08 23.42 27.42
CA ALA A 232 -53.41 22.20 26.99
C ALA A 232 -54.23 21.44 25.96
N ALA A 233 -55.53 21.29 26.25
CA ALA A 233 -56.43 20.48 25.46
C ALA A 233 -56.71 21.17 24.12
N SER A 234 -56.68 22.50 24.14
CA SER A 234 -56.92 23.29 22.94
C SER A 234 -55.68 23.28 22.03
N PHE A 235 -54.49 23.33 22.65
CA PHE A 235 -53.24 23.20 21.92
C PHE A 235 -53.12 21.80 21.33
N GLN A 236 -53.48 20.79 22.13
CA GLN A 236 -53.42 19.41 21.69
C GLN A 236 -54.32 19.21 20.48
N LYS A 237 -55.56 19.74 20.56
CA LYS A 237 -56.55 19.55 19.52
C LYS A 237 -56.13 20.30 18.25
N ALA A 238 -55.38 21.40 18.43
CA ALA A 238 -54.80 22.09 17.29
C ALA A 238 -53.86 21.14 16.55
N VAL A 239 -52.90 20.58 17.28
CA VAL A 239 -51.89 19.67 16.72
C VAL A 239 -52.59 18.47 16.08
N VAL A 240 -53.61 17.92 16.76
CA VAL A 240 -54.20 16.66 16.36
C VAL A 240 -55.10 16.86 15.14
N ASP A 241 -55.61 18.08 14.98
CA ASP A 241 -56.32 18.47 13.77
C ASP A 241 -55.37 18.49 12.58
N ILE A 242 -54.22 19.17 12.72
CA ILE A 242 -53.29 19.38 11.62
C ILE A 242 -52.61 18.06 11.24
N LEU A 243 -52.53 17.12 12.20
CA LEU A 243 -51.98 15.81 11.92
C LEU A 243 -52.99 14.97 11.14
N VAL A 244 -54.25 14.99 11.61
CA VAL A 244 -55.29 14.13 11.06
C VAL A 244 -55.64 14.55 9.64
N GLU A 245 -55.85 15.86 9.41
CA GLU A 245 -56.22 16.34 8.10
C GLU A 245 -55.20 15.89 7.05
N LYS A 246 -53.95 16.32 7.24
CA LYS A 246 -52.90 16.15 6.23
C LYS A 246 -52.64 14.67 5.96
N THR A 247 -52.86 13.83 6.98
CA THR A 247 -52.61 12.40 6.89
C THR A 247 -53.71 11.73 6.05
N PHE A 248 -54.96 12.16 6.26
CA PHE A 248 -56.08 11.54 5.57
C PHE A 248 -56.25 12.13 4.17
N ARG A 249 -55.89 13.41 4.02
CA ARG A 249 -55.91 14.06 2.71
C ARG A 249 -54.99 13.31 1.73
N LEU A 250 -53.78 12.96 2.19
CA LEU A 250 -52.78 12.31 1.37
C LEU A 250 -53.22 10.87 1.06
N ALA A 251 -53.73 10.17 2.09
CA ALA A 251 -54.20 8.82 1.93
C ALA A 251 -55.31 8.77 0.88
N ARG A 252 -56.08 9.86 0.78
CA ARG A 252 -57.22 9.99 -0.11
C ARG A 252 -56.74 10.22 -1.55
N ASN A 253 -55.80 11.15 -1.74
CA ASN A 253 -55.29 11.56 -3.04
C ASN A 253 -54.38 10.48 -3.64
N LEU A 254 -54.06 9.46 -2.84
CA LEU A 254 -53.20 8.37 -3.29
C LEU A 254 -53.98 7.05 -3.26
N GLY A 255 -55.25 7.14 -2.89
CA GLY A 255 -56.20 6.04 -2.98
C GLY A 255 -55.83 4.87 -2.07
N ILE A 256 -55.20 5.15 -0.95
CA ILE A 256 -54.86 4.13 0.04
C ILE A 256 -55.76 4.32 1.25
N ARG A 257 -56.25 3.22 1.81
CA ARG A 257 -57.12 3.32 2.97
C ARG A 257 -56.55 2.49 4.11
N LYS A 258 -55.28 2.10 3.97
CA LYS A 258 -54.49 1.58 5.07
C LYS A 258 -53.46 2.63 5.47
N ILE A 259 -53.49 3.03 6.75
CA ILE A 259 -52.66 4.12 7.25
C ILE A 259 -52.11 3.77 8.64
N ALA A 260 -50.80 4.00 8.83
CA ALA A 260 -50.09 3.57 10.03
C ALA A 260 -49.44 4.76 10.74
N PHE A 261 -49.47 4.72 12.08
CA PHE A 261 -48.95 5.81 12.91
C PHE A 261 -47.77 5.29 13.73
N VAL A 262 -46.58 5.75 13.38
CA VAL A 262 -45.35 5.34 14.04
C VAL A 262 -44.74 6.56 14.74
N GLY A 263 -43.96 6.30 15.79
CA GLY A 263 -43.30 7.38 16.50
C GLY A 263 -43.90 7.63 17.89
N GLY A 264 -43.27 8.55 18.62
CA GLY A 264 -43.54 8.74 20.03
C GLY A 264 -44.91 9.37 20.30
N VAL A 265 -45.27 10.38 19.50
CA VAL A 265 -46.48 11.12 19.78
C VAL A 265 -47.70 10.35 19.29
N ALA A 266 -47.45 9.28 18.51
CA ALA A 266 -48.51 8.36 18.11
C ALA A 266 -49.18 7.78 19.36
N ALA A 267 -48.51 7.95 20.50
CA ALA A 267 -49.00 7.43 21.77
C ALA A 267 -50.24 8.19 22.22
N ASN A 268 -50.40 9.41 21.68
CA ASN A 268 -51.34 10.39 22.21
C ASN A 268 -52.78 9.89 22.06
N SER A 269 -53.47 9.77 23.19
CA SER A 269 -54.79 9.18 23.24
C SER A 269 -55.80 10.03 22.48
N MET A 270 -55.58 11.35 22.48
CA MET A 270 -56.41 12.29 21.75
C MET A 270 -56.29 12.04 20.24
N LEU A 271 -55.07 11.81 19.76
CA LEU A 271 -54.82 11.54 18.36
C LEU A 271 -55.46 10.21 17.98
N ARG A 272 -55.28 9.21 18.87
CA ARG A 272 -55.75 7.84 18.65
C ARG A 272 -57.26 7.83 18.47
N GLU A 273 -57.96 8.58 19.34
CA GLU A 273 -59.40 8.70 19.33
C GLU A 273 -59.85 9.38 18.03
N GLU A 274 -59.19 10.50 17.68
CA GLU A 274 -59.60 11.34 16.57
C GLU A 274 -59.32 10.64 15.24
N VAL A 275 -58.32 9.76 15.24
CA VAL A 275 -58.00 8.96 14.06
C VAL A 275 -59.08 7.89 13.90
N ARG A 276 -59.41 7.23 15.02
CA ARG A 276 -60.39 6.15 15.06
C ARG A 276 -61.74 6.65 14.58
N LYS A 277 -62.15 7.82 15.06
CA LYS A 277 -63.42 8.43 14.67
C LYS A 277 -63.47 8.61 13.15
N ARG A 278 -62.42 9.22 12.59
CA ARG A 278 -62.32 9.51 11.17
C ARG A 278 -62.21 8.21 10.36
N ALA A 279 -61.79 7.12 10.99
CA ALA A 279 -61.51 5.86 10.32
C ALA A 279 -62.68 4.89 10.46
N GLU A 280 -63.74 5.35 11.13
CA GLU A 280 -65.00 4.60 11.15
C GLU A 280 -65.93 5.22 10.10
N ARG A 281 -65.96 6.55 10.03
CA ARG A 281 -66.77 7.27 9.05
C ARG A 281 -66.30 6.90 7.65
N TRP A 282 -65.11 7.38 7.27
CA TRP A 282 -64.42 6.92 6.09
C TRP A 282 -63.83 5.55 6.40
N ASN A 283 -64.10 4.55 5.55
CA ASN A 283 -63.77 3.18 5.90
C ASN A 283 -62.28 2.91 5.65
N TYR A 284 -61.47 3.07 6.71
CA TYR A 284 -60.02 2.98 6.64
C TYR A 284 -59.50 2.05 7.73
N GLU A 285 -58.40 1.36 7.44
CA GLU A 285 -57.66 0.59 8.43
C GLU A 285 -56.52 1.45 8.98
N VAL A 286 -56.46 1.55 10.31
CA VAL A 286 -55.43 2.35 10.95
C VAL A 286 -54.61 1.45 11.85
N PHE A 287 -53.28 1.59 11.77
CA PHE A 287 -52.35 0.75 12.52
C PHE A 287 -51.48 1.60 13.43
N PHE A 288 -51.41 1.19 14.70
CA PHE A 288 -50.60 1.88 15.69
C PHE A 288 -49.56 0.90 16.26
N PRO A 289 -48.47 1.36 16.91
CA PRO A 289 -47.50 0.45 17.51
C PRO A 289 -47.99 -0.07 18.86
N PRO A 290 -47.28 -1.03 19.50
CA PRO A 290 -47.78 -1.68 20.72
C PRO A 290 -47.54 -0.89 22.02
N THR A 295 -39.96 0.53 21.86
CA THR A 295 -39.21 -0.13 20.76
C THR A 295 -37.95 -0.80 21.30
N ASP A 296 -37.56 -1.91 20.64
CA ASP A 296 -36.28 -2.55 20.89
C ASP A 296 -35.31 -2.17 19.77
N ASN A 297 -34.04 -1.95 20.14
CA ASN A 297 -33.11 -1.21 19.29
C ASN A 297 -32.09 -2.15 18.64
N ALA A 298 -31.47 -2.99 19.47
CA ALA A 298 -30.37 -3.84 19.01
C ALA A 298 -30.88 -4.89 18.01
N LEU A 299 -32.08 -5.41 18.31
CA LEU A 299 -32.72 -6.44 17.50
C LEU A 299 -33.19 -5.81 16.19
N MET A 300 -33.78 -4.61 16.29
CA MET A 300 -34.36 -3.96 15.12
C MET A 300 -33.30 -3.81 14.03
N VAL A 301 -32.04 -3.62 14.42
CA VAL A 301 -30.97 -3.52 13.46
C VAL A 301 -30.75 -4.90 12.80
N ALA A 302 -30.64 -5.95 13.64
CA ALA A 302 -30.41 -7.30 13.17
C ALA A 302 -31.54 -7.75 12.26
N LYS A 303 -32.78 -7.42 12.64
CA LYS A 303 -33.97 -7.83 11.92
C LYS A 303 -33.97 -7.20 10.52
N ALA A 304 -33.57 -5.93 10.46
CA ALA A 304 -33.48 -5.23 9.19
C ALA A 304 -32.34 -5.82 8.36
N GLY A 305 -31.25 -6.18 9.06
CA GLY A 305 -30.08 -6.78 8.42
C GLY A 305 -30.43 -8.10 7.75
N TYR A 306 -31.04 -9.00 8.55
CA TYR A 306 -31.50 -10.30 8.09
C TYR A 306 -32.37 -10.15 6.84
N GLU A 307 -33.33 -9.21 6.89
CA GLU A 307 -34.27 -8.96 5.81
C GLU A 307 -33.54 -8.59 4.51
N LYS A 308 -32.49 -7.76 4.63
CA LYS A 308 -31.71 -7.33 3.47
C LYS A 308 -30.76 -8.44 3.02
N ALA A 309 -30.33 -9.26 3.99
CA ALA A 309 -29.36 -10.31 3.71
C ALA A 309 -29.98 -11.35 2.79
N LYS A 310 -31.27 -11.65 3.01
CA LYS A 310 -31.92 -12.72 2.27
C LYS A 310 -32.29 -12.24 0.86
N ARG A 311 -32.35 -10.92 0.66
CA ARG A 311 -32.50 -10.35 -0.67
C ARG A 311 -31.12 -10.17 -1.30
N GLY A 312 -30.07 -10.55 -0.54
CA GLY A 312 -28.70 -10.51 -1.00
C GLY A 312 -28.20 -9.09 -1.24
N MET A 313 -28.74 -8.14 -0.47
CA MET A 313 -28.43 -6.73 -0.65
C MET A 313 -27.51 -6.28 0.48
N PHE A 314 -26.19 -6.30 0.22
CA PHE A 314 -25.21 -5.97 1.23
C PHE A 314 -24.63 -4.59 0.96
N SER A 315 -24.02 -4.00 1.99
CA SER A 315 -23.43 -2.67 1.88
C SER A 315 -21.94 -2.77 1.55
N PRO A 316 -21.39 -1.81 0.76
CA PRO A 316 -19.94 -1.73 0.52
C PRO A 316 -19.18 -1.39 1.79
N LEU A 317 -17.86 -1.63 1.80
CA LEU A 317 -17.03 -1.31 2.94
C LEU A 317 -16.64 0.16 2.95
N SER A 318 -16.92 0.87 1.85
CA SER A 318 -16.53 2.26 1.69
C SER A 318 -17.64 3.18 2.17
N LEU A 319 -18.59 2.64 2.95
CA LEU A 319 -19.81 3.35 3.30
C LEU A 319 -19.54 4.30 4.47
N ASN A 320 -19.79 5.60 4.23
CA ASN A 320 -19.70 6.61 5.27
C ASN A 320 -21.05 6.75 5.95
N ALA A 321 -21.04 7.27 7.18
CA ALA A 321 -22.27 7.60 7.91
C ALA A 321 -22.77 8.96 7.41
N ASP A 322 -24.08 9.05 7.14
CA ASP A 322 -24.70 10.35 6.95
C ASP A 322 -25.80 10.53 8.01
N PRO A 323 -25.74 11.63 8.79
CA PRO A 323 -26.59 11.81 9.96
C PRO A 323 -27.98 12.33 9.63
N ASN A 324 -28.19 12.67 8.34
CA ASN A 324 -29.47 13.19 7.89
C ASN A 324 -30.06 12.24 6.85
N LEU A 325 -29.90 10.93 7.11
CA LEU A 325 -30.48 9.88 6.28
C LEU A 325 -31.99 9.86 6.49
N ASN A 326 -32.74 9.74 5.39
CA ASN A 326 -34.19 9.70 5.42
C ASN A 326 -34.71 8.78 4.33
N VAL A 327 -35.99 8.98 3.94
CA VAL A 327 -36.66 8.25 2.87
C VAL A 327 -36.68 6.75 3.20
N GLN B 22 53.16 -6.33 -1.39
CA GLN B 22 51.86 -7.05 -1.25
C GLN B 22 52.11 -8.38 -0.54
N LYS B 23 52.74 -8.30 0.64
CA LYS B 23 53.19 -9.46 1.39
C LYS B 23 52.35 -9.66 2.65
N MET B 24 51.78 -10.87 2.77
CA MET B 24 50.98 -11.28 3.91
C MET B 24 51.29 -12.75 4.27
N ARG B 25 50.53 -13.30 5.23
CA ARG B 25 50.76 -14.63 5.81
C ARG B 25 50.54 -15.72 4.76
N HIS B 26 51.60 -16.46 4.44
CA HIS B 26 51.56 -17.53 3.46
C HIS B 26 51.46 -18.88 4.16
N LEU B 27 50.55 -19.73 3.67
CA LEU B 27 50.46 -21.10 4.16
C LEU B 27 50.66 -22.09 3.02
N ARG B 28 51.93 -22.52 2.86
CA ARG B 28 52.34 -23.47 1.84
C ARG B 28 51.87 -24.88 2.18
N PHE B 29 51.44 -25.60 1.14
CA PHE B 29 51.11 -27.01 1.18
C PHE B 29 51.73 -27.66 -0.05
N GLU B 30 52.16 -28.92 0.06
CA GLU B 30 52.89 -29.54 -1.03
C GLU B 30 52.37 -30.94 -1.32
N ASN B 31 52.29 -31.26 -2.62
CA ASN B 31 51.90 -32.57 -3.12
C ASN B 31 50.56 -33.00 -2.50
N LEU B 32 49.53 -32.22 -2.82
CA LEU B 32 48.16 -32.49 -2.43
C LEU B 32 47.46 -33.25 -3.56
N THR B 33 46.81 -34.35 -3.19
CA THR B 33 45.95 -35.08 -4.09
C THR B 33 44.68 -34.25 -4.33
N GLU B 34 43.85 -34.72 -5.26
CA GLU B 34 42.65 -34.00 -5.65
C GLU B 34 41.73 -33.85 -4.45
N GLU B 35 41.56 -34.93 -3.68
CA GLU B 35 40.60 -34.96 -2.58
C GLU B 35 41.18 -34.23 -1.37
N GLN B 36 42.51 -34.21 -1.25
CA GLN B 36 43.18 -33.46 -0.21
C GLN B 36 42.98 -31.96 -0.45
N LEU B 37 42.98 -31.55 -1.72
CA LEU B 37 42.82 -30.17 -2.14
C LEU B 37 41.37 -29.73 -1.96
N LYS B 38 40.44 -30.65 -2.23
CA LYS B 38 39.02 -30.37 -2.05
C LYS B 38 38.72 -30.22 -0.57
N ARG B 39 39.32 -31.08 0.25
CA ARG B 39 39.10 -31.11 1.70
C ARG B 39 39.65 -29.83 2.33
N LEU B 40 40.70 -29.26 1.72
CA LEU B 40 41.28 -28.01 2.16
C LEU B 40 40.32 -26.86 1.84
N ALA B 41 39.76 -26.89 0.63
CA ALA B 41 38.79 -25.88 0.20
C ALA B 41 37.63 -25.83 1.18
N LYS B 42 37.09 -27.01 1.54
CA LYS B 42 35.99 -27.11 2.48
C LYS B 42 36.36 -26.49 3.83
N ILE B 43 37.58 -26.81 4.32
CA ILE B 43 38.04 -26.41 5.63
C ILE B 43 38.29 -24.90 5.69
N LEU B 44 38.59 -24.30 4.52
CA LEU B 44 38.75 -22.86 4.44
C LEU B 44 37.39 -22.17 4.44
N THR B 45 36.45 -22.69 3.64
CA THR B 45 35.19 -22.02 3.36
C THR B 45 34.23 -22.16 4.55
N GLU B 46 34.21 -23.34 5.19
CA GLU B 46 33.32 -23.57 6.31
C GLU B 46 33.71 -22.69 7.50
N ASN B 47 34.90 -22.08 7.41
CA ASN B 47 35.45 -21.25 8.46
C ASN B 47 35.34 -19.77 8.09
N LEU B 48 34.71 -19.47 6.94
CA LEU B 48 34.51 -18.09 6.53
C LEU B 48 33.25 -17.54 7.17
N LYS B 49 33.26 -16.23 7.45
CA LYS B 49 32.19 -15.57 8.17
C LYS B 49 31.09 -15.14 7.20
N GLY B 50 31.51 -14.69 6.01
CA GLY B 50 30.63 -14.14 4.99
C GLY B 50 31.10 -12.76 4.52
N GLY B 51 30.87 -12.47 3.24
CA GLY B 51 31.22 -11.19 2.65
C GLY B 51 32.73 -11.05 2.41
N GLU B 52 33.37 -12.17 2.09
CA GLU B 52 34.80 -12.21 1.82
C GLU B 52 35.03 -12.61 0.36
N VAL B 53 36.14 -12.11 -0.20
CA VAL B 53 36.53 -12.39 -1.58
C VAL B 53 37.70 -13.36 -1.54
N VAL B 54 37.66 -14.40 -2.38
CA VAL B 54 38.73 -15.38 -2.48
C VAL B 54 39.23 -15.41 -3.92
N ILE B 55 40.42 -14.84 -4.14
CA ILE B 55 41.04 -14.81 -5.46
C ILE B 55 41.83 -16.10 -5.69
N LEU B 56 41.45 -16.84 -6.74
CA LEU B 56 42.16 -18.04 -7.16
C LEU B 56 43.09 -17.68 -8.32
N SER B 57 44.40 -17.74 -8.07
CA SER B 57 45.41 -17.68 -9.11
C SER B 57 45.81 -19.11 -9.47
N GLY B 58 46.35 -19.30 -10.68
CA GLY B 58 46.78 -20.61 -11.13
C GLY B 58 46.54 -20.79 -12.63
N ASN B 59 47.52 -21.39 -13.31
CA ASN B 59 47.50 -21.60 -14.75
C ASN B 59 46.41 -22.63 -15.10
N LEU B 60 46.18 -22.82 -16.41
CA LEU B 60 45.15 -23.69 -16.93
C LEU B 60 45.32 -25.09 -16.35
N GLY B 61 44.21 -25.63 -15.83
CA GLY B 61 44.17 -26.96 -15.25
C GLY B 61 45.03 -27.07 -13.99
N ALA B 62 45.23 -25.94 -13.32
CA ALA B 62 45.97 -25.94 -12.06
C ALA B 62 45.13 -26.60 -10.98
N GLY B 63 43.80 -26.44 -11.07
CA GLY B 63 42.85 -27.06 -10.14
C GLY B 63 42.04 -26.02 -9.36
N LYS B 64 41.54 -25.02 -10.08
CA LYS B 64 40.84 -23.89 -9.48
C LYS B 64 39.35 -24.22 -9.34
N THR B 65 38.74 -24.67 -10.45
CA THR B 65 37.34 -25.08 -10.49
C THR B 65 37.14 -26.29 -9.59
N THR B 66 38.18 -27.13 -9.52
CA THR B 66 38.20 -28.32 -8.70
C THR B 66 38.20 -27.93 -7.22
N PHE B 67 38.88 -26.83 -6.90
CA PHE B 67 38.97 -26.29 -5.56
C PHE B 67 37.62 -25.70 -5.15
N VAL B 68 36.90 -25.14 -6.13
CA VAL B 68 35.58 -24.60 -5.87
C VAL B 68 34.59 -25.76 -5.70
N LYS B 69 34.92 -26.93 -6.28
CA LYS B 69 34.17 -28.15 -6.05
C LYS B 69 34.18 -28.48 -4.55
N GLY B 70 35.36 -28.39 -3.93
CA GLY B 70 35.52 -28.65 -2.50
C GLY B 70 35.01 -27.50 -1.63
N MET B 71 34.83 -26.32 -2.25
CA MET B 71 34.31 -25.16 -1.55
C MET B 71 32.80 -25.30 -1.33
N ILE B 72 32.13 -26.01 -2.24
CA ILE B 72 30.67 -26.07 -2.23
C ILE B 72 30.18 -27.04 -1.18
N ARG B 73 31.07 -27.95 -0.75
CA ARG B 73 30.76 -28.90 0.30
C ARG B 73 30.30 -28.16 1.56
N ALA B 74 30.89 -26.97 1.78
CA ALA B 74 30.70 -26.19 2.99
C ALA B 74 29.38 -25.44 2.96
N ILE B 75 28.73 -25.39 1.79
CA ILE B 75 27.41 -24.79 1.72
C ILE B 75 26.35 -25.87 1.45
N GLY B 76 26.72 -27.12 1.76
CA GLY B 76 25.81 -28.26 1.78
C GLY B 76 25.03 -28.44 0.48
N LEU B 77 25.73 -28.30 -0.66
CA LEU B 77 25.20 -28.55 -1.98
C LEU B 77 26.01 -29.67 -2.65
N ASP B 78 25.57 -30.10 -3.83
CA ASP B 78 26.27 -31.14 -4.58
C ASP B 78 27.44 -30.54 -5.36
N GLU B 79 28.53 -31.31 -5.46
CA GLU B 79 29.71 -30.91 -6.22
C GLU B 79 29.37 -30.86 -7.70
N LYS B 80 28.32 -31.59 -8.08
CA LYS B 80 27.93 -31.76 -9.48
C LYS B 80 27.52 -30.42 -10.09
N MET B 81 27.03 -29.49 -9.26
CA MET B 81 26.54 -28.25 -9.84
C MET B 81 27.67 -27.23 -10.00
N VAL B 82 28.86 -27.53 -9.44
CA VAL B 82 30.04 -26.72 -9.71
C VAL B 82 30.57 -27.06 -11.10
N LYS B 83 30.57 -26.06 -11.99
CA LYS B 83 31.06 -26.18 -13.35
C LYS B 83 31.81 -24.89 -13.69
N SER B 84 32.81 -25.01 -14.57
CA SER B 84 33.60 -23.83 -14.96
C SER B 84 32.69 -22.73 -15.49
N PRO B 85 32.82 -21.48 -14.97
CA PRO B 85 32.02 -20.37 -15.45
C PRO B 85 32.73 -19.55 -16.54
N THR B 86 33.69 -20.18 -17.24
CA THR B 86 34.50 -19.48 -18.24
C THR B 86 33.60 -18.72 -19.21
N PHE B 87 32.46 -19.33 -19.56
CA PHE B 87 31.52 -18.76 -20.50
C PHE B 87 30.35 -18.10 -19.77
N THR B 88 29.91 -18.72 -18.67
CA THR B 88 28.76 -18.24 -17.90
C THR B 88 29.11 -16.97 -17.12
N LEU B 89 30.40 -16.60 -17.12
CA LEU B 89 30.94 -15.45 -16.40
C LEU B 89 30.86 -15.66 -14.89
N MET B 90 29.64 -15.78 -14.37
CA MET B 90 29.46 -15.99 -12.94
C MET B 90 28.36 -17.03 -12.71
N ASN B 91 28.67 -17.99 -11.82
CA ASN B 91 27.68 -18.91 -11.31
C ASN B 91 27.37 -18.49 -9.89
N VAL B 92 26.10 -18.71 -9.49
CA VAL B 92 25.69 -18.44 -8.12
C VAL B 92 25.10 -19.72 -7.55
N TYR B 93 25.71 -20.16 -6.44
CA TYR B 93 25.28 -21.36 -5.73
C TYR B 93 24.59 -20.96 -4.44
N PRO B 94 23.23 -20.93 -4.43
CA PRO B 94 22.47 -20.56 -3.24
C PRO B 94 22.34 -21.71 -2.26
N GLY B 95 23.19 -21.68 -1.21
CA GLY B 95 23.22 -22.72 -0.20
C GLY B 95 23.17 -22.11 1.20
N LEU B 96 23.70 -22.85 2.17
CA LEU B 96 23.79 -22.39 3.55
C LEU B 96 24.44 -21.00 3.58
N LYS B 97 25.17 -20.69 2.51
CA LYS B 97 25.53 -19.33 2.15
C LYS B 97 25.45 -19.20 0.63
N THR B 98 25.74 -18.00 0.12
CA THR B 98 25.74 -17.78 -1.32
C THR B 98 27.18 -17.69 -1.81
N ILE B 99 27.51 -18.56 -2.78
CA ILE B 99 28.84 -18.53 -3.39
C ILE B 99 28.73 -17.92 -4.78
N TYR B 100 29.52 -16.87 -5.01
CA TYR B 100 29.64 -16.22 -6.30
C TYR B 100 30.92 -16.68 -6.97
N HIS B 101 30.78 -17.70 -7.82
CA HIS B 101 31.89 -18.24 -8.58
C HIS B 101 32.04 -17.46 -9.88
N LEU B 102 33.15 -16.75 -10.01
CA LEU B 102 33.44 -15.96 -11.20
C LEU B 102 34.59 -16.60 -11.95
N ASP B 103 34.73 -16.26 -13.23
CA ASP B 103 35.83 -16.72 -14.06
C ASP B 103 36.17 -15.64 -15.08
N LEU B 104 37.24 -14.90 -14.80
CA LEU B 104 37.53 -13.68 -15.54
C LEU B 104 38.43 -13.97 -16.73
N TYR B 105 38.45 -15.24 -17.17
CA TYR B 105 39.32 -15.70 -18.24
C TYR B 105 38.90 -15.09 -19.59
N ARG B 106 37.59 -14.91 -19.79
CA ARG B 106 37.06 -14.46 -21.07
C ARG B 106 36.81 -12.96 -21.05
N LEU B 107 36.82 -12.35 -19.85
CA LEU B 107 36.41 -10.95 -19.67
C LEU B 107 37.18 -10.04 -20.60
N GLN B 108 36.45 -9.11 -21.24
CA GLN B 108 37.04 -8.15 -22.17
C GLN B 108 36.62 -6.72 -21.82
N ASP B 109 35.44 -6.55 -21.22
CA ASP B 109 34.93 -5.23 -20.85
C ASP B 109 34.99 -5.03 -19.34
N THR B 110 35.71 -3.97 -18.94
CA THR B 110 36.03 -3.69 -17.55
C THR B 110 34.75 -3.35 -16.77
N ASP B 111 33.73 -2.85 -17.48
CA ASP B 111 32.52 -2.30 -16.89
C ASP B 111 31.81 -3.34 -16.04
N PHE B 112 31.97 -4.63 -16.40
CA PHE B 112 31.36 -5.72 -15.67
C PHE B 112 31.87 -5.72 -14.22
N LEU B 113 33.18 -5.50 -14.06
CA LEU B 113 33.79 -5.37 -12.75
C LEU B 113 33.27 -4.10 -12.08
N SER B 114 33.28 -3.02 -12.85
CA SER B 114 32.93 -1.70 -12.36
C SER B 114 31.51 -1.68 -11.80
N LEU B 115 30.58 -2.31 -12.53
CA LEU B 115 29.15 -2.25 -12.19
C LEU B 115 28.74 -3.52 -11.46
N ASP B 116 28.74 -4.64 -12.19
CA ASP B 116 28.09 -5.86 -11.72
C ASP B 116 28.82 -6.46 -10.53
N VAL B 117 30.15 -6.45 -10.56
CA VAL B 117 30.95 -7.08 -9.52
C VAL B 117 31.05 -6.15 -8.30
N GLU B 118 31.11 -4.83 -8.55
CA GLU B 118 31.16 -3.88 -7.46
C GLU B 118 29.88 -3.97 -6.63
N ASP B 119 28.73 -4.02 -7.31
CA ASP B 119 27.43 -4.10 -6.66
C ASP B 119 27.40 -5.29 -5.69
N ILE B 120 27.99 -6.41 -6.12
CA ILE B 120 27.93 -7.63 -5.33
C ILE B 120 28.79 -7.48 -4.09
N LEU B 121 29.85 -6.68 -4.19
CA LEU B 121 30.83 -6.53 -3.12
C LEU B 121 30.25 -5.79 -1.92
N GLU B 122 29.05 -5.20 -2.09
CA GLU B 122 28.36 -4.51 -1.01
C GLU B 122 27.70 -5.52 -0.09
N ASP B 123 27.45 -6.73 -0.61
CA ASP B 123 26.91 -7.83 0.17
C ASP B 123 27.90 -8.21 1.26
N GLU B 124 27.39 -8.36 2.49
CA GLU B 124 28.21 -8.49 3.68
C GLU B 124 28.35 -9.95 4.09
N ASP B 125 27.46 -10.82 3.59
CA ASP B 125 27.44 -12.20 4.06
C ASP B 125 27.21 -13.16 2.88
N GLY B 126 27.94 -12.94 1.79
CA GLY B 126 28.00 -13.85 0.66
C GLY B 126 29.42 -13.99 0.14
N ILE B 127 29.85 -15.25 -0.06
CA ILE B 127 31.24 -15.57 -0.41
C ILE B 127 31.43 -15.42 -1.92
N MET B 128 32.56 -14.84 -2.32
CA MET B 128 32.91 -14.70 -3.73
C MET B 128 34.28 -15.30 -3.99
N VAL B 129 34.35 -16.16 -5.01
CA VAL B 129 35.57 -16.85 -5.39
C VAL B 129 35.80 -16.67 -6.89
N VAL B 130 36.95 -16.08 -7.24
CA VAL B 130 37.17 -15.56 -8.58
C VAL B 130 38.34 -16.30 -9.24
N GLU B 131 37.98 -17.31 -10.03
CA GLU B 131 38.91 -17.96 -10.95
C GLU B 131 39.51 -16.89 -11.88
N TRP B 132 40.84 -16.77 -11.87
CA TRP B 132 41.60 -15.87 -12.73
C TRP B 132 41.45 -14.42 -12.27
N GLY B 133 41.27 -14.23 -10.95
CA GLY B 133 41.14 -12.89 -10.38
C GLY B 133 42.39 -12.05 -10.57
N ASP B 134 43.55 -12.71 -10.60
CA ASP B 134 44.87 -12.08 -10.59
C ASP B 134 45.07 -11.20 -11.83
N LEU B 135 44.18 -11.33 -12.82
CA LEU B 135 44.26 -10.63 -14.08
C LEU B 135 44.00 -9.13 -13.88
N PHE B 136 43.07 -8.82 -12.98
CA PHE B 136 42.73 -7.43 -12.67
C PHE B 136 43.05 -7.17 -11.20
N ASP B 137 44.35 -6.98 -10.93
CA ASP B 137 44.88 -7.06 -9.59
C ASP B 137 44.42 -5.88 -8.73
N GLY B 138 44.28 -4.70 -9.35
CA GLY B 138 43.99 -3.48 -8.63
C GLY B 138 42.60 -3.46 -8.01
N PHE B 139 41.64 -4.07 -8.70
CA PHE B 139 40.21 -3.94 -8.46
C PHE B 139 39.80 -4.49 -7.09
N TRP B 140 40.50 -5.52 -6.62
CA TRP B 140 40.02 -6.29 -5.48
C TRP B 140 40.29 -5.57 -4.17
N PRO B 141 39.42 -5.77 -3.15
CA PRO B 141 39.67 -5.28 -1.80
C PRO B 141 41.02 -5.76 -1.26
N GLU B 142 41.63 -4.95 -0.39
CA GLU B 142 42.96 -5.19 0.14
C GLU B 142 42.95 -6.39 1.08
N ASP B 143 41.79 -6.69 1.68
CA ASP B 143 41.66 -7.73 2.68
C ASP B 143 41.26 -9.06 2.03
N SER B 144 41.48 -9.19 0.72
CA SER B 144 41.09 -10.37 -0.04
C SER B 144 41.93 -11.58 0.35
N ILE B 145 41.30 -12.77 0.32
CA ILE B 145 42.00 -14.04 0.50
C ILE B 145 42.52 -14.51 -0.85
N LYS B 146 43.84 -14.51 -1.01
CA LYS B 146 44.47 -15.00 -2.23
C LYS B 146 44.80 -16.48 -2.07
N VAL B 147 44.47 -17.28 -3.10
CA VAL B 147 44.82 -18.70 -3.14
C VAL B 147 45.52 -18.98 -4.46
N LYS B 148 46.82 -19.29 -4.37
CA LYS B 148 47.65 -19.61 -5.51
C LYS B 148 47.81 -21.13 -5.58
N ILE B 149 47.62 -21.70 -6.77
CA ILE B 149 47.76 -23.14 -7.00
C ILE B 149 48.75 -23.39 -8.14
N GLU B 150 49.58 -24.44 -7.95
CA GLU B 150 50.68 -24.80 -8.83
C GLU B 150 50.69 -26.32 -8.98
N ILE B 151 50.99 -26.82 -10.18
CA ILE B 151 50.89 -28.25 -10.45
C ILE B 151 52.21 -28.93 -10.10
N ALA B 152 52.20 -29.65 -8.98
CA ALA B 152 53.36 -30.42 -8.53
C ALA B 152 53.71 -31.47 -9.57
N ASP B 153 52.75 -32.35 -9.87
CA ASP B 153 52.91 -33.39 -10.89
C ASP B 153 51.57 -33.62 -11.60
N GLU B 154 51.43 -34.81 -12.19
CA GLU B 154 50.29 -35.19 -13.02
C GLU B 154 49.05 -35.39 -12.17
N SER B 155 49.24 -35.78 -10.90
CA SER B 155 48.12 -36.09 -10.02
C SER B 155 48.19 -35.30 -8.71
N HIS B 156 49.25 -34.50 -8.55
CA HIS B 156 49.47 -33.75 -7.32
C HIS B 156 49.64 -32.26 -7.62
N ARG B 157 49.13 -31.42 -6.72
CA ARG B 157 49.24 -29.97 -6.87
C ARG B 157 49.71 -29.33 -5.56
N ASN B 158 50.25 -28.11 -5.67
CA ASN B 158 50.69 -27.30 -4.54
C ASN B 158 49.77 -26.10 -4.37
N VAL B 159 49.35 -25.83 -3.12
CA VAL B 159 48.52 -24.67 -2.85
C VAL B 159 49.18 -23.81 -1.78
N GLU B 160 49.08 -22.49 -1.96
CA GLU B 160 49.51 -21.49 -0.99
C GLU B 160 48.33 -20.55 -0.75
N ILE B 161 48.08 -20.24 0.53
CA ILE B 161 46.97 -19.36 0.91
C ILE B 161 47.51 -18.11 1.60
N LEU B 162 47.19 -16.95 1.01
CA LEU B 162 47.53 -15.64 1.53
C LEU B 162 46.34 -15.11 2.32
N ILE B 163 46.56 -14.90 3.62
CA ILE B 163 45.49 -14.41 4.52
C ILE B 163 46.04 -13.22 5.31
N PRO B 164 45.46 -12.03 5.23
CA PRO B 164 45.94 -10.88 5.98
C PRO B 164 45.13 -10.50 7.24
N GLU B 165 45.67 -10.85 8.40
CA GLU B 165 45.23 -10.49 9.78
C GLU B 165 44.02 -11.30 10.28
N GLU B 166 43.36 -12.11 9.44
CA GLU B 166 42.21 -12.88 9.96
C GLU B 166 42.77 -14.16 10.58
N VAL B 167 43.50 -13.95 11.67
CA VAL B 167 44.26 -14.96 12.40
C VAL B 167 43.35 -16.09 12.85
N ASN B 168 42.04 -15.84 12.87
CA ASN B 168 41.07 -16.85 13.28
C ASN B 168 41.19 -18.07 12.38
N PHE B 169 41.18 -17.83 11.06
CA PHE B 169 41.07 -18.91 10.09
C PHE B 169 42.37 -19.71 10.01
N LEU B 170 43.51 -19.04 10.26
CA LEU B 170 44.83 -19.64 10.20
C LEU B 170 44.91 -20.83 11.15
N VAL B 171 44.27 -20.72 12.32
CA VAL B 171 44.31 -21.77 13.33
C VAL B 171 43.67 -23.04 12.77
N GLU B 172 42.48 -22.90 12.16
CA GLU B 172 41.72 -24.04 11.67
C GLU B 172 42.42 -24.68 10.47
N LYS B 173 43.15 -23.88 9.70
CA LYS B 173 43.78 -24.34 8.47
C LYS B 173 45.07 -25.10 8.78
N ILE B 174 45.77 -24.70 9.86
CA ILE B 174 47.01 -25.34 10.26
C ILE B 174 46.70 -26.71 10.87
N GLU B 175 45.48 -26.87 11.41
CA GLU B 175 45.02 -28.12 11.98
C GLU B 175 45.03 -29.21 10.91
N ARG B 176 44.63 -28.84 9.68
CA ARG B 176 44.62 -29.70 8.51
C ARG B 176 45.99 -30.32 8.31
N TYR B 177 47.05 -29.50 8.46
CA TYR B 177 48.44 -29.92 8.32
C TYR B 177 48.69 -31.27 9.00
N ARG B 178 48.08 -31.46 10.17
CA ARG B 178 48.26 -32.66 10.98
C ARG B 178 47.64 -33.86 10.27
N LYS B 179 46.53 -33.63 9.56
CA LYS B 179 45.88 -34.69 8.81
C LYS B 179 46.71 -35.07 7.58
N GLU B 180 47.57 -34.14 7.14
CA GLU B 180 48.41 -34.31 5.96
C GLU B 180 49.82 -34.73 6.37
N LEU B 181 50.02 -34.96 7.67
CA LEU B 181 51.34 -35.14 8.26
C LEU B 181 52.10 -36.22 7.49
N GLN B 182 51.45 -37.38 7.33
CA GLN B 182 52.06 -38.49 6.63
C GLN B 182 51.44 -38.60 5.23
N ASN B 183 50.58 -37.62 4.91
CA ASN B 183 49.93 -37.49 3.61
C ASN B 183 48.92 -38.63 3.43
N MET C 1 -1.64 -13.68 -33.87
CA MET C 1 -0.95 -13.59 -32.55
C MET C 1 0.40 -12.88 -32.74
N ARG C 2 0.36 -11.53 -32.64
CA ARG C 2 1.55 -10.69 -32.65
C ARG C 2 2.23 -10.83 -31.29
N VAL C 3 3.41 -11.46 -31.29
CA VAL C 3 4.11 -11.70 -30.05
C VAL C 3 5.42 -10.91 -30.07
N LEU C 4 5.58 -10.03 -29.08
CA LEU C 4 6.80 -9.25 -28.89
C LEU C 4 7.75 -10.05 -28.01
N GLY C 5 9.00 -10.17 -28.47
CA GLY C 5 10.03 -10.91 -27.77
C GLY C 5 11.24 -10.04 -27.45
N ILE C 6 11.72 -10.16 -26.20
CA ILE C 6 12.88 -9.43 -25.73
C ILE C 6 13.95 -10.43 -25.28
N GLU C 7 15.20 -10.14 -25.65
CA GLU C 7 16.34 -10.98 -25.35
C GLU C 7 17.46 -10.13 -24.75
N THR C 8 17.81 -10.42 -23.49
CA THR C 8 18.94 -9.79 -22.82
C THR C 8 19.66 -10.80 -21.94
N SER C 9 19.85 -12.03 -22.45
CA SER C 9 20.41 -13.14 -21.67
C SER C 9 21.92 -13.03 -21.55
N CYS C 10 22.55 -12.54 -22.63
CA CYS C 10 23.99 -12.29 -22.72
C CYS C 10 24.24 -11.45 -23.97
N ASP C 11 25.31 -10.65 -23.92
CA ASP C 11 25.90 -9.98 -25.08
C ASP C 11 24.85 -9.15 -25.82
N GLU C 12 24.64 -9.43 -27.11
CA GLU C 12 23.79 -8.60 -27.96
C GLU C 12 22.37 -8.55 -27.42
N THR C 13 21.77 -7.36 -27.50
CA THR C 13 20.39 -7.09 -27.10
C THR C 13 19.51 -7.24 -28.33
N ALA C 14 18.23 -7.62 -28.13
CA ALA C 14 17.39 -7.98 -29.25
C ALA C 14 15.91 -7.81 -28.93
N VAL C 15 15.17 -7.33 -29.94
CA VAL C 15 13.71 -7.26 -29.90
C VAL C 15 13.18 -7.71 -31.24
N ALA C 16 12.09 -8.49 -31.21
CA ALA C 16 11.43 -8.98 -32.41
C ALA C 16 9.92 -9.03 -32.20
N VAL C 17 9.19 -8.75 -33.29
CA VAL C 17 7.76 -9.00 -33.33
C VAL C 17 7.50 -10.10 -34.37
N LEU C 18 6.64 -11.04 -34.00
CA LEU C 18 6.37 -12.23 -34.80
C LEU C 18 4.87 -12.44 -34.88
N ASP C 19 4.40 -13.05 -35.97
CA ASP C 19 3.00 -13.41 -36.11
C ASP C 19 2.82 -14.90 -35.84
N ASP C 20 1.65 -15.43 -36.18
CA ASP C 20 1.21 -16.76 -35.79
C ASP C 20 2.40 -17.72 -35.82
N GLY C 21 3.01 -17.90 -37.00
CA GLY C 21 4.18 -18.75 -37.12
C GLY C 21 5.42 -17.93 -37.45
N LYS C 22 6.21 -18.43 -38.42
CA LYS C 22 7.30 -17.68 -39.02
C LYS C 22 6.71 -16.62 -39.95
N ASN C 23 6.32 -15.50 -39.35
CA ASN C 23 5.84 -14.35 -40.09
C ASN C 23 6.46 -13.10 -39.48
N VAL C 24 7.78 -12.93 -39.69
CA VAL C 24 8.58 -11.88 -39.12
C VAL C 24 8.09 -10.52 -39.63
N VAL C 25 7.57 -9.70 -38.72
CA VAL C 25 7.13 -8.36 -39.08
C VAL C 25 8.25 -7.36 -38.76
N VAL C 26 9.00 -7.63 -37.69
CA VAL C 26 10.11 -6.77 -37.27
C VAL C 26 11.09 -7.57 -36.39
N ASN C 27 12.38 -7.39 -36.66
CA ASN C 27 13.46 -8.04 -35.93
C ASN C 27 14.64 -7.08 -35.86
N PHE C 28 14.89 -6.53 -34.66
CA PHE C 28 15.97 -5.59 -34.44
C PHE C 28 17.00 -6.17 -33.48
N THR C 29 18.28 -5.90 -33.78
CA THR C 29 19.39 -6.36 -32.97
C THR C 29 20.34 -5.21 -32.71
N VAL C 30 21.14 -5.34 -31.65
CA VAL C 30 22.11 -4.33 -31.26
C VAL C 30 23.39 -4.51 -32.07
N SER C 31 23.71 -5.78 -32.37
CA SER C 31 24.92 -6.18 -33.06
C SER C 31 25.20 -5.28 -34.27
N GLN C 32 24.15 -4.92 -35.02
CA GLN C 32 24.25 -3.98 -36.11
C GLN C 32 24.66 -2.60 -35.57
N ARG C 49 25.45 -4.90 -25.92
CA ARG C 49 26.51 -4.86 -24.88
C ARG C 49 25.95 -4.28 -23.57
N HIS C 50 25.39 -3.06 -23.63
CA HIS C 50 24.82 -2.36 -22.48
C HIS C 50 23.29 -2.34 -22.58
N HIS C 51 22.66 -3.32 -21.93
CA HIS C 51 21.27 -3.67 -22.14
C HIS C 51 20.34 -2.49 -21.84
N LEU C 52 20.50 -1.91 -20.64
CA LEU C 52 19.56 -0.91 -20.15
C LEU C 52 19.60 0.33 -21.05
N LYS C 53 20.78 0.63 -21.57
CA LYS C 53 20.99 1.76 -22.46
C LYS C 53 20.37 1.46 -23.83
N ASN C 54 20.47 0.20 -24.26
CA ASN C 54 20.13 -0.20 -25.61
C ASN C 54 18.62 -0.43 -25.77
N LEU C 55 18.05 -1.19 -24.83
CA LEU C 55 16.70 -1.73 -24.95
C LEU C 55 15.69 -0.65 -25.33
N PRO C 56 15.62 0.49 -24.60
CA PRO C 56 14.67 1.56 -24.92
C PRO C 56 14.75 1.99 -26.39
N ILE C 57 15.99 2.11 -26.91
CA ILE C 57 16.24 2.53 -28.27
C ILE C 57 15.51 1.58 -29.21
N LEU C 58 15.69 0.27 -28.95
CA LEU C 58 15.15 -0.78 -29.80
C LEU C 58 13.63 -0.75 -29.75
N LEU C 59 13.08 -0.56 -28.54
CA LEU C 59 11.64 -0.53 -28.33
C LEU C 59 11.04 0.67 -29.05
N LYS C 60 11.80 1.77 -29.07
CA LYS C 60 11.41 2.97 -29.80
C LYS C 60 11.25 2.61 -31.28
N LYS C 61 12.32 2.04 -31.87
CA LYS C 61 12.37 1.80 -33.30
C LYS C 61 11.31 0.77 -33.71
N ALA C 62 11.02 -0.15 -32.79
CA ALA C 62 10.01 -1.19 -32.99
C ALA C 62 8.60 -0.60 -33.01
N PHE C 63 8.35 0.38 -32.12
CA PHE C 63 7.03 0.97 -32.01
C PHE C 63 6.83 2.06 -33.07
N GLU C 64 7.94 2.45 -33.72
CA GLU C 64 7.90 3.40 -34.82
C GLU C 64 7.26 2.74 -36.05
N LYS C 65 7.47 1.43 -36.19
CA LYS C 65 6.97 0.70 -37.34
C LYS C 65 5.68 -0.04 -36.98
N VAL C 66 5.70 -0.82 -35.88
CA VAL C 66 4.55 -1.57 -35.42
C VAL C 66 3.75 -0.71 -34.44
N PRO C 67 2.41 -0.58 -34.62
CA PRO C 67 1.57 0.05 -33.61
C PRO C 67 1.57 -0.81 -32.34
N PRO C 68 1.68 -0.21 -31.13
CA PRO C 68 1.85 -0.98 -29.90
C PRO C 68 0.59 -1.73 -29.50
N GLU C 69 -0.57 -1.19 -29.94
CA GLU C 69 -1.87 -1.67 -29.53
C GLU C 69 -2.16 -3.03 -30.18
N THR C 70 -1.25 -3.47 -31.06
CA THR C 70 -1.47 -4.66 -31.89
C THR C 70 -0.91 -5.91 -31.21
N VAL C 71 0.11 -5.73 -30.36
CA VAL C 71 0.81 -6.82 -29.71
C VAL C 71 -0.15 -7.57 -28.79
N ASP C 72 -0.13 -8.91 -28.87
CA ASP C 72 -1.09 -9.74 -28.17
C ASP C 72 -0.44 -10.38 -26.95
N VAL C 73 0.86 -10.66 -27.05
CA VAL C 73 1.62 -11.30 -25.99
C VAL C 73 3.01 -10.68 -25.93
N VAL C 74 3.57 -10.60 -24.72
CA VAL C 74 4.92 -10.11 -24.52
C VAL C 74 5.73 -11.23 -23.86
N ALA C 75 6.90 -11.52 -24.44
CA ALA C 75 7.72 -12.64 -24.00
C ALA C 75 9.20 -12.24 -23.97
N ALA C 76 9.91 -12.75 -22.96
CA ALA C 76 11.31 -12.43 -22.77
C ALA C 76 11.99 -13.57 -22.02
N THR C 77 13.31 -13.69 -22.18
CA THR C 77 14.07 -14.77 -21.59
C THR C 77 14.21 -14.52 -20.11
N TYR C 78 13.91 -15.54 -19.30
CA TYR C 78 14.04 -15.43 -17.84
C TYR C 78 15.24 -16.25 -17.35
N GLY C 79 16.08 -16.70 -18.30
CA GLY C 79 17.24 -17.51 -17.99
C GLY C 79 17.46 -18.60 -19.05
N PRO C 80 18.62 -19.28 -19.03
CA PRO C 80 19.71 -18.97 -18.10
C PRO C 80 20.52 -17.79 -18.64
N GLY C 81 21.48 -17.30 -17.85
CA GLY C 81 22.32 -16.18 -18.24
C GLY C 81 22.88 -15.42 -17.04
N LEU C 82 23.03 -14.10 -17.17
CA LEU C 82 23.57 -13.24 -16.12
C LEU C 82 22.43 -12.54 -15.40
N ILE C 83 22.36 -12.71 -14.07
CA ILE C 83 21.24 -12.19 -13.28
C ILE C 83 20.94 -10.75 -13.72
N GLY C 84 21.99 -9.94 -13.80
CA GLY C 84 21.89 -8.52 -14.11
C GLY C 84 21.37 -8.25 -15.52
N ALA C 85 21.92 -8.98 -16.50
CA ALA C 85 21.57 -8.78 -17.89
C ALA C 85 20.13 -9.22 -18.14
N LEU C 86 19.73 -10.33 -17.51
CA LEU C 86 18.42 -10.93 -17.73
C LEU C 86 17.33 -9.98 -17.23
N LEU C 87 17.61 -9.34 -16.09
CA LEU C 87 16.62 -8.57 -15.34
C LEU C 87 16.04 -7.43 -16.18
N VAL C 88 16.88 -6.89 -17.08
CA VAL C 88 16.56 -5.75 -17.93
C VAL C 88 15.43 -6.08 -18.90
N GLY C 89 15.55 -7.23 -19.57
CA GLY C 89 14.54 -7.66 -20.53
C GLY C 89 13.30 -8.19 -19.81
N LEU C 90 13.52 -8.97 -18.74
CA LEU C 90 12.46 -9.57 -17.95
C LEU C 90 11.58 -8.45 -17.39
N SER C 91 12.22 -7.46 -16.77
CA SER C 91 11.48 -6.42 -16.11
C SER C 91 10.70 -5.59 -17.12
N ALA C 92 11.38 -5.19 -18.21
CA ALA C 92 10.79 -4.38 -19.26
C ALA C 92 9.56 -5.09 -19.84
N ALA C 93 9.66 -6.41 -19.98
CA ALA C 93 8.60 -7.21 -20.58
C ALA C 93 7.34 -7.14 -19.73
N LYS C 94 7.51 -7.28 -18.41
CA LYS C 94 6.41 -7.24 -17.47
C LYS C 94 5.74 -5.87 -17.50
N GLY C 95 6.56 -4.82 -17.64
CA GLY C 95 6.04 -3.47 -17.73
C GLY C 95 5.20 -3.28 -18.99
N LEU C 96 5.66 -3.89 -20.09
CA LEU C 96 4.96 -3.86 -21.37
C LEU C 96 3.63 -4.60 -21.24
N ALA C 97 3.66 -5.75 -20.55
CA ALA C 97 2.47 -6.53 -20.26
C ALA C 97 1.45 -5.65 -19.52
N ILE C 98 1.94 -4.93 -18.49
CA ILE C 98 1.10 -4.17 -17.57
C ILE C 98 0.45 -2.99 -18.29
N SER C 99 1.25 -2.28 -19.10
CA SER C 99 0.77 -1.10 -19.80
C SER C 99 -0.15 -1.51 -20.96
N LEU C 100 0.19 -2.60 -21.65
CA LEU C 100 -0.57 -3.02 -22.82
C LEU C 100 -1.80 -3.83 -22.40
N GLU C 101 -1.82 -4.31 -21.15
CA GLU C 101 -2.88 -5.17 -20.65
C GLU C 101 -2.98 -6.40 -21.55
N LYS C 102 -1.84 -7.08 -21.72
CA LYS C 102 -1.73 -8.34 -22.45
C LYS C 102 -0.93 -9.34 -21.60
N PRO C 103 -1.01 -10.66 -21.86
CA PRO C 103 -0.28 -11.64 -21.07
C PRO C 103 1.22 -11.64 -21.34
N PHE C 104 1.98 -12.16 -20.37
CA PHE C 104 3.44 -12.22 -20.46
C PHE C 104 3.90 -13.68 -20.38
N VAL C 105 4.96 -13.98 -21.15
CA VAL C 105 5.53 -15.32 -21.17
C VAL C 105 7.03 -15.20 -20.91
N GLY C 106 7.50 -15.90 -19.86
CA GLY C 106 8.91 -15.96 -19.56
C GLY C 106 9.50 -17.23 -20.15
N VAL C 107 10.41 -17.07 -21.13
CA VAL C 107 10.89 -18.21 -21.92
C VAL C 107 12.19 -18.74 -21.35
N ASN C 108 12.34 -20.07 -21.46
CA ASN C 108 13.57 -20.79 -21.18
C ASN C 108 14.43 -20.74 -22.45
N HIS C 109 15.69 -20.33 -22.32
CA HIS C 109 16.54 -20.08 -23.47
C HIS C 109 16.99 -21.38 -24.13
N VAL C 110 17.23 -22.42 -23.33
CA VAL C 110 17.67 -23.69 -23.89
C VAL C 110 16.52 -24.31 -24.69
N GLU C 111 15.29 -24.22 -24.15
CA GLU C 111 14.09 -24.72 -24.81
C GLU C 111 13.87 -23.94 -26.10
N ALA C 112 14.25 -22.66 -26.11
CA ALA C 112 14.11 -21.83 -27.28
C ALA C 112 15.01 -22.32 -28.41
N HIS C 113 16.27 -22.65 -28.07
CA HIS C 113 17.23 -23.19 -29.02
C HIS C 113 16.66 -24.45 -29.67
N VAL C 114 16.16 -25.37 -28.84
CA VAL C 114 15.62 -26.64 -29.29
C VAL C 114 14.41 -26.38 -30.20
N GLN C 115 13.54 -25.44 -29.80
CA GLN C 115 12.34 -25.13 -30.55
C GLN C 115 12.70 -24.79 -32.00
N ALA C 116 13.80 -24.04 -32.16
CA ALA C 116 14.20 -23.49 -33.45
C ALA C 116 14.66 -24.58 -34.43
N VAL C 117 14.88 -25.80 -33.91
CA VAL C 117 15.16 -26.96 -34.76
C VAL C 117 13.90 -27.27 -35.57
N PHE C 118 12.75 -27.21 -34.90
CA PHE C 118 11.47 -27.48 -35.51
C PHE C 118 11.04 -26.29 -36.38
N LEU C 119 11.57 -25.10 -36.05
CA LEU C 119 11.33 -23.92 -36.86
C LEU C 119 12.16 -23.98 -38.15
N ALA C 120 13.40 -24.46 -38.04
CA ALA C 120 14.34 -24.50 -39.16
C ALA C 120 13.96 -25.58 -40.15
N ASN C 121 13.25 -26.61 -39.67
CA ASN C 121 12.70 -27.68 -40.51
C ASN C 121 11.23 -27.88 -40.16
N PRO C 122 10.28 -27.38 -40.98
CA PRO C 122 8.85 -27.43 -40.66
C PRO C 122 8.26 -28.84 -40.53
N ASP C 123 8.79 -29.78 -41.32
CA ASP C 123 8.31 -31.16 -41.31
C ASP C 123 9.28 -32.03 -40.50
N LEU C 124 9.24 -31.90 -39.17
CA LEU C 124 10.10 -32.70 -38.32
C LEU C 124 9.28 -33.46 -37.28
N LYS C 125 9.59 -34.74 -37.13
CA LYS C 125 8.91 -35.67 -36.25
C LYS C 125 9.17 -35.27 -34.79
N PRO C 126 8.10 -35.14 -33.96
CA PRO C 126 8.26 -34.80 -32.55
C PRO C 126 9.30 -35.59 -31.74
N PRO C 127 9.36 -36.95 -31.79
CA PRO C 127 10.25 -37.71 -30.92
C PRO C 127 11.68 -37.68 -31.45
N LEU C 128 12.54 -36.95 -30.74
CA LEU C 128 13.82 -36.49 -31.25
C LEU C 128 14.84 -36.45 -30.12
N VAL C 129 16.09 -36.82 -30.43
CA VAL C 129 17.22 -36.62 -29.53
C VAL C 129 18.05 -35.47 -30.07
N VAL C 130 18.73 -34.74 -29.17
CA VAL C 130 19.43 -33.53 -29.53
C VAL C 130 20.66 -33.34 -28.63
N LEU C 131 21.82 -33.18 -29.28
CA LEU C 131 23.06 -32.78 -28.63
C LEU C 131 23.20 -31.27 -28.77
N MET C 132 23.49 -30.62 -27.63
CA MET C 132 23.72 -29.19 -27.57
C MET C 132 25.17 -28.97 -27.12
N VAL C 133 26.02 -28.51 -28.04
CA VAL C 133 27.43 -28.37 -27.78
C VAL C 133 27.89 -27.00 -28.20
N SER C 134 28.31 -26.21 -27.20
CA SER C 134 28.70 -24.83 -27.38
C SER C 134 29.65 -24.46 -26.24
N GLY C 135 30.21 -23.24 -26.27
CA GLY C 135 30.85 -22.75 -25.08
C GLY C 135 29.80 -22.64 -23.98
N GLY C 136 30.06 -23.26 -22.82
CA GLY C 136 29.17 -23.10 -21.68
C GLY C 136 27.91 -23.97 -21.73
N HIS C 137 27.81 -24.89 -22.68
CA HIS C 137 26.72 -25.86 -22.70
C HIS C 137 27.15 -27.14 -23.40
N THR C 138 26.94 -28.28 -22.74
CA THR C 138 27.13 -29.58 -23.35
C THR C 138 26.16 -30.57 -22.73
N GLN C 139 25.15 -30.99 -23.51
CA GLN C 139 24.11 -31.85 -22.97
C GLN C 139 23.53 -32.74 -24.06
N LEU C 140 22.86 -33.81 -23.62
CA LEU C 140 21.99 -34.62 -24.45
C LEU C 140 20.57 -34.53 -23.91
N MET C 141 19.61 -34.31 -24.80
CA MET C 141 18.23 -34.11 -24.38
C MET C 141 17.33 -34.92 -25.32
N LYS C 142 16.22 -35.43 -24.74
CA LYS C 142 15.21 -36.15 -25.49
C LYS C 142 13.99 -35.24 -25.62
N VAL C 143 13.48 -35.10 -26.85
CA VAL C 143 12.22 -34.42 -27.08
C VAL C 143 11.15 -35.48 -27.26
N ASP C 144 10.07 -35.34 -26.49
CA ASP C 144 8.96 -36.28 -26.46
C ASP C 144 8.02 -35.97 -27.63
N GLU C 145 6.96 -36.79 -27.75
CA GLU C 145 6.01 -36.68 -28.84
C GLU C 145 5.15 -35.43 -28.65
N ASP C 146 4.99 -35.00 -27.39
CA ASP C 146 4.19 -33.85 -27.04
C ASP C 146 5.07 -32.61 -26.90
N TYR C 147 6.35 -32.76 -27.28
CA TYR C 147 7.34 -31.69 -27.38
C TYR C 147 7.96 -31.33 -26.03
N SER C 148 7.49 -31.95 -24.93
CA SER C 148 8.18 -31.82 -23.66
C SER C 148 9.58 -32.41 -23.78
N MET C 149 10.53 -31.91 -22.97
CA MET C 149 11.91 -32.35 -23.09
C MET C 149 12.60 -32.41 -21.73
N GLU C 150 13.47 -33.41 -21.54
CA GLU C 150 14.32 -33.50 -20.36
C GLU C 150 15.77 -33.64 -20.82
N VAL C 151 16.69 -33.26 -19.91
CA VAL C 151 18.11 -33.39 -20.15
C VAL C 151 18.56 -34.72 -19.56
N LEU C 152 19.13 -35.59 -20.40
CA LEU C 152 19.50 -36.92 -19.96
C LEU C 152 21.00 -37.02 -19.74
N GLY C 153 21.76 -36.22 -20.49
CA GLY C 153 23.21 -36.20 -20.37
C GLY C 153 23.72 -34.77 -20.18
N GLU C 154 24.85 -34.64 -19.48
CA GLU C 154 25.33 -33.34 -19.05
C GLU C 154 26.82 -33.41 -18.72
N THR C 155 27.53 -32.31 -19.00
CA THR C 155 28.93 -32.14 -18.64
C THR C 155 29.02 -31.86 -17.15
N LEU C 156 29.97 -32.54 -16.48
CA LEU C 156 30.20 -32.33 -15.05
C LEU C 156 31.32 -31.29 -14.88
N ASP C 157 32.20 -31.17 -15.88
CA ASP C 157 33.32 -30.26 -15.83
C ASP C 157 33.09 -29.12 -16.81
N ASP C 158 34.01 -29.01 -17.78
CA ASP C 158 33.99 -27.97 -18.80
C ASP C 158 33.12 -28.43 -19.96
N SER C 159 32.65 -27.47 -20.76
CA SER C 159 31.93 -27.75 -21.99
C SER C 159 32.93 -28.10 -23.09
N ALA C 160 32.42 -28.76 -24.14
CA ALA C 160 33.23 -29.11 -25.30
C ALA C 160 33.83 -27.84 -25.91
N GLY C 161 33.02 -26.77 -25.95
CA GLY C 161 33.47 -25.48 -26.44
C GLY C 161 34.70 -25.00 -25.68
N GLU C 162 34.59 -25.01 -24.35
CA GLU C 162 35.67 -24.60 -23.46
C GLU C 162 36.93 -25.39 -23.78
N ALA C 163 36.80 -26.72 -23.83
CA ALA C 163 37.92 -27.58 -24.13
C ALA C 163 38.62 -27.09 -25.40
N PHE C 164 37.83 -26.77 -26.43
CA PHE C 164 38.33 -26.33 -27.72
C PHE C 164 39.10 -25.02 -27.59
N ASP C 165 38.50 -24.05 -26.87
CA ASP C 165 39.05 -22.72 -26.74
C ASP C 165 40.34 -22.75 -25.90
N LYS C 166 40.29 -23.45 -24.77
CA LYS C 166 41.39 -23.48 -23.80
C LYS C 166 42.58 -24.27 -24.36
N VAL C 167 42.28 -25.32 -25.13
CA VAL C 167 43.31 -26.13 -25.77
C VAL C 167 43.95 -25.34 -26.91
N ALA C 168 43.13 -24.61 -27.68
CA ALA C 168 43.64 -23.73 -28.72
C ALA C 168 44.60 -22.69 -28.12
N ARG C 169 44.25 -22.17 -26.94
CA ARG C 169 45.10 -21.24 -26.20
C ARG C 169 46.43 -21.93 -25.87
N LEU C 170 46.36 -23.16 -25.36
CA LEU C 170 47.54 -23.91 -24.94
C LEU C 170 48.48 -24.10 -26.13
N LEU C 171 47.89 -24.10 -27.33
CA LEU C 171 48.63 -24.29 -28.57
C LEU C 171 49.07 -22.93 -29.12
N GLY C 172 48.61 -21.86 -28.47
CA GLY C 172 48.92 -20.51 -28.88
C GLY C 172 48.27 -20.20 -30.23
N LEU C 173 46.96 -20.39 -30.29
CA LEU C 173 46.18 -20.13 -31.49
C LEU C 173 45.04 -19.18 -31.17
N GLY C 174 44.80 -18.23 -32.08
CA GLY C 174 43.87 -17.13 -31.88
C GLY C 174 42.45 -17.62 -31.59
N TYR C 175 41.62 -16.75 -31.02
CA TYR C 175 40.24 -17.12 -30.72
C TYR C 175 39.37 -16.94 -31.96
N PRO C 176 38.26 -17.70 -32.06
CA PRO C 176 37.91 -18.71 -31.07
C PRO C 176 38.62 -20.03 -31.37
N GLY C 177 38.76 -20.89 -30.35
CA GLY C 177 39.54 -22.11 -30.42
C GLY C 177 39.00 -23.12 -31.43
N GLY C 178 37.68 -23.29 -31.45
CA GLY C 178 37.02 -24.25 -32.33
C GLY C 178 37.43 -24.12 -33.79
N PRO C 179 37.13 -22.97 -34.46
CA PRO C 179 37.49 -22.79 -35.86
C PRO C 179 38.97 -23.04 -36.15
N VAL C 180 39.84 -22.51 -35.29
CA VAL C 180 41.28 -22.60 -35.47
C VAL C 180 41.71 -24.06 -35.44
N ILE C 181 41.33 -24.78 -34.37
CA ILE C 181 41.70 -26.18 -34.19
C ILE C 181 41.17 -27.00 -35.36
N ASP C 182 39.96 -26.63 -35.83
CA ASP C 182 39.29 -27.29 -36.95
C ASP C 182 40.17 -27.22 -38.19
N ARG C 183 40.63 -26.00 -38.52
CA ARG C 183 41.36 -25.69 -39.73
C ARG C 183 42.74 -26.36 -39.70
N VAL C 184 43.43 -26.28 -38.56
CA VAL C 184 44.81 -26.72 -38.48
C VAL C 184 44.89 -28.25 -38.38
N ALA C 185 43.79 -28.87 -37.91
CA ALA C 185 43.74 -30.32 -37.76
C ALA C 185 43.54 -31.00 -39.12
N LYS C 186 43.05 -30.24 -40.11
CA LYS C 186 42.81 -30.74 -41.46
C LYS C 186 44.13 -31.15 -42.12
N LYS C 187 45.23 -30.52 -41.69
CA LYS C 187 46.55 -30.82 -42.24
C LYS C 187 47.28 -31.79 -41.31
N GLY C 188 46.74 -31.99 -40.11
CA GLY C 188 47.38 -32.83 -39.11
C GLY C 188 46.88 -34.27 -39.19
N ASP C 189 47.55 -35.15 -38.42
CA ASP C 189 47.24 -36.57 -38.40
C ASP C 189 46.49 -36.91 -37.11
N PRO C 190 45.16 -37.16 -37.17
CA PRO C 190 44.42 -37.69 -36.02
C PRO C 190 45.06 -38.98 -35.53
N GLU C 191 44.85 -39.26 -34.24
CA GLU C 191 45.41 -40.42 -33.56
C GLU C 191 46.90 -40.64 -33.89
N LYS C 192 47.62 -39.54 -34.14
CA LYS C 192 49.07 -39.56 -34.03
C LYS C 192 49.44 -39.77 -32.57
N TYR C 193 48.77 -39.01 -31.69
CA TYR C 193 48.87 -39.16 -30.25
C TYR C 193 47.49 -39.52 -29.70
N SER C 194 47.43 -40.25 -28.58
CA SER C 194 46.17 -40.79 -28.14
C SER C 194 45.78 -40.29 -26.76
N PHE C 195 45.04 -39.19 -26.73
CA PHE C 195 44.54 -38.58 -25.51
C PHE C 195 43.33 -39.37 -25.03
N PRO C 196 43.08 -39.46 -23.70
CA PRO C 196 41.92 -40.18 -23.16
C PRO C 196 40.57 -39.67 -23.66
N ARG C 197 39.57 -40.56 -23.61
CA ARG C 197 38.17 -40.19 -23.76
C ARG C 197 37.52 -40.32 -22.38
N PRO C 198 37.52 -39.25 -21.57
CA PRO C 198 37.33 -39.39 -20.12
C PRO C 198 36.13 -40.21 -19.64
N MET C 199 34.95 -39.99 -20.26
CA MET C 199 33.73 -40.55 -19.72
C MET C 199 33.22 -41.72 -20.55
N LEU C 200 33.93 -42.02 -21.65
CA LEU C 200 33.57 -43.12 -22.54
C LEU C 200 33.52 -44.42 -21.76
N ASP C 201 32.68 -45.36 -22.24
CA ASP C 201 32.49 -46.65 -21.60
C ASP C 201 32.13 -46.43 -20.13
N ASP C 202 31.02 -45.69 -19.93
CA ASP C 202 30.35 -45.53 -18.66
C ASP C 202 28.94 -46.08 -18.78
N ASP C 203 28.23 -46.10 -17.65
CA ASP C 203 26.83 -46.47 -17.63
C ASP C 203 26.01 -45.23 -17.97
N SER C 204 26.69 -44.08 -17.98
CA SER C 204 26.10 -42.76 -17.97
C SER C 204 26.19 -42.12 -19.37
N TYR C 205 25.38 -41.09 -19.59
CA TYR C 205 25.44 -40.29 -20.80
C TYR C 205 26.03 -38.91 -20.48
N ASN C 206 26.83 -38.85 -19.40
CA ASN C 206 27.40 -37.60 -18.91
C ASN C 206 28.80 -37.40 -19.51
N PHE C 207 29.27 -36.15 -19.51
CA PHE C 207 30.53 -35.81 -20.15
C PHE C 207 31.46 -35.14 -19.15
N SER C 208 32.76 -35.41 -19.34
CA SER C 208 33.84 -34.70 -18.69
C SER C 208 34.85 -34.30 -19.77
N PHE C 209 35.45 -33.11 -19.63
CA PHE C 209 36.43 -32.67 -20.61
C PHE C 209 37.68 -32.13 -19.92
N ALA C 210 37.58 -31.83 -18.61
CA ALA C 210 38.68 -31.22 -17.88
C ALA C 210 39.89 -32.15 -17.87
N GLY C 211 39.64 -33.47 -17.81
CA GLY C 211 40.69 -34.47 -17.83
C GLY C 211 41.47 -34.49 -19.16
N LEU C 212 40.74 -34.26 -20.26
CA LEU C 212 41.31 -34.20 -21.60
C LEU C 212 42.16 -32.94 -21.74
N LYS C 213 41.63 -31.81 -21.26
CA LYS C 213 42.31 -30.53 -21.36
C LYS C 213 43.68 -30.60 -20.69
N THR C 214 43.72 -31.09 -19.43
CA THR C 214 44.95 -31.15 -18.65
C THR C 214 45.93 -32.15 -19.28
N SER C 215 45.39 -33.24 -19.85
CA SER C 215 46.19 -34.22 -20.56
C SER C 215 47.03 -33.54 -21.64
N VAL C 216 46.37 -32.74 -22.49
CA VAL C 216 47.03 -32.00 -23.55
C VAL C 216 48.11 -31.11 -22.93
N LEU C 217 47.78 -30.51 -21.77
CA LEU C 217 48.68 -29.62 -21.06
C LEU C 217 49.94 -30.36 -20.61
N TYR C 218 49.76 -31.59 -20.12
CA TYR C 218 50.87 -32.41 -19.68
C TYR C 218 51.77 -32.78 -20.86
N PHE C 219 51.16 -33.18 -21.98
CA PHE C 219 51.88 -33.53 -23.20
C PHE C 219 52.75 -32.36 -23.66
N LEU C 220 52.20 -31.14 -23.58
CA LEU C 220 52.89 -29.94 -24.03
C LEU C 220 53.95 -29.52 -23.02
N GLN C 221 53.80 -29.97 -21.76
CA GLN C 221 54.80 -29.74 -20.73
C GLN C 221 55.94 -30.74 -20.87
N ARG C 222 55.61 -31.95 -21.33
CA ARG C 222 56.59 -32.98 -21.71
C ARG C 222 56.87 -32.86 -23.21
N GLU C 223 57.31 -31.66 -23.62
CA GLU C 223 57.36 -31.23 -25.01
C GLU C 223 58.35 -32.06 -25.81
N LYS C 224 58.21 -31.95 -27.14
CA LYS C 224 59.01 -32.67 -28.11
C LYS C 224 59.20 -31.77 -29.33
N GLY C 225 59.49 -32.41 -30.47
CA GLY C 225 59.44 -31.75 -31.78
C GLY C 225 58.15 -32.09 -32.50
N TYR C 226 57.06 -32.22 -31.73
CA TYR C 226 55.72 -32.52 -32.22
C TYR C 226 55.26 -31.43 -33.19
N LYS C 227 54.39 -31.82 -34.13
CA LYS C 227 53.65 -30.86 -34.94
C LYS C 227 52.42 -30.42 -34.15
N VAL C 228 52.05 -29.13 -34.29
CA VAL C 228 50.86 -28.60 -33.67
C VAL C 228 49.64 -29.18 -34.38
N GLU C 229 49.73 -29.30 -35.71
CA GLU C 229 48.68 -29.85 -36.55
C GLU C 229 48.28 -31.22 -36.03
N ASP C 230 49.28 -32.00 -35.61
CA ASP C 230 49.07 -33.35 -35.13
C ASP C 230 48.34 -33.35 -33.79
N VAL C 231 48.79 -32.49 -32.87
CA VAL C 231 48.23 -32.41 -31.52
C VAL C 231 46.74 -32.03 -31.63
N ALA C 232 46.47 -30.99 -32.42
CA ALA C 232 45.12 -30.48 -32.63
C ALA C 232 44.19 -31.59 -33.12
N ALA C 233 44.59 -32.27 -34.20
CA ALA C 233 43.77 -33.32 -34.79
C ALA C 233 43.52 -34.45 -33.80
N SER C 234 44.56 -34.81 -33.04
CA SER C 234 44.51 -35.91 -32.07
C SER C 234 43.61 -35.54 -30.90
N PHE C 235 43.60 -34.26 -30.54
CA PHE C 235 42.70 -33.76 -29.52
C PHE C 235 41.28 -33.74 -30.08
N GLN C 236 41.13 -33.22 -31.31
CA GLN C 236 39.83 -33.07 -31.93
C GLN C 236 39.13 -34.43 -32.02
N LYS C 237 39.85 -35.43 -32.52
CA LYS C 237 39.33 -36.77 -32.70
C LYS C 237 38.87 -37.32 -31.37
N ALA C 238 39.67 -37.11 -30.32
CA ALA C 238 39.35 -37.52 -28.96
C ALA C 238 37.96 -36.99 -28.57
N VAL C 239 37.71 -35.70 -28.85
CA VAL C 239 36.48 -35.06 -28.45
C VAL C 239 35.35 -35.59 -29.33
N VAL C 240 35.62 -35.75 -30.63
CA VAL C 240 34.54 -36.09 -31.56
C VAL C 240 34.13 -37.55 -31.34
N ASP C 241 35.05 -38.37 -30.82
CA ASP C 241 34.75 -39.73 -30.42
C ASP C 241 33.73 -39.75 -29.28
N ILE C 242 34.07 -39.04 -28.20
CA ILE C 242 33.28 -39.08 -26.97
C ILE C 242 31.92 -38.41 -27.22
N LEU C 243 31.87 -37.49 -28.19
CA LEU C 243 30.62 -36.84 -28.55
C LEU C 243 29.77 -37.77 -29.39
N VAL C 244 30.42 -38.57 -30.25
CA VAL C 244 29.65 -39.40 -31.17
C VAL C 244 29.11 -40.61 -30.42
N GLU C 245 29.95 -41.25 -29.60
CA GLU C 245 29.59 -42.47 -28.90
C GLU C 245 28.31 -42.27 -28.07
N LYS C 246 28.36 -41.27 -27.19
CA LYS C 246 27.32 -41.07 -26.19
C LYS C 246 26.04 -40.58 -26.85
N THR C 247 26.16 -39.89 -27.98
CA THR C 247 24.99 -39.39 -28.68
C THR C 247 24.26 -40.55 -29.36
N PHE C 248 25.03 -41.42 -30.02
CA PHE C 248 24.45 -42.52 -30.78
C PHE C 248 23.95 -43.60 -29.84
N ARG C 249 24.74 -43.88 -28.79
CA ARG C 249 24.35 -44.85 -27.78
C ARG C 249 22.95 -44.54 -27.24
N LEU C 250 22.74 -43.29 -26.82
CA LEU C 250 21.44 -42.89 -26.29
C LEU C 250 20.36 -43.14 -27.33
N ALA C 251 20.48 -42.48 -28.49
CA ALA C 251 19.48 -42.52 -29.55
C ALA C 251 19.05 -43.96 -29.83
N ARG C 252 20.01 -44.87 -29.65
CA ARG C 252 19.79 -46.30 -29.76
C ARG C 252 18.89 -46.72 -28.60
N ASN C 253 19.43 -46.64 -27.38
CA ASN C 253 18.77 -47.16 -26.19
C ASN C 253 17.40 -46.52 -26.00
N LEU C 254 17.06 -45.54 -26.83
CA LEU C 254 15.80 -44.84 -26.72
C LEU C 254 14.93 -45.12 -27.94
N GLY C 255 15.55 -45.75 -28.94
CA GLY C 255 14.83 -46.14 -30.14
C GLY C 255 14.37 -44.93 -30.96
N ILE C 256 15.31 -44.02 -31.20
CA ILE C 256 15.03 -42.89 -32.06
C ILE C 256 16.14 -42.85 -33.12
N ARG C 257 15.72 -42.64 -34.37
CA ARG C 257 16.68 -42.55 -35.47
C ARG C 257 16.63 -41.16 -36.08
N LYS C 258 16.13 -40.18 -35.31
CA LYS C 258 16.24 -38.77 -35.65
C LYS C 258 17.00 -38.06 -34.55
N ILE C 259 18.15 -37.47 -34.92
CA ILE C 259 19.07 -36.83 -33.98
C ILE C 259 19.53 -35.48 -34.56
N ALA C 260 19.43 -34.43 -33.74
CA ALA C 260 19.72 -33.06 -34.16
C ALA C 260 20.85 -32.44 -33.32
N PHE C 261 21.69 -31.66 -33.99
CA PHE C 261 22.87 -31.06 -33.37
C PHE C 261 22.72 -29.54 -33.34
N VAL C 262 22.96 -28.96 -32.16
CA VAL C 262 22.77 -27.54 -31.96
C VAL C 262 23.87 -27.01 -31.05
N GLY C 263 24.27 -25.75 -31.28
CA GLY C 263 25.39 -25.12 -30.59
C GLY C 263 26.55 -24.83 -31.54
N GLY C 264 27.51 -24.05 -31.04
CA GLY C 264 28.62 -23.57 -31.85
C GLY C 264 29.51 -24.69 -32.39
N VAL C 265 29.76 -25.71 -31.56
CA VAL C 265 30.74 -26.74 -31.91
C VAL C 265 30.11 -27.73 -32.89
N ALA C 266 28.80 -27.58 -33.09
CA ALA C 266 28.08 -28.35 -34.09
C ALA C 266 28.58 -28.00 -35.49
N ALA C 267 29.42 -26.98 -35.58
CA ALA C 267 29.94 -26.50 -36.86
C ALA C 267 31.27 -27.20 -37.18
N ASN C 268 31.67 -28.15 -36.34
CA ASN C 268 32.98 -28.76 -36.47
C ASN C 268 32.96 -29.79 -37.60
N SER C 269 33.78 -29.56 -38.63
CA SER C 269 33.75 -30.39 -39.82
C SER C 269 34.07 -31.85 -39.47
N MET C 270 34.91 -32.04 -38.45
CA MET C 270 35.36 -33.36 -38.04
C MET C 270 34.20 -34.13 -37.42
N LEU C 271 33.39 -33.42 -36.60
CA LEU C 271 32.21 -33.99 -35.97
C LEU C 271 31.17 -34.28 -37.05
N ARG C 272 30.95 -33.32 -37.95
CA ARG C 272 29.99 -33.42 -39.03
C ARG C 272 30.24 -34.69 -39.86
N GLU C 273 31.49 -34.89 -40.27
CA GLU C 273 31.94 -36.03 -41.04
C GLU C 273 31.65 -37.32 -40.27
N GLU C 274 32.12 -37.37 -39.01
CA GLU C 274 32.11 -38.58 -38.22
C GLU C 274 30.69 -38.96 -37.82
N VAL C 275 29.81 -37.96 -37.71
CA VAL C 275 28.40 -38.20 -37.46
C VAL C 275 27.76 -38.76 -38.74
N ARG C 276 28.05 -38.10 -39.87
CA ARG C 276 27.49 -38.44 -41.17
C ARG C 276 27.89 -39.85 -41.59
N LYS C 277 29.14 -40.24 -41.30
CA LYS C 277 29.65 -41.58 -41.61
C LYS C 277 28.85 -42.62 -40.82
N ARG C 278 28.66 -42.34 -39.53
CA ARG C 278 28.00 -43.26 -38.61
C ARG C 278 26.48 -43.26 -38.84
N ALA C 279 25.96 -42.24 -39.54
CA ALA C 279 24.53 -42.13 -39.76
C ALA C 279 24.17 -42.52 -41.19
N GLU C 280 25.19 -42.94 -41.96
CA GLU C 280 24.96 -43.58 -43.25
C GLU C 280 24.74 -45.07 -42.98
N ARG C 281 25.57 -45.60 -42.07
CA ARG C 281 25.55 -47.01 -41.68
C ARG C 281 24.17 -47.38 -41.14
N TRP C 282 23.73 -46.67 -40.10
CA TRP C 282 22.40 -46.83 -39.55
C TRP C 282 21.51 -45.78 -40.19
N ASN C 283 20.35 -46.20 -40.71
CA ASN C 283 19.45 -45.21 -41.31
C ASN C 283 18.97 -44.28 -40.21
N TYR C 284 19.71 -43.17 -40.03
CA TYR C 284 19.46 -42.15 -39.02
C TYR C 284 19.43 -40.79 -39.69
N GLU C 285 18.38 -40.01 -39.39
CA GLU C 285 18.29 -38.62 -39.83
C GLU C 285 19.07 -37.74 -38.86
N VAL C 286 20.07 -37.03 -39.37
CA VAL C 286 20.84 -36.10 -38.55
C VAL C 286 20.58 -34.69 -39.05
N PHE C 287 20.33 -33.77 -38.10
CA PHE C 287 19.98 -32.39 -38.41
C PHE C 287 20.99 -31.45 -37.77
N PHE C 288 21.71 -30.71 -38.63
CA PHE C 288 22.57 -29.63 -38.18
C PHE C 288 21.93 -28.32 -38.56
N PRO C 289 22.31 -27.18 -37.92
CA PRO C 289 21.80 -25.88 -38.32
C PRO C 289 22.66 -25.36 -39.47
N PRO C 290 22.36 -24.19 -40.08
CA PRO C 290 23.21 -23.62 -41.11
C PRO C 290 24.44 -22.91 -40.56
N LEU C 291 25.50 -22.86 -41.37
CA LEU C 291 26.68 -22.04 -41.10
C LEU C 291 26.32 -20.58 -41.36
N THR C 295 21.83 -17.30 -34.41
CA THR C 295 21.42 -16.01 -35.03
C THR C 295 19.91 -15.84 -34.91
N ASP C 296 19.44 -14.58 -34.99
CA ASP C 296 18.04 -14.19 -34.91
C ASP C 296 17.48 -14.54 -33.52
N ASN C 297 18.18 -14.06 -32.48
CA ASN C 297 17.98 -14.47 -31.09
C ASN C 297 16.70 -13.88 -30.55
N ALA C 298 16.25 -12.78 -31.16
CA ALA C 298 15.03 -12.11 -30.76
C ALA C 298 13.82 -12.96 -31.10
N LEU C 299 13.79 -13.45 -32.35
CA LEU C 299 12.67 -14.18 -32.93
C LEU C 299 12.49 -15.51 -32.19
N MET C 300 13.63 -16.12 -31.85
CA MET C 300 13.71 -17.37 -31.11
C MET C 300 12.87 -17.26 -29.83
N VAL C 301 12.91 -16.08 -29.20
CA VAL C 301 12.17 -15.83 -27.98
C VAL C 301 10.68 -15.69 -28.32
N ALA C 302 10.39 -14.95 -29.39
CA ALA C 302 9.03 -14.69 -29.86
C ALA C 302 8.33 -15.99 -30.24
N LYS C 303 9.04 -16.84 -31.02
CA LYS C 303 8.51 -18.13 -31.40
C LYS C 303 8.11 -18.91 -30.15
N ALA C 304 9.05 -19.06 -29.23
CA ALA C 304 8.89 -19.85 -28.00
C ALA C 304 7.71 -19.30 -27.19
N GLY C 305 7.57 -17.97 -27.21
CA GLY C 305 6.45 -17.32 -26.55
C GLY C 305 5.14 -17.73 -27.19
N TYR C 306 5.00 -17.44 -28.49
CA TYR C 306 3.84 -17.82 -29.28
C TYR C 306 3.45 -19.26 -28.99
N GLU C 307 4.43 -20.16 -29.04
CA GLU C 307 4.19 -21.58 -28.79
C GLU C 307 3.50 -21.77 -27.45
N LYS C 308 4.03 -21.13 -26.39
CA LYS C 308 3.47 -21.28 -25.05
C LYS C 308 2.12 -20.59 -24.98
N ALA C 309 1.96 -19.49 -25.72
CA ALA C 309 0.74 -18.71 -25.75
C ALA C 309 -0.42 -19.54 -26.30
N LYS C 310 -0.13 -20.33 -27.33
CA LYS C 310 -1.09 -21.18 -28.01
C LYS C 310 -1.63 -22.23 -27.03
N ARG C 311 -0.75 -22.77 -26.18
CA ARG C 311 -1.12 -23.76 -25.16
C ARG C 311 -1.66 -23.04 -23.92
N GLY C 312 -1.71 -21.71 -23.99
CA GLY C 312 -2.22 -20.88 -22.90
C GLY C 312 -1.46 -21.11 -21.60
N MET C 313 -0.13 -21.18 -21.69
CA MET C 313 0.75 -21.30 -20.53
C MET C 313 1.52 -20.00 -20.35
N PHE C 314 1.00 -19.11 -19.49
CA PHE C 314 1.55 -17.77 -19.33
C PHE C 314 2.28 -17.66 -17.99
N SER C 315 3.22 -16.71 -17.92
CA SER C 315 4.09 -16.56 -16.77
C SER C 315 3.51 -15.54 -15.79
N PRO C 316 3.57 -15.80 -14.47
CA PRO C 316 3.11 -14.84 -13.46
C PRO C 316 4.06 -13.66 -13.43
N LEU C 317 3.59 -12.52 -12.91
CA LEU C 317 4.34 -11.27 -12.90
C LEU C 317 5.39 -11.28 -11.77
N SER C 318 5.29 -12.26 -10.87
CA SER C 318 6.21 -12.39 -9.75
C SER C 318 7.42 -13.23 -10.14
N LEU C 319 7.69 -13.32 -11.45
CA LEU C 319 8.66 -14.28 -11.97
C LEU C 319 10.06 -13.70 -11.87
N ASN C 320 10.94 -14.44 -11.17
CA ASN C 320 12.31 -14.05 -10.96
C ASN C 320 13.19 -14.69 -12.03
N ALA C 321 14.31 -14.05 -12.36
CA ALA C 321 15.29 -14.62 -13.28
C ALA C 321 16.25 -15.52 -12.53
N ASP C 322 16.41 -16.76 -13.01
CA ASP C 322 17.42 -17.66 -12.48
C ASP C 322 18.46 -17.98 -13.56
N PRO C 323 19.77 -17.78 -13.27
CA PRO C 323 20.82 -17.87 -14.28
C PRO C 323 21.07 -19.31 -14.72
N ASN C 324 20.80 -20.26 -13.82
CA ASN C 324 21.07 -21.67 -14.08
C ASN C 324 19.76 -22.37 -14.46
N LEU C 325 19.10 -21.86 -15.50
CA LEU C 325 17.91 -22.49 -16.02
C LEU C 325 18.34 -23.54 -17.04
N ASN C 326 17.72 -24.72 -16.97
CA ASN C 326 18.02 -25.78 -17.93
C ASN C 326 16.74 -26.55 -18.27
N VAL C 327 16.93 -27.76 -18.83
CA VAL C 327 15.86 -28.69 -19.18
C VAL C 327 14.83 -28.00 -20.07
N MET D 1 6.99 -12.73 12.81
CA MET D 1 5.58 -12.92 13.21
C MET D 1 4.70 -11.98 12.40
N ASN D 2 3.38 -12.00 12.69
CA ASN D 2 2.40 -11.29 11.90
C ASN D 2 1.85 -10.13 12.71
N VAL D 3 2.04 -8.92 12.20
CA VAL D 3 1.65 -7.70 12.90
C VAL D 3 0.96 -6.77 11.91
N LEU D 4 -0.20 -6.24 12.33
CA LEU D 4 -0.88 -5.14 11.67
C LEU D 4 -0.88 -3.97 12.64
N ALA D 5 -0.46 -2.79 12.17
CA ALA D 5 -0.46 -1.58 12.97
C ALA D 5 -1.08 -0.45 12.15
N LEU D 6 -1.92 0.37 12.79
CA LEU D 6 -2.50 1.50 12.09
C LEU D 6 -2.67 2.72 12.99
N ASP D 7 -2.53 3.90 12.39
CA ASP D 7 -2.77 5.18 13.04
C ASP D 7 -3.58 6.06 12.08
N THR D 8 -4.69 6.60 12.59
CA THR D 8 -5.56 7.45 11.80
C THR D 8 -5.70 8.82 12.45
N SER D 9 -4.76 9.15 13.35
CA SER D 9 -4.75 10.39 14.09
C SER D 9 -4.73 11.60 13.14
N GLN D 10 -4.11 11.44 11.96
CA GLN D 10 -4.16 12.44 10.93
C GLN D 10 -4.51 11.76 9.60
N ARG D 11 -3.48 11.43 8.81
CA ARG D 11 -3.64 10.65 7.59
C ARG D 11 -3.80 9.17 7.94
N ILE D 12 -4.22 8.37 6.95
CA ILE D 12 -4.32 6.92 7.14
C ILE D 12 -2.93 6.31 6.97
N ARG D 13 -2.47 5.62 8.02
CA ARG D 13 -1.16 4.99 8.05
C ARG D 13 -1.32 3.53 8.47
N ILE D 14 -0.89 2.59 7.61
CA ILE D 14 -1.03 1.17 7.85
C ILE D 14 0.30 0.46 7.60
N GLY D 15 0.78 -0.23 8.63
CA GLY D 15 1.89 -1.16 8.48
C GLY D 15 1.41 -2.59 8.70
N LEU D 16 1.94 -3.53 7.89
CA LEU D 16 1.58 -4.93 7.99
C LEU D 16 2.83 -5.79 7.78
N ARG D 17 3.16 -6.59 8.79
CA ARG D 17 4.30 -7.50 8.77
C ARG D 17 3.79 -8.93 8.75
N LYS D 18 4.16 -9.68 7.71
CA LYS D 18 3.89 -11.11 7.60
C LYS D 18 5.22 -11.86 7.56
N GLY D 19 5.62 -12.40 8.72
CA GLY D 19 6.90 -13.06 8.86
C GLY D 19 8.03 -12.12 8.48
N GLU D 20 8.55 -12.26 7.26
CA GLU D 20 9.73 -11.53 6.83
C GLU D 20 9.35 -10.39 5.88
N ASP D 21 8.05 -10.22 5.64
CA ASP D 21 7.58 -9.20 4.70
C ASP D 21 6.94 -8.05 5.45
N LEU D 22 7.42 -6.83 5.18
CA LEU D 22 6.80 -5.63 5.71
C LEU D 22 6.27 -4.80 4.54
N PHE D 23 4.99 -4.43 4.63
CA PHE D 23 4.34 -3.56 3.65
C PHE D 23 3.81 -2.32 4.35
N GLU D 24 4.03 -1.14 3.75
CA GLU D 24 3.53 0.11 4.28
C GLU D 24 2.56 0.73 3.28
N ILE D 25 1.48 1.36 3.79
CA ILE D 25 0.54 2.12 2.98
C ILE D 25 0.14 3.39 3.72
N SER D 26 0.09 4.52 2.99
CA SER D 26 -0.44 5.78 3.46
C SER D 26 -1.48 6.31 2.49
N TYR D 27 -2.47 7.05 3.01
CA TYR D 27 -3.45 7.67 2.15
C TYR D 27 -3.67 9.13 2.54
N THR D 28 -3.50 10.01 1.55
CA THR D 28 -3.80 11.44 1.63
C THR D 28 -4.76 11.81 0.50
N GLY D 29 -5.99 12.20 0.87
CA GLY D 29 -7.01 12.48 -0.12
C GLY D 29 -8.23 13.13 0.50
N GLU D 30 -9.26 13.41 -0.32
CA GLU D 30 -10.42 14.13 0.16
C GLU D 30 -11.42 13.16 0.81
N LYS D 31 -11.27 11.85 0.51
CA LYS D 31 -12.11 10.81 1.07
C LYS D 31 -11.95 10.74 2.60
N LYS D 32 -13.06 10.48 3.27
CA LYS D 32 -13.09 10.37 4.72
C LYS D 32 -12.47 9.05 5.16
N HIS D 33 -11.99 9.01 6.41
CA HIS D 33 -11.44 7.81 7.03
C HIS D 33 -12.37 6.62 6.87
N ALA D 34 -13.67 6.83 7.11
CA ALA D 34 -14.66 5.76 7.10
C ALA D 34 -14.83 5.17 5.70
N GLU D 35 -14.41 5.94 4.69
CA GLU D 35 -14.53 5.55 3.29
C GLU D 35 -13.33 4.74 2.81
N ILE D 36 -12.22 4.75 3.55
CA ILE D 36 -10.97 4.28 2.96
C ILE D 36 -10.29 3.23 3.84
N LEU D 37 -10.32 3.42 5.16
CA LEU D 37 -9.57 2.57 6.08
C LEU D 37 -9.98 1.11 5.92
N PRO D 38 -11.27 0.71 6.12
CA PRO D 38 -11.67 -0.68 5.98
C PRO D 38 -11.36 -1.27 4.61
N VAL D 39 -11.55 -0.46 3.55
CA VAL D 39 -11.36 -0.89 2.18
C VAL D 39 -9.92 -1.36 1.97
N VAL D 40 -8.95 -0.61 2.51
CA VAL D 40 -7.55 -0.92 2.32
C VAL D 40 -7.14 -2.13 3.17
N VAL D 41 -7.51 -2.11 4.45
CA VAL D 41 -7.20 -3.20 5.38
C VAL D 41 -7.70 -4.53 4.80
N LYS D 42 -8.86 -4.48 4.15
CA LYS D 42 -9.45 -5.64 3.50
C LYS D 42 -8.55 -6.08 2.34
N LYS D 43 -8.12 -5.12 1.50
CA LYS D 43 -7.38 -5.42 0.28
C LYS D 43 -5.98 -5.93 0.61
N LEU D 44 -5.33 -5.29 1.57
CA LEU D 44 -3.98 -5.66 1.95
C LEU D 44 -3.96 -7.07 2.52
N LEU D 45 -4.95 -7.42 3.37
CA LEU D 45 -5.05 -8.74 3.98
C LEU D 45 -5.35 -9.83 2.94
N ASP D 46 -6.18 -9.49 1.94
CA ASP D 46 -6.47 -10.39 0.84
C ASP D 46 -5.20 -10.67 0.05
N GLU D 47 -4.46 -9.60 -0.28
CA GLU D 47 -3.32 -9.70 -1.19
C GLU D 47 -2.19 -10.51 -0.56
N LEU D 48 -2.03 -10.40 0.76
CA LEU D 48 -0.98 -11.10 1.48
C LEU D 48 -1.47 -12.47 1.93
N ASP D 49 -2.75 -12.76 1.62
CA ASP D 49 -3.43 -13.98 2.03
C ASP D 49 -3.23 -14.16 3.54
N LEU D 50 -3.89 -13.28 4.30
CA LEU D 50 -3.75 -13.29 5.75
C LEU D 50 -5.14 -13.14 6.36
N LYS D 51 -5.57 -14.17 7.10
CA LYS D 51 -6.76 -14.05 7.92
C LYS D 51 -6.41 -13.18 9.12
N VAL D 52 -7.41 -12.50 9.66
CA VAL D 52 -7.18 -11.64 10.81
C VAL D 52 -6.76 -12.49 12.00
N LYS D 53 -7.40 -13.67 12.15
CA LYS D 53 -7.12 -14.61 13.23
C LYS D 53 -5.65 -15.04 13.21
N ASP D 54 -4.95 -14.75 12.12
CA ASP D 54 -3.57 -15.15 11.91
C ASP D 54 -2.61 -14.12 12.52
N LEU D 55 -3.15 -12.95 12.89
CA LEU D 55 -2.33 -11.86 13.41
C LEU D 55 -1.96 -12.11 14.87
N ASP D 56 -0.79 -11.60 15.27
CA ASP D 56 -0.17 -11.91 16.55
C ASP D 56 -0.35 -10.73 17.50
N VAL D 57 -0.64 -9.56 16.94
CA VAL D 57 -0.89 -8.33 17.67
C VAL D 57 -1.29 -7.24 16.66
N VAL D 58 -2.18 -6.34 17.10
CA VAL D 58 -2.59 -5.25 16.24
C VAL D 58 -2.34 -3.94 16.97
N GLY D 59 -1.44 -3.12 16.40
CA GLY D 59 -1.16 -1.79 16.90
C GLY D 59 -2.22 -0.80 16.44
N VAL D 60 -2.54 0.18 17.31
CA VAL D 60 -3.51 1.21 17.00
C VAL D 60 -3.05 2.53 17.60
N GLY D 61 -2.94 3.54 16.72
CA GLY D 61 -2.70 4.91 17.14
C GLY D 61 -3.91 5.45 17.90
N ILE D 62 -3.65 5.98 19.11
CA ILE D 62 -4.67 6.47 20.03
C ILE D 62 -4.38 7.93 20.40
N GLY D 63 -3.10 8.31 20.25
CA GLY D 63 -2.52 9.53 20.79
C GLY D 63 -3.18 10.78 20.20
N PRO D 64 -2.73 11.99 20.57
CA PRO D 64 -3.49 13.22 20.27
C PRO D 64 -3.66 13.39 18.76
N GLY D 65 -4.90 13.64 18.36
CA GLY D 65 -5.22 13.82 16.94
C GLY D 65 -6.71 14.09 16.73
N GLY D 66 -7.12 14.18 15.46
CA GLY D 66 -8.49 14.42 15.08
C GLY D 66 -9.43 13.36 15.67
N LEU D 67 -10.56 13.82 16.23
CA LEU D 67 -11.51 12.99 16.95
C LEU D 67 -12.14 11.97 16.00
N THR D 68 -12.66 12.44 14.86
CA THR D 68 -13.30 11.57 13.90
C THR D 68 -12.32 10.50 13.41
N GLY D 69 -11.08 10.91 13.10
CA GLY D 69 -10.03 10.01 12.65
C GLY D 69 -9.72 8.90 13.65
N LEU D 70 -9.53 9.28 14.93
CA LEU D 70 -9.20 8.35 15.98
C LEU D 70 -10.36 7.38 16.23
N ARG D 71 -11.60 7.86 16.04
CA ARG D 71 -12.77 7.06 16.33
C ARG D 71 -12.94 5.97 15.28
N VAL D 72 -12.87 6.36 14.00
CA VAL D 72 -12.92 5.41 12.90
C VAL D 72 -11.80 4.39 13.13
N GLY D 73 -10.61 4.89 13.48
CA GLY D 73 -9.45 4.07 13.75
C GLY D 73 -9.69 3.01 14.82
N ILE D 74 -9.90 3.47 16.06
CA ILE D 74 -10.05 2.59 17.22
C ILE D 74 -11.19 1.60 16.98
N ALA D 75 -12.32 2.09 16.47
CA ALA D 75 -13.50 1.26 16.30
C ALA D 75 -13.24 0.16 15.28
N THR D 76 -12.55 0.50 14.19
CA THR D 76 -12.17 -0.49 13.20
C THR D 76 -11.39 -1.62 13.87
N VAL D 77 -10.40 -1.28 14.70
CA VAL D 77 -9.55 -2.26 15.35
C VAL D 77 -10.39 -3.10 16.31
N VAL D 78 -11.29 -2.43 17.05
CA VAL D 78 -12.17 -3.11 17.98
C VAL D 78 -12.92 -4.22 17.24
N GLY D 79 -13.38 -3.94 16.02
CA GLY D 79 -14.12 -4.91 15.23
C GLY D 79 -13.25 -6.07 14.76
N LEU D 80 -12.02 -5.76 14.34
CA LEU D 80 -11.12 -6.73 13.75
C LEU D 80 -10.71 -7.78 14.78
N VAL D 81 -10.46 -7.35 16.03
CA VAL D 81 -9.78 -8.21 16.99
C VAL D 81 -10.75 -8.77 18.02
N SER D 82 -12.01 -8.30 18.01
CA SER D 82 -12.96 -8.72 19.03
C SER D 82 -13.30 -10.20 18.93
N PRO D 83 -13.48 -10.78 17.71
CA PRO D 83 -13.82 -12.20 17.57
C PRO D 83 -12.74 -13.18 18.05
N TYR D 84 -11.51 -12.68 18.24
CA TYR D 84 -10.36 -13.54 18.49
C TYR D 84 -9.50 -13.02 19.64
N ASP D 85 -9.91 -11.88 20.23
CA ASP D 85 -9.25 -11.28 21.38
C ASP D 85 -7.74 -11.20 21.12
N ILE D 86 -7.38 -10.55 20.00
CA ILE D 86 -6.00 -10.38 19.57
C ILE D 86 -5.36 -9.26 20.40
N PRO D 87 -4.16 -9.48 20.98
CA PRO D 87 -3.54 -8.47 21.82
C PRO D 87 -3.43 -7.15 21.06
N VAL D 88 -3.85 -6.06 21.72
CA VAL D 88 -3.85 -4.71 21.16
C VAL D 88 -2.69 -3.93 21.75
N ALA D 89 -1.94 -3.27 20.87
CA ALA D 89 -0.80 -2.45 21.22
C ALA D 89 -1.18 -0.99 21.03
N PRO D 90 -1.45 -0.23 22.12
CA PRO D 90 -1.88 1.17 22.02
C PRO D 90 -0.67 2.03 21.70
N LEU D 91 -0.82 2.90 20.69
CA LEU D 91 0.30 3.67 20.14
C LEU D 91 0.07 5.16 20.31
N ASN D 92 0.91 5.82 21.13
CA ASN D 92 0.85 7.26 21.32
C ASN D 92 1.26 7.96 20.03
N SER D 93 0.32 8.70 19.44
CA SER D 93 0.45 9.22 18.08
C SER D 93 1.67 10.13 17.96
N PHE D 94 1.83 11.04 18.92
CA PHE D 94 2.94 11.98 18.96
C PHE D 94 4.26 11.23 19.03
N GLU D 95 4.33 10.28 19.97
CA GLU D 95 5.53 9.50 20.18
C GLU D 95 5.94 8.81 18.88
N MET D 96 4.94 8.39 18.09
CA MET D 96 5.20 7.75 16.81
C MET D 96 5.69 8.79 15.81
N THR D 97 5.23 10.04 15.97
CA THR D 97 5.65 11.12 15.09
C THR D 97 7.12 11.42 15.34
N ALA D 98 7.50 11.54 16.62
CA ALA D 98 8.86 11.78 17.05
C ALA D 98 9.79 10.67 16.56
N LYS D 99 9.37 9.41 16.78
CA LYS D 99 10.19 8.27 16.43
C LYS D 99 10.31 8.17 14.91
N SER D 100 9.33 8.73 14.18
CA SER D 100 9.30 8.62 12.74
C SER D 100 10.37 9.49 12.08
N CYS D 101 10.80 10.53 12.80
CA CYS D 101 11.88 11.38 12.32
C CYS D 101 13.19 10.61 12.39
N PRO D 102 14.08 10.70 11.37
CA PRO D 102 15.42 10.10 11.45
C PRO D 102 16.34 10.64 12.54
N ALA D 103 16.52 11.96 12.58
CA ALA D 103 17.48 12.61 13.46
C ALA D 103 17.19 12.30 14.93
N ASP D 104 18.21 12.46 15.80
CA ASP D 104 18.04 12.30 17.24
C ASP D 104 18.21 13.67 17.91
N GLY D 105 17.92 13.73 19.22
CA GLY D 105 18.04 14.96 19.97
C GLY D 105 16.72 15.39 20.65
N VAL D 106 16.59 16.69 20.91
CA VAL D 106 15.39 17.23 21.52
C VAL D 106 14.38 17.56 20.43
N VAL D 107 13.17 17.01 20.58
CA VAL D 107 12.15 17.08 19.55
C VAL D 107 10.89 17.69 20.15
N LEU D 108 10.33 18.68 19.45
CA LEU D 108 9.03 19.22 19.80
C LEU D 108 8.01 18.82 18.72
N VAL D 109 6.86 18.32 19.20
CA VAL D 109 5.75 17.98 18.34
C VAL D 109 4.58 18.88 18.70
N ALA D 110 3.96 19.47 17.68
CA ALA D 110 2.85 20.38 17.93
C ALA D 110 1.77 20.22 16.86
N ARG D 111 0.52 20.41 17.30
CA ARG D 111 -0.66 20.34 16.44
C ARG D 111 -1.65 21.40 16.91
N ARG D 112 -2.15 22.18 15.94
CA ARG D 112 -3.12 23.24 16.17
C ARG D 112 -4.37 22.63 16.81
N ALA D 113 -4.97 23.36 17.75
CA ALA D 113 -6.31 23.02 18.23
C ALA D 113 -7.25 24.19 17.94
N ARG D 114 -8.27 24.35 18.78
CA ARG D 114 -9.08 25.56 18.82
C ARG D 114 -8.13 26.76 18.74
N LYS D 115 -8.47 27.74 17.90
CA LYS D 115 -7.62 28.90 17.66
C LYS D 115 -7.07 29.44 18.97
N GLY D 116 -5.75 29.66 19.01
CA GLY D 116 -5.08 30.18 20.19
C GLY D 116 -4.64 29.08 21.15
N TYR D 117 -4.74 27.83 20.71
CA TYR D 117 -4.34 26.68 21.50
C TYR D 117 -3.65 25.63 20.63
N HIS D 118 -2.88 24.76 21.28
CA HIS D 118 -2.02 23.78 20.63
C HIS D 118 -1.93 22.52 21.47
N TYR D 119 -1.90 21.35 20.82
CA TYR D 119 -1.41 20.14 21.47
C TYR D 119 0.11 20.09 21.32
N CYS D 120 0.78 19.74 22.43
CA CYS D 120 2.23 19.91 22.49
C CYS D 120 2.86 18.91 23.44
N ALA D 121 3.91 18.25 22.95
CA ALA D 121 4.84 17.50 23.77
C ALA D 121 6.27 17.76 23.28
N VAL D 122 7.25 17.47 24.16
CA VAL D 122 8.65 17.51 23.79
C VAL D 122 9.35 16.29 24.39
N TYR D 123 10.23 15.67 23.58
CA TYR D 123 10.92 14.43 23.92
C TYR D 123 12.42 14.59 23.66
N LEU D 124 13.21 13.77 24.37
CA LEU D 124 14.61 13.57 24.05
C LEU D 124 14.77 12.21 23.37
N LYS D 125 15.24 12.24 22.10
CA LYS D 125 15.24 11.08 21.22
C LYS D 125 16.62 10.44 21.15
N ASP D 126 17.58 11.04 21.88
CA ASP D 126 19.02 10.73 21.77
C ASP D 126 19.25 9.22 21.69
N LYS D 127 18.95 8.50 22.78
CA LYS D 127 19.21 7.07 22.82
C LYS D 127 17.90 6.34 22.53
N GLY D 128 16.97 6.43 23.50
CA GLY D 128 15.59 6.09 23.26
C GLY D 128 14.73 7.35 23.34
N LEU D 129 13.41 7.17 23.43
CA LEU D 129 12.49 8.27 23.61
C LEU D 129 12.30 8.52 25.10
N ASN D 130 12.86 9.63 25.57
CA ASN D 130 12.74 10.07 26.95
C ASN D 130 11.84 11.30 26.96
N PRO D 131 10.75 11.27 27.74
CA PRO D 131 9.75 12.33 27.69
C PRO D 131 10.25 13.53 28.49
N LEU D 132 10.46 14.66 27.81
CA LEU D 132 10.84 15.87 28.50
C LEU D 132 9.58 16.56 29.03
N LYS D 133 8.62 16.83 28.14
CA LYS D 133 7.31 17.33 28.54
C LYS D 133 6.23 16.45 27.91
N GLU D 134 5.31 15.97 28.76
CA GLU D 134 4.23 15.07 28.36
C GLU D 134 3.20 15.85 27.53
N PRO D 135 2.47 15.18 26.60
CA PRO D 135 1.48 15.85 25.76
C PRO D 135 0.43 16.58 26.58
N SER D 136 0.16 17.84 26.24
CA SER D 136 -0.86 18.63 26.89
C SER D 136 -1.21 19.83 26.02
N VAL D 137 -2.29 20.54 26.39
CA VAL D 137 -2.77 21.70 25.66
C VAL D 137 -2.04 22.94 26.16
N VAL D 138 -1.57 23.78 25.22
CA VAL D 138 -0.88 25.01 25.57
C VAL D 138 -1.38 26.16 24.70
N SER D 139 -1.36 27.37 25.27
CA SER D 139 -1.71 28.61 24.60
C SER D 139 -0.59 29.01 23.64
N ASP D 140 -0.93 29.82 22.64
CA ASP D 140 0.01 30.23 21.61
C ASP D 140 1.30 30.77 22.23
N GLU D 141 1.15 31.47 23.36
CA GLU D 141 2.22 32.13 24.07
C GLU D 141 3.05 31.09 24.82
N GLU D 142 2.37 30.14 25.46
CA GLU D 142 3.01 29.14 26.30
C GLU D 142 3.83 28.17 25.46
N LEU D 143 3.45 27.99 24.19
CA LEU D 143 4.21 27.18 23.26
C LEU D 143 5.57 27.84 23.04
N GLU D 144 5.54 29.15 22.76
CA GLU D 144 6.77 29.88 22.45
C GLU D 144 7.71 29.86 23.65
N GLU D 145 7.14 29.89 24.86
CA GLU D 145 7.91 29.83 26.09
C GLU D 145 8.61 28.49 26.20
N ILE D 146 7.89 27.42 25.80
CA ILE D 146 8.39 26.05 25.87
C ILE D 146 9.48 25.84 24.82
N THR D 147 9.27 26.38 23.61
CA THR D 147 10.25 26.32 22.54
C THR D 147 11.56 26.91 23.02
N LYS D 148 11.48 28.11 23.61
CA LYS D 148 12.63 28.86 24.09
C LYS D 148 13.31 28.10 25.21
N GLU D 149 12.52 27.51 26.12
CA GLU D 149 13.05 26.82 27.28
C GLU D 149 13.84 25.58 26.86
N PHE D 150 13.27 24.80 25.92
CA PHE D 150 13.81 23.48 25.62
C PHE D 150 14.79 23.52 24.44
N SER D 151 14.74 24.62 23.65
CA SER D 151 15.65 24.88 22.55
C SER D 151 15.75 23.67 21.63
N PRO D 152 14.62 23.21 21.04
CA PRO D 152 14.55 21.92 20.34
C PRO D 152 15.28 21.88 19.00
N LYS D 153 15.91 20.73 18.72
CA LYS D 153 16.60 20.48 17.48
C LYS D 153 15.57 20.32 16.36
N ILE D 154 14.61 19.43 16.60
CA ILE D 154 13.59 19.12 15.60
C ILE D 154 12.26 19.68 16.08
N VAL D 155 11.56 20.39 15.19
CA VAL D 155 10.20 20.82 15.43
C VAL D 155 9.29 20.14 14.41
N LEU D 156 8.30 19.41 14.92
CA LEU D 156 7.29 18.81 14.07
C LEU D 156 5.95 19.48 14.38
N LYS D 157 5.41 20.23 13.39
CA LYS D 157 4.20 20.97 13.65
C LYS D 157 3.23 20.85 12.48
N ASP D 158 1.94 20.72 12.82
CA ASP D 158 0.79 20.79 11.91
C ASP D 158 0.70 19.56 11.01
N ASP D 159 1.69 19.40 10.12
CA ASP D 159 1.67 18.31 9.14
C ASP D 159 2.65 17.23 9.57
N LEU D 160 2.17 16.29 10.40
CA LEU D 160 3.00 15.29 11.04
C LEU D 160 3.31 14.16 10.06
N LEU D 161 4.47 13.52 10.24
CA LEU D 161 4.84 12.35 9.46
C LEU D 161 4.98 11.15 10.39
N ILE D 162 4.29 10.06 10.02
CA ILE D 162 4.30 8.81 10.75
C ILE D 162 4.65 7.71 9.76
N SER D 163 5.76 7.01 10.03
CA SER D 163 6.19 5.88 9.22
C SER D 163 5.52 4.61 9.71
N PRO D 164 4.71 3.93 8.86
CA PRO D 164 4.02 2.70 9.25
C PRO D 164 4.97 1.64 9.80
N ALA D 165 6.21 1.62 9.27
CA ALA D 165 7.23 0.69 9.73
C ALA D 165 7.53 0.90 11.21
N VAL D 166 7.46 2.16 11.66
CA VAL D 166 7.70 2.54 13.05
C VAL D 166 6.56 2.04 13.93
N LEU D 167 5.33 2.15 13.41
CA LEU D 167 4.13 1.67 14.08
C LEU D 167 4.24 0.17 14.40
N VAL D 168 4.79 -0.59 13.43
CA VAL D 168 4.96 -2.02 13.60
C VAL D 168 6.02 -2.30 14.66
N GLU D 169 7.20 -1.69 14.49
CA GLU D 169 8.33 -1.90 15.39
C GLU D 169 7.88 -1.74 16.83
N GLU D 170 7.03 -0.74 17.07
CA GLU D 170 6.59 -0.38 18.41
C GLU D 170 5.63 -1.43 18.94
N SER D 171 4.79 -1.96 18.05
CA SER D 171 3.81 -2.97 18.44
C SER D 171 4.56 -4.22 18.88
N GLU D 172 5.55 -4.62 18.08
CA GLU D 172 6.44 -5.73 18.36
C GLU D 172 7.15 -5.48 19.68
N ARG D 173 7.65 -4.26 19.87
CA ARG D 173 8.32 -3.92 21.11
C ARG D 173 7.36 -4.11 22.28
N LEU D 174 6.13 -3.60 22.12
CA LEU D 174 5.14 -3.61 23.18
C LEU D 174 4.74 -5.05 23.49
N PHE D 175 4.64 -5.86 22.43
CA PHE D 175 4.34 -7.27 22.58
C PHE D 175 5.43 -7.95 23.41
N ARG D 176 6.70 -7.62 23.12
CA ARG D 176 7.85 -8.25 23.78
C ARG D 176 7.82 -7.93 25.27
N GLU D 177 7.52 -6.66 25.58
CA GLU D 177 7.72 -6.14 26.93
C GLU D 177 6.45 -6.32 27.76
N LYS D 178 5.54 -7.15 27.26
CA LYS D 178 4.30 -7.52 27.93
C LYS D 178 3.53 -6.25 28.32
N LYS D 179 3.26 -5.40 27.32
CA LYS D 179 2.65 -4.10 27.54
C LYS D 179 1.44 -3.92 26.62
N THR D 180 0.95 -5.02 26.06
CA THR D 180 -0.26 -4.99 25.25
C THR D 180 -1.48 -5.18 26.15
N ILE D 181 -2.65 -4.79 25.63
CA ILE D 181 -3.89 -4.77 26.38
C ILE D 181 -4.97 -5.42 25.53
N HIS D 182 -6.15 -5.61 26.12
CA HIS D 182 -7.34 -6.10 25.43
C HIS D 182 -8.04 -4.97 24.71
N TYR D 183 -8.87 -5.32 23.71
CA TYR D 183 -9.59 -4.35 22.91
C TYR D 183 -10.59 -3.56 23.76
N TYR D 184 -10.97 -4.10 24.93
CA TYR D 184 -11.94 -3.46 25.79
C TYR D 184 -11.24 -2.59 26.84
N GLU D 185 -9.93 -2.38 26.68
CA GLU D 185 -9.15 -1.64 27.66
C GLU D 185 -8.69 -0.29 27.09
N ILE D 186 -8.76 -0.13 25.76
CA ILE D 186 -8.24 1.03 25.07
C ILE D 186 -8.81 2.31 25.69
N GLU D 187 -7.93 3.28 25.97
CA GLU D 187 -8.31 4.60 26.46
C GLU D 187 -7.63 5.67 25.60
N PRO D 188 -8.37 6.37 24.72
CA PRO D 188 -7.78 7.36 23.81
C PRO D 188 -7.15 8.52 24.57
N LEU D 189 -6.29 9.29 23.88
CA LEU D 189 -5.80 10.55 24.41
C LEU D 189 -6.62 11.70 23.87
N TYR D 190 -7.67 12.06 24.63
CA TYR D 190 -8.57 13.14 24.27
C TYR D 190 -8.07 14.45 24.89
N LEU D 191 -7.19 15.14 24.17
CA LEU D 191 -6.63 16.38 24.69
C LEU D 191 -7.66 17.50 24.58
N GLN D 192 -8.72 17.26 23.81
CA GLN D 192 -9.77 18.26 23.61
C GLN D 192 -10.60 18.46 24.88
N LYS D 193 -10.28 17.73 25.95
CA LYS D 193 -10.91 17.90 27.25
C LYS D 193 -10.31 19.10 27.96
N SER D 194 -8.97 19.16 27.95
CA SER D 194 -8.22 20.14 28.73
C SER D 194 -8.54 21.55 28.27
N ILE D 195 -8.68 21.70 26.95
CA ILE D 195 -8.71 23.00 26.30
C ILE D 195 -9.91 23.82 26.79
N ALA D 196 -11.05 23.18 27.03
CA ALA D 196 -12.26 23.84 27.50
C ALA D 196 -12.08 24.38 28.92
N GLU D 197 -11.27 23.67 29.71
CA GLU D 197 -11.10 23.93 31.14
C GLU D 197 -10.11 25.08 31.33
N LEU D 198 -9.14 25.21 30.40
CA LEU D 198 -8.13 26.26 30.44
C LEU D 198 -8.73 27.58 29.95
N ASN D 199 -9.63 27.50 28.97
CA ASN D 199 -10.27 28.68 28.40
C ASN D 199 -11.02 29.43 29.51
N TRP D 200 -11.67 28.69 30.40
CA TRP D 200 -12.47 29.25 31.48
C TRP D 200 -11.61 30.09 32.43
N GLU D 201 -10.46 29.53 32.84
CA GLU D 201 -9.59 30.18 33.81
C GLU D 201 -9.02 31.47 33.22
N LYS D 202 -8.60 31.41 31.94
CA LYS D 202 -7.90 32.51 31.30
C LYS D 202 -8.88 33.49 30.68
N LYS D 203 -10.17 33.10 30.60
CA LYS D 203 -11.23 33.97 30.14
C LYS D 203 -11.65 34.89 31.29
N LYS D 204 -11.53 34.35 32.51
CA LYS D 204 -11.90 35.06 33.74
C LYS D 204 -10.79 36.03 34.12
N ARG D 205 -9.53 35.58 34.04
CA ARG D 205 -8.36 36.39 34.36
C ARG D 205 -8.24 37.53 33.34
N MET E 1 -3.86 15.88 -11.25
CA MET E 1 -3.43 15.06 -12.42
C MET E 1 -2.99 13.68 -11.94
N ASN E 2 -2.58 12.82 -12.87
CA ASN E 2 -2.31 11.41 -12.59
C ASN E 2 -0.82 11.15 -12.69
N VAL E 3 -0.23 10.75 -11.57
CA VAL E 3 1.22 10.61 -11.49
C VAL E 3 1.54 9.28 -10.84
N LEU E 4 2.51 8.58 -11.43
CA LEU E 4 3.08 7.35 -10.89
C LEU E 4 4.57 7.58 -10.67
N ALA E 5 5.03 7.41 -9.44
CA ALA E 5 6.45 7.58 -9.17
C ALA E 5 6.95 6.36 -8.41
N LEU E 6 8.22 5.99 -8.62
CA LEU E 6 8.77 4.85 -7.92
C LEU E 6 10.29 4.96 -7.81
N ASP E 7 10.81 4.50 -6.67
CA ASP E 7 12.25 4.44 -6.48
C ASP E 7 12.59 3.07 -5.89
N THR E 8 13.64 2.46 -6.45
CA THR E 8 14.06 1.11 -6.12
C THR E 8 15.53 1.10 -5.66
N SER E 9 16.00 2.26 -5.16
CA SER E 9 17.39 2.49 -4.79
C SER E 9 17.77 1.59 -3.62
N GLN E 10 16.83 1.43 -2.70
CA GLN E 10 16.96 0.45 -1.64
C GLN E 10 15.68 -0.39 -1.65
N ARG E 11 14.79 -0.07 -0.73
CA ARG E 11 13.48 -0.68 -0.71
C ARG E 11 12.68 -0.21 -1.91
N ILE E 12 11.50 -0.83 -2.08
CA ILE E 12 10.59 -0.52 -3.16
C ILE E 12 9.64 0.56 -2.65
N ARG E 13 9.73 1.74 -3.26
CA ARG E 13 8.86 2.85 -2.92
C ARG E 13 8.03 3.23 -4.15
N ILE E 14 6.70 3.18 -4.00
CA ILE E 14 5.80 3.55 -5.08
C ILE E 14 4.78 4.55 -4.58
N GLY E 15 4.73 5.70 -5.26
CA GLY E 15 3.66 6.67 -5.09
C GLY E 15 2.79 6.72 -6.35
N LEU E 16 1.48 6.87 -6.14
CA LEU E 16 0.55 7.03 -7.24
C LEU E 16 -0.49 8.07 -6.85
N ARG E 17 -0.65 9.06 -7.75
CA ARG E 17 -1.63 10.11 -7.57
C ARG E 17 -2.60 10.08 -8.74
N LYS E 18 -3.89 9.96 -8.41
CA LYS E 18 -4.99 10.03 -9.35
C LYS E 18 -5.97 11.09 -8.85
N GLY E 19 -5.95 12.23 -9.53
CA GLY E 19 -6.72 13.40 -9.14
C GLY E 19 -6.41 13.81 -7.71
N GLU E 20 -7.37 13.55 -6.81
CA GLU E 20 -7.33 14.02 -5.44
C GLU E 20 -6.81 12.94 -4.49
N ASP E 21 -6.40 11.79 -5.04
CA ASP E 21 -6.05 10.66 -4.21
C ASP E 21 -4.57 10.33 -4.34
N LEU E 22 -3.87 10.31 -3.19
CA LEU E 22 -2.46 10.00 -3.14
C LEU E 22 -2.23 8.77 -2.26
N PHE E 23 -1.76 7.69 -2.91
CA PHE E 23 -1.42 6.48 -2.20
C PHE E 23 0.10 6.30 -2.20
N GLU E 24 0.61 5.79 -1.08
CA GLU E 24 2.02 5.48 -0.91
C GLU E 24 2.11 4.01 -0.51
N ILE E 25 2.99 3.24 -1.20
CA ILE E 25 3.26 1.86 -0.81
C ILE E 25 4.76 1.64 -0.73
N SER E 26 5.18 0.91 0.31
CA SER E 26 6.57 0.52 0.47
C SER E 26 6.67 -0.96 0.80
N TYR E 27 7.80 -1.57 0.44
CA TYR E 27 8.06 -2.96 0.78
C TYR E 27 9.49 -3.10 1.28
N THR E 28 9.66 -3.98 2.28
CA THR E 28 10.94 -4.40 2.82
C THR E 28 10.82 -5.88 3.21
N GLY E 29 11.57 -6.75 2.55
CA GLY E 29 11.47 -8.19 2.79
C GLY E 29 12.58 -8.99 2.12
N GLU E 30 12.35 -10.30 2.00
CA GLU E 30 13.32 -11.22 1.43
C GLU E 30 13.19 -11.22 -0.09
N LYS E 31 11.94 -11.04 -0.55
CA LYS E 31 11.58 -11.10 -1.96
C LYS E 31 12.35 -10.03 -2.74
N LYS E 32 12.85 -10.41 -3.91
CA LYS E 32 13.65 -9.55 -4.76
C LYS E 32 12.75 -8.53 -5.46
N HIS E 33 13.37 -7.50 -6.02
CA HIS E 33 12.68 -6.40 -6.69
C HIS E 33 11.86 -6.96 -7.85
N ALA E 34 12.53 -7.77 -8.67
CA ALA E 34 11.95 -8.29 -9.89
C ALA E 34 10.68 -9.08 -9.58
N GLU E 35 10.62 -9.68 -8.38
CA GLU E 35 9.48 -10.55 -8.07
C GLU E 35 8.39 -9.82 -7.30
N ILE E 36 8.52 -8.49 -7.11
CA ILE E 36 7.59 -7.83 -6.21
C ILE E 36 7.18 -6.44 -6.72
N LEU E 37 8.07 -5.74 -7.45
CA LEU E 37 7.79 -4.42 -7.99
C LEU E 37 6.62 -4.51 -8.96
N PRO E 38 6.71 -5.29 -10.06
CA PRO E 38 5.63 -5.34 -11.05
C PRO E 38 4.29 -5.75 -10.46
N VAL E 39 4.33 -6.63 -9.44
CA VAL E 39 3.12 -7.20 -8.85
C VAL E 39 2.27 -6.09 -8.23
N VAL E 40 2.96 -5.16 -7.55
CA VAL E 40 2.33 -4.08 -6.82
C VAL E 40 1.85 -2.99 -7.78
N VAL E 41 2.69 -2.60 -8.74
CA VAL E 41 2.34 -1.60 -9.74
C VAL E 41 1.05 -2.02 -10.45
N LYS E 42 0.92 -3.33 -10.73
CA LYS E 42 -0.22 -3.87 -11.45
C LYS E 42 -1.50 -3.71 -10.62
N LYS E 43 -1.44 -4.15 -9.35
CA LYS E 43 -2.59 -4.14 -8.47
C LYS E 43 -3.03 -2.70 -8.17
N LEU E 44 -2.05 -1.83 -7.89
CA LEU E 44 -2.33 -0.46 -7.53
C LEU E 44 -3.01 0.28 -8.68
N LEU E 45 -2.61 -0.05 -9.91
CA LEU E 45 -3.19 0.58 -11.09
C LEU E 45 -4.60 0.05 -11.33
N ASP E 46 -4.79 -1.24 -11.02
CA ASP E 46 -6.09 -1.89 -11.13
C ASP E 46 -7.05 -1.27 -10.12
N GLU E 47 -6.60 -1.11 -8.87
CA GLU E 47 -7.40 -0.62 -7.77
C GLU E 47 -7.86 0.82 -7.99
N LEU E 48 -7.01 1.64 -8.61
CA LEU E 48 -7.37 3.03 -8.84
C LEU E 48 -8.00 3.16 -10.23
N ASP E 49 -8.10 2.03 -10.93
CA ASP E 49 -8.86 1.89 -12.17
C ASP E 49 -8.23 2.66 -13.33
N LEU E 50 -6.92 2.94 -13.26
CA LEU E 50 -6.32 3.79 -14.28
C LEU E 50 -5.31 3.04 -15.13
N LYS E 51 -5.52 3.12 -16.44
CA LYS E 51 -4.59 2.58 -17.44
C LYS E 51 -3.33 3.44 -17.42
N VAL E 52 -2.21 2.86 -17.88
CA VAL E 52 -0.96 3.59 -17.92
C VAL E 52 -1.10 4.79 -18.86
N LYS E 53 -1.85 4.61 -19.95
CA LYS E 53 -2.03 5.64 -20.97
C LYS E 53 -2.72 6.87 -20.38
N ASP E 54 -3.32 6.69 -19.20
CA ASP E 54 -4.01 7.77 -18.50
C ASP E 54 -3.04 8.54 -17.60
N LEU E 55 -1.75 8.18 -17.61
CA LEU E 55 -0.77 8.83 -16.76
C LEU E 55 -0.23 10.09 -17.44
N ASP E 56 -0.01 11.14 -16.63
CA ASP E 56 0.50 12.41 -17.10
C ASP E 56 2.04 12.37 -17.09
N VAL E 57 2.62 11.78 -16.04
CA VAL E 57 4.06 11.69 -15.90
C VAL E 57 4.40 10.52 -14.97
N VAL E 58 5.54 9.89 -15.22
CA VAL E 58 6.02 8.79 -14.40
C VAL E 58 7.42 9.08 -13.88
N GLY E 59 7.54 9.17 -12.56
CA GLY E 59 8.80 9.43 -11.89
C GLY E 59 9.53 8.13 -11.55
N VAL E 60 10.85 8.15 -11.71
CA VAL E 60 11.69 6.98 -11.44
C VAL E 60 12.96 7.42 -10.71
N GLY E 61 13.25 6.71 -9.62
CA GLY E 61 14.51 6.86 -8.89
C GLY E 61 15.66 6.28 -9.69
N ILE E 62 16.67 7.12 -9.98
CA ILE E 62 17.83 6.72 -10.75
C ILE E 62 19.09 6.92 -9.89
N GLY E 63 18.96 7.77 -8.87
CA GLY E 63 20.07 8.25 -8.07
C GLY E 63 20.82 7.13 -7.37
N PRO E 64 21.89 7.43 -6.59
CA PRO E 64 22.84 6.40 -6.16
C PRO E 64 22.09 5.34 -5.35
N GLY E 65 22.26 4.08 -5.77
CA GLY E 65 21.60 2.96 -5.11
C GLY E 65 22.16 1.63 -5.56
N GLY E 66 21.50 0.55 -5.12
CA GLY E 66 21.86 -0.81 -5.50
C GLY E 66 21.59 -1.05 -6.98
N LEU E 67 22.65 -1.41 -7.70
CA LEU E 67 22.64 -1.57 -9.14
C LEU E 67 21.42 -2.38 -9.61
N THR E 68 21.25 -3.58 -9.05
CA THR E 68 20.21 -4.50 -9.51
C THR E 68 18.83 -3.97 -9.15
N GLY E 69 18.73 -3.24 -8.03
CA GLY E 69 17.53 -2.51 -7.67
C GLY E 69 17.16 -1.45 -8.72
N LEU E 70 18.12 -0.58 -9.06
CA LEU E 70 17.92 0.50 -10.01
C LEU E 70 17.56 -0.06 -11.39
N ARG E 71 18.16 -1.20 -11.74
CA ARG E 71 17.99 -1.82 -13.04
C ARG E 71 16.55 -2.28 -13.20
N VAL E 72 16.07 -3.08 -12.23
CA VAL E 72 14.69 -3.55 -12.18
C VAL E 72 13.75 -2.35 -12.31
N GLY E 73 14.00 -1.32 -11.48
CA GLY E 73 13.26 -0.07 -11.52
C GLY E 73 13.17 0.55 -12.92
N ILE E 74 14.32 1.04 -13.42
CA ILE E 74 14.33 1.83 -14.64
C ILE E 74 13.72 1.02 -15.78
N ALA E 75 14.10 -0.26 -15.84
CA ALA E 75 13.56 -1.16 -16.86
C ALA E 75 12.03 -1.16 -16.79
N THR E 76 11.50 -1.41 -15.58
CA THR E 76 10.06 -1.47 -15.38
C THR E 76 9.41 -0.26 -16.04
N VAL E 77 9.91 0.93 -15.70
CA VAL E 77 9.33 2.18 -16.18
C VAL E 77 9.42 2.22 -17.70
N VAL E 78 10.56 1.78 -18.25
CA VAL E 78 10.79 1.78 -19.68
C VAL E 78 9.68 0.97 -20.36
N GLY E 79 9.34 -0.17 -19.77
CA GLY E 79 8.30 -1.04 -20.29
C GLY E 79 6.93 -0.37 -20.28
N LEU E 80 6.64 0.34 -19.19
CA LEU E 80 5.33 0.92 -18.93
C LEU E 80 5.03 2.05 -19.92
N VAL E 81 6.03 2.89 -20.17
CA VAL E 81 5.79 4.16 -20.85
C VAL E 81 6.15 4.10 -22.33
N SER E 82 6.94 3.09 -22.72
CA SER E 82 7.41 2.97 -24.10
C SER E 82 6.24 2.97 -25.09
N PRO E 83 5.12 2.26 -24.84
CA PRO E 83 4.00 2.22 -25.77
C PRO E 83 3.26 3.55 -25.98
N TYR E 84 3.56 4.56 -25.17
CA TYR E 84 2.78 5.79 -25.17
C TYR E 84 3.67 7.04 -25.12
N ASP E 85 4.98 6.83 -24.95
CA ASP E 85 5.95 7.90 -24.78
C ASP E 85 5.45 8.89 -23.71
N ILE E 86 5.23 8.37 -22.49
CA ILE E 86 4.80 9.21 -21.38
C ILE E 86 6.03 9.95 -20.86
N PRO E 87 5.93 11.27 -20.57
CA PRO E 87 6.99 12.00 -19.88
C PRO E 87 7.53 11.29 -18.63
N VAL E 88 8.85 11.13 -18.58
CA VAL E 88 9.54 10.47 -17.49
C VAL E 88 10.26 11.53 -16.65
N ALA E 89 10.09 11.44 -15.32
CA ALA E 89 10.76 12.35 -14.41
C ALA E 89 11.88 11.62 -13.68
N PRO E 90 13.15 11.84 -14.05
CA PRO E 90 14.28 11.20 -13.37
C PRO E 90 14.43 11.80 -11.98
N LEU E 91 14.47 10.96 -10.95
CA LEU E 91 14.58 11.45 -9.59
C LEU E 91 15.93 11.05 -8.99
N ASN E 92 16.60 12.02 -8.37
CA ASN E 92 17.82 11.75 -7.63
C ASN E 92 17.45 11.13 -6.27
N SER E 93 17.87 9.88 -6.08
CA SER E 93 17.44 9.08 -4.95
C SER E 93 17.92 9.68 -3.62
N PHE E 94 19.14 10.22 -3.63
CA PHE E 94 19.73 10.83 -2.45
C PHE E 94 18.98 12.10 -2.08
N GLU E 95 18.54 12.84 -3.10
CA GLU E 95 17.77 14.06 -2.94
C GLU E 95 16.39 13.71 -2.37
N MET E 96 15.84 12.60 -2.84
CA MET E 96 14.52 12.17 -2.42
C MET E 96 14.57 11.77 -0.94
N THR E 97 15.73 11.23 -0.53
CA THR E 97 15.92 10.77 0.83
C THR E 97 15.89 11.97 1.78
N ALA E 98 16.69 12.99 1.43
CA ALA E 98 16.85 14.20 2.23
C ALA E 98 15.50 14.91 2.33
N LYS E 99 14.82 15.05 1.18
CA LYS E 99 13.56 15.78 1.09
C LYS E 99 12.47 15.04 1.87
N SER E 100 12.72 13.77 2.22
CA SER E 100 11.73 12.92 2.84
C SER E 100 11.75 13.11 4.36
N CYS E 101 12.84 13.69 4.86
CA CYS E 101 13.03 13.99 6.27
C CYS E 101 12.13 15.16 6.65
N PRO E 102 11.43 15.13 7.80
CA PRO E 102 10.54 16.23 8.21
C PRO E 102 11.26 17.52 8.62
N ALA E 103 12.25 17.39 9.51
CA ALA E 103 13.03 18.52 9.99
C ALA E 103 13.81 19.16 8.83
N ASP E 104 14.22 20.42 9.01
CA ASP E 104 15.00 21.13 8.00
C ASP E 104 16.44 21.25 8.47
N GLY E 105 17.29 21.78 7.58
CA GLY E 105 18.65 22.10 7.95
C GLY E 105 19.69 21.35 7.12
N VAL E 106 20.87 21.16 7.72
CA VAL E 106 21.99 20.51 7.07
C VAL E 106 21.86 19.02 7.30
N VAL E 107 21.74 18.28 6.19
CA VAL E 107 21.44 16.88 6.20
C VAL E 107 22.52 16.13 5.41
N LEU E 108 23.11 15.12 6.07
CA LEU E 108 24.07 14.24 5.44
C LEU E 108 23.39 12.92 5.08
N VAL E 109 23.56 12.52 3.82
CA VAL E 109 23.06 11.25 3.31
C VAL E 109 24.28 10.36 3.05
N ALA E 110 24.33 9.19 3.70
CA ALA E 110 25.50 8.33 3.64
C ALA E 110 25.08 6.86 3.59
N ARG E 111 25.47 6.16 2.51
CA ARG E 111 25.24 4.73 2.41
C ARG E 111 26.57 3.97 2.26
N ARG E 112 26.61 2.80 2.90
CA ARG E 112 27.74 1.88 2.88
C ARG E 112 28.00 1.41 1.46
N ALA E 113 29.28 1.19 1.15
CA ALA E 113 29.71 0.46 -0.02
C ALA E 113 30.75 -0.57 0.42
N ARG E 114 31.46 -1.16 -0.55
CA ARG E 114 32.40 -2.24 -0.29
C ARG E 114 33.56 -1.73 0.57
N LYS E 115 33.78 -2.43 1.69
CA LYS E 115 34.99 -2.35 2.52
C LYS E 115 35.40 -0.90 2.75
N GLY E 116 34.73 -0.25 3.70
CA GLY E 116 35.15 1.06 4.17
C GLY E 116 35.19 2.15 3.10
N TYR E 117 34.18 2.15 2.23
CA TYR E 117 33.92 3.26 1.31
C TYR E 117 32.44 3.62 1.42
N HIS E 118 32.06 4.82 0.97
CA HIS E 118 30.70 5.31 1.14
C HIS E 118 30.24 6.12 -0.07
N TYR E 119 28.95 6.01 -0.39
CA TYR E 119 28.27 7.02 -1.19
C TYR E 119 27.83 8.14 -0.25
N CYS E 120 28.04 9.39 -0.66
CA CYS E 120 27.80 10.48 0.27
C CYS E 120 27.46 11.80 -0.45
N ALA E 121 26.48 12.50 0.15
CA ALA E 121 26.10 13.86 -0.21
C ALA E 121 25.56 14.54 1.03
N VAL E 122 25.57 15.88 1.02
CA VAL E 122 24.99 16.65 2.10
C VAL E 122 24.31 17.88 1.52
N TYR E 123 23.15 18.25 2.08
CA TYR E 123 22.29 19.28 1.53
C TYR E 123 21.85 20.27 2.61
N LEU E 124 21.22 21.36 2.15
CA LEU E 124 20.53 22.30 3.02
C LEU E 124 19.05 22.28 2.66
N LYS E 125 18.19 22.04 3.66
CA LYS E 125 16.80 21.73 3.38
C LYS E 125 15.89 22.85 3.90
N ASP E 126 16.06 24.08 3.40
CA ASP E 126 15.26 25.21 3.87
C ASP E 126 13.84 25.09 3.32
N LYS E 127 13.73 25.20 2.00
CA LYS E 127 12.44 25.17 1.32
C LYS E 127 12.45 24.01 0.33
N GLY E 128 13.49 24.00 -0.50
CA GLY E 128 13.95 22.82 -1.22
C GLY E 128 15.44 22.64 -0.95
N LEU E 129 15.92 21.39 -1.04
CA LEU E 129 17.31 21.14 -0.71
C LEU E 129 18.23 21.88 -1.67
N ASN E 130 19.26 22.50 -1.09
CA ASN E 130 20.39 23.02 -1.84
C ASN E 130 21.59 22.14 -1.53
N PRO E 131 22.34 21.68 -2.55
CA PRO E 131 23.44 20.73 -2.33
C PRO E 131 24.68 21.44 -1.80
N LEU E 132 25.12 21.02 -0.60
CA LEU E 132 26.34 21.53 0.00
C LEU E 132 27.52 20.76 -0.58
N LYS E 133 27.34 19.44 -0.73
CA LYS E 133 28.34 18.57 -1.29
C LYS E 133 27.63 17.60 -2.23
N GLU E 134 28.08 17.54 -3.50
CA GLU E 134 27.47 16.71 -4.52
C GLU E 134 27.70 15.24 -4.18
N PRO E 135 26.78 14.31 -4.56
CA PRO E 135 26.95 12.88 -4.26
C PRO E 135 28.22 12.33 -4.90
N SER E 136 29.07 11.70 -4.08
CA SER E 136 30.26 11.00 -4.58
C SER E 136 30.74 9.99 -3.55
N VAL E 137 31.71 9.16 -3.97
CA VAL E 137 32.28 8.14 -3.11
C VAL E 137 33.26 8.81 -2.17
N VAL E 138 33.35 8.29 -0.93
CA VAL E 138 34.34 8.74 0.02
C VAL E 138 34.82 7.53 0.81
N SER E 139 35.99 7.67 1.45
CA SER E 139 36.53 6.67 2.34
C SER E 139 35.84 6.78 3.70
N ASP E 140 36.16 5.85 4.61
CA ASP E 140 35.61 5.82 5.95
C ASP E 140 36.06 7.06 6.72
N GLU E 141 37.30 7.47 6.48
CA GLU E 141 37.93 8.57 7.17
C GLU E 141 37.47 9.90 6.56
N GLU E 142 37.25 9.92 5.24
CA GLU E 142 36.88 11.13 4.54
C GLU E 142 35.45 11.54 4.87
N LEU E 143 34.61 10.53 5.18
CA LEU E 143 33.25 10.77 5.65
C LEU E 143 33.30 11.47 7.01
N GLU E 144 34.14 10.96 7.92
CA GLU E 144 34.26 11.51 9.26
C GLU E 144 34.71 12.97 9.18
N GLU E 145 35.64 13.26 8.27
CA GLU E 145 36.11 14.62 8.02
C GLU E 145 34.94 15.49 7.56
N ILE E 146 34.11 14.95 6.66
CA ILE E 146 32.99 15.68 6.10
C ILE E 146 31.95 15.90 7.19
N THR E 147 31.85 14.94 8.11
CA THR E 147 30.89 15.00 9.22
C THR E 147 31.21 16.18 10.13
N LYS E 148 32.49 16.36 10.47
CA LYS E 148 32.84 17.39 11.45
C LYS E 148 32.92 18.77 10.81
N GLU E 149 33.25 18.82 9.51
CA GLU E 149 33.31 20.08 8.78
C GLU E 149 31.92 20.72 8.79
N PHE E 150 30.89 19.93 8.50
CA PHE E 150 29.56 20.44 8.24
C PHE E 150 28.66 20.36 9.47
N SER E 151 29.07 19.57 10.46
CA SER E 151 28.30 19.37 11.69
C SER E 151 26.81 19.23 11.33
N PRO E 152 26.41 18.12 10.68
CA PRO E 152 25.04 17.98 10.16
C PRO E 152 24.05 17.79 11.29
N LYS E 153 22.82 18.27 11.07
CA LYS E 153 21.75 18.14 12.04
C LYS E 153 21.13 16.75 11.90
N ILE E 154 20.80 16.39 10.65
CA ILE E 154 20.21 15.11 10.32
C ILE E 154 21.27 14.28 9.61
N VAL E 155 21.45 13.03 10.06
CA VAL E 155 22.36 12.11 9.42
C VAL E 155 21.60 10.84 9.02
N LEU E 156 21.43 10.67 7.71
CA LEU E 156 20.73 9.52 7.16
C LEU E 156 21.77 8.53 6.65
N LYS E 157 21.97 7.45 7.43
CA LYS E 157 23.07 6.52 7.22
C LYS E 157 22.51 5.11 7.05
N ASP E 158 22.78 4.51 5.89
CA ASP E 158 22.59 3.08 5.61
C ASP E 158 21.12 2.76 5.34
N ASP E 159 20.24 3.20 6.24
CA ASP E 159 18.83 2.83 6.22
C ASP E 159 17.99 4.00 5.72
N LEU E 160 18.20 4.39 4.45
CA LEU E 160 17.67 5.63 3.88
C LEU E 160 16.15 5.49 3.65
N LEU E 161 15.42 6.55 4.03
CA LEU E 161 13.97 6.48 4.10
C LEU E 161 13.36 7.50 3.15
N ILE E 162 12.63 7.00 2.15
CA ILE E 162 12.04 7.82 1.10
C ILE E 162 10.53 7.72 1.17
N SER E 163 9.86 8.87 1.30
CA SER E 163 8.41 8.88 1.26
C SER E 163 7.96 8.95 -0.20
N PRO E 164 7.11 8.02 -0.65
CA PRO E 164 6.63 8.04 -2.04
C PRO E 164 5.87 9.31 -2.40
N ALA E 165 5.27 9.97 -1.40
CA ALA E 165 4.60 11.25 -1.59
C ALA E 165 5.58 12.25 -2.19
N VAL E 166 6.80 12.32 -1.59
CA VAL E 166 7.88 13.18 -2.06
C VAL E 166 8.15 12.91 -3.55
N LEU E 167 8.21 11.62 -3.91
CA LEU E 167 8.52 11.20 -5.27
C LEU E 167 7.49 11.79 -6.23
N VAL E 168 6.22 11.78 -5.79
CA VAL E 168 5.11 12.25 -6.62
C VAL E 168 5.27 13.76 -6.82
N GLU E 169 5.45 14.49 -5.70
CA GLU E 169 5.60 15.93 -5.74
C GLU E 169 6.67 16.30 -6.75
N GLU E 170 7.85 15.67 -6.61
CA GLU E 170 9.01 15.99 -7.42
C GLU E 170 8.71 15.78 -8.90
N SER E 171 8.03 14.68 -9.21
CA SER E 171 7.65 14.41 -10.58
C SER E 171 6.77 15.54 -11.10
N GLU E 172 5.73 15.87 -10.32
CA GLU E 172 4.79 16.93 -10.66
C GLU E 172 5.56 18.20 -10.97
N ARG E 173 6.54 18.50 -10.10
CA ARG E 173 7.36 19.70 -10.19
C ARG E 173 8.17 19.69 -11.47
N LEU E 174 8.75 18.52 -11.79
CA LEU E 174 9.63 18.36 -12.93
C LEU E 174 8.82 18.43 -14.22
N PHE E 175 7.59 17.91 -14.19
CA PHE E 175 6.66 18.04 -15.31
C PHE E 175 6.32 19.51 -15.55
N ARG E 176 6.09 20.25 -14.46
CA ARG E 176 5.69 21.64 -14.58
C ARG E 176 6.83 22.43 -15.20
N GLU E 177 8.04 22.22 -14.68
CA GLU E 177 9.19 23.07 -14.99
C GLU E 177 9.87 22.59 -16.28
N LYS E 178 9.16 21.75 -17.04
CA LYS E 178 9.58 21.24 -18.35
C LYS E 178 11.00 20.68 -18.27
N LYS E 179 11.22 19.76 -17.31
CA LYS E 179 12.53 19.15 -17.11
C LYS E 179 12.39 17.63 -17.13
N THR E 180 11.35 17.13 -17.83
CA THR E 180 11.12 15.69 -17.97
C THR E 180 11.84 15.19 -19.23
N ILE E 181 12.08 13.88 -19.28
CA ILE E 181 12.86 13.26 -20.34
C ILE E 181 12.05 12.11 -20.95
N HIS E 182 12.50 11.64 -22.12
CA HIS E 182 11.94 10.46 -22.75
C HIS E 182 12.50 9.22 -22.05
N TYR E 183 11.93 8.05 -22.38
CA TYR E 183 12.33 6.80 -21.74
C TYR E 183 13.67 6.33 -22.30
N TYR E 184 14.04 6.89 -23.46
CA TYR E 184 15.27 6.47 -24.13
C TYR E 184 16.42 7.43 -23.80
N GLU E 185 16.23 8.27 -22.78
CA GLU E 185 17.24 9.26 -22.44
C GLU E 185 17.72 9.05 -21.00
N ILE E 186 17.23 7.99 -20.34
CA ILE E 186 17.49 7.80 -18.92
C ILE E 186 18.97 7.49 -18.72
N GLU E 187 19.61 8.21 -17.79
CA GLU E 187 20.99 7.99 -17.43
C GLU E 187 21.08 7.77 -15.92
N PRO E 188 21.38 6.54 -15.46
CA PRO E 188 21.51 6.24 -14.03
C PRO E 188 22.72 6.88 -13.37
N LEU E 189 22.74 6.87 -12.02
CA LEU E 189 23.91 7.28 -11.26
C LEU E 189 24.70 6.06 -10.80
N TYR E 190 25.77 5.80 -11.55
CA TYR E 190 26.63 4.65 -11.44
CA TYR E 190 26.59 4.61 -11.37
C TYR E 190 27.80 4.97 -10.52
N LEU E 191 27.51 5.35 -9.27
CA LEU E 191 28.54 5.85 -8.38
C LEU E 191 29.56 4.76 -8.02
N GLN E 192 29.15 3.50 -8.19
CA GLN E 192 29.91 2.33 -7.79
C GLN E 192 31.22 2.23 -8.57
N LYS E 193 31.15 2.54 -9.87
CA LYS E 193 32.27 2.31 -10.78
C LYS E 193 33.55 2.92 -10.19
N SER E 194 33.41 4.15 -9.68
CA SER E 194 34.49 4.94 -9.15
C SER E 194 35.32 4.15 -8.14
N ILE E 195 34.65 3.45 -7.21
CA ILE E 195 35.28 2.85 -6.04
C ILE E 195 36.58 2.14 -6.40
N ALA E 196 36.58 1.40 -7.53
CA ALA E 196 37.74 0.65 -7.97
C ALA E 196 38.91 1.58 -8.24
N GLU E 197 38.64 2.66 -8.99
CA GLU E 197 39.62 3.64 -9.47
C GLU E 197 40.23 4.42 -8.30
N LEU E 198 39.41 4.70 -7.28
CA LEU E 198 39.78 5.54 -6.15
C LEU E 198 40.65 4.75 -5.18
N ASN E 199 40.45 3.42 -5.16
CA ASN E 199 41.25 2.50 -4.36
C ASN E 199 42.69 2.52 -4.85
N TRP E 200 42.86 2.32 -6.17
CA TRP E 200 44.13 2.39 -6.86
C TRP E 200 44.82 3.72 -6.54
N GLU E 201 44.10 4.83 -6.78
CA GLU E 201 44.64 6.16 -6.54
C GLU E 201 44.29 6.61 -5.13
N GLN F 22 -11.07 42.08 25.72
CA GLN F 22 -11.60 43.21 24.89
C GLN F 22 -13.11 43.31 25.05
N LYS F 23 -13.65 44.50 24.78
CA LYS F 23 -15.07 44.76 24.97
C LYS F 23 -15.70 45.07 23.61
N MET F 24 -16.71 44.25 23.25
CA MET F 24 -17.36 44.31 21.95
C MET F 24 -18.22 45.57 21.85
N ARG F 25 -18.31 46.11 20.63
CA ARG F 25 -19.26 47.15 20.30
C ARG F 25 -20.65 46.53 20.17
N HIS F 26 -21.58 47.01 21.02
CA HIS F 26 -22.99 46.62 20.99
C HIS F 26 -23.67 47.38 19.87
N LEU F 27 -24.50 46.68 19.10
CA LEU F 27 -25.29 47.28 18.03
C LEU F 27 -26.76 46.92 18.23
N ARG F 28 -27.51 47.82 18.87
CA ARG F 28 -28.90 47.60 19.21
C ARG F 28 -29.78 47.72 17.97
N PHE F 29 -30.90 46.98 17.97
CA PHE F 29 -31.88 47.00 16.89
C PHE F 29 -33.26 46.79 17.51
N GLU F 30 -34.14 47.80 17.39
CA GLU F 30 -35.45 47.74 18.00
C GLU F 30 -36.54 47.54 16.95
N ASN F 31 -37.48 46.64 17.26
CA ASN F 31 -38.69 46.39 16.48
C ASN F 31 -38.33 46.00 15.05
N LEU F 32 -37.73 44.81 14.88
CA LEU F 32 -37.49 44.25 13.56
C LEU F 32 -38.63 43.29 13.25
N THR F 33 -39.05 43.30 11.98
CA THR F 33 -39.99 42.34 11.45
C THR F 33 -39.27 41.00 11.23
N GLU F 34 -40.01 39.97 10.83
CA GLU F 34 -39.42 38.67 10.61
C GLU F 34 -38.37 38.77 9.50
N GLU F 35 -38.74 39.42 8.39
CA GLU F 35 -37.88 39.48 7.22
C GLU F 35 -36.69 40.40 7.49
N GLN F 36 -36.91 41.47 8.25
CA GLN F 36 -35.84 42.38 8.65
C GLN F 36 -34.81 41.64 9.49
N LEU F 37 -35.30 40.76 10.38
CA LEU F 37 -34.43 39.97 11.25
C LEU F 37 -33.64 38.98 10.40
N LYS F 38 -34.31 38.37 9.42
CA LYS F 38 -33.65 37.43 8.52
C LYS F 38 -32.55 38.17 7.75
N ARG F 39 -32.92 39.33 7.20
CA ARG F 39 -32.00 40.09 6.37
C ARG F 39 -30.75 40.44 7.15
N LEU F 40 -30.92 40.73 8.44
CA LEU F 40 -29.79 41.07 9.30
C LEU F 40 -28.86 39.86 9.40
N ALA F 41 -29.46 38.69 9.64
CA ALA F 41 -28.73 37.44 9.77
C ALA F 41 -27.87 37.20 8.54
N LYS F 42 -28.44 37.47 7.37
CA LYS F 42 -27.77 37.41 6.07
C LYS F 42 -26.58 38.37 6.05
N ILE F 43 -26.85 39.63 6.39
CA ILE F 43 -25.85 40.68 6.33
C ILE F 43 -24.65 40.24 7.18
N LEU F 44 -24.90 39.83 8.43
CA LEU F 44 -23.83 39.43 9.33
C LEU F 44 -23.00 38.33 8.67
N THR F 45 -23.65 37.23 8.29
CA THR F 45 -22.98 35.97 7.99
C THR F 45 -22.25 36.04 6.64
N GLU F 46 -22.79 36.79 5.68
CA GLU F 46 -22.16 36.94 4.38
C GLU F 46 -20.89 37.77 4.54
N ASN F 47 -20.75 38.44 5.68
CA ASN F 47 -19.72 39.45 5.87
C ASN F 47 -18.62 38.98 6.80
N LEU F 48 -18.80 37.83 7.45
CA LEU F 48 -17.74 37.29 8.28
C LEU F 48 -16.86 36.35 7.46
N LYS F 49 -15.65 36.11 7.97
CA LYS F 49 -14.69 35.22 7.34
C LYS F 49 -14.89 33.83 7.92
N GLY F 50 -13.86 32.98 7.84
CA GLY F 50 -13.98 31.60 8.29
C GLY F 50 -13.58 31.38 9.75
N GLY F 51 -14.35 30.54 10.45
CA GLY F 51 -13.97 30.00 11.74
C GLY F 51 -14.51 30.80 12.92
N GLU F 52 -15.71 31.37 12.75
CA GLU F 52 -16.31 32.25 13.72
C GLU F 52 -17.39 31.49 14.49
N VAL F 53 -17.58 31.85 15.76
CA VAL F 53 -18.63 31.30 16.61
C VAL F 53 -19.70 32.37 16.79
N VAL F 54 -20.97 31.99 16.58
CA VAL F 54 -22.09 32.91 16.77
C VAL F 54 -23.04 32.34 17.83
N ILE F 55 -23.01 32.96 19.03
CA ILE F 55 -23.84 32.62 20.17
C ILE F 55 -25.19 33.31 20.02
N LEU F 56 -26.27 32.53 19.90
CA LEU F 56 -27.62 33.07 19.91
C LEU F 56 -28.23 32.90 21.30
N SER F 57 -28.45 34.03 21.98
CA SER F 57 -29.19 34.07 23.23
C SER F 57 -30.61 34.53 22.93
N GLY F 58 -31.58 33.92 23.62
CA GLY F 58 -32.99 34.19 23.45
C GLY F 58 -33.82 33.12 24.17
N ASN F 59 -34.98 33.51 24.69
CA ASN F 59 -35.86 32.55 25.35
C ASN F 59 -36.77 31.92 24.32
N LEU F 60 -37.50 30.87 24.75
CA LEU F 60 -38.49 30.24 23.90
C LEU F 60 -39.26 31.31 23.14
N GLY F 61 -39.44 31.07 21.83
CA GLY F 61 -40.32 31.90 21.03
C GLY F 61 -39.59 33.06 20.36
N ALA F 62 -38.46 33.48 20.94
CA ALA F 62 -37.59 34.45 20.28
C ALA F 62 -37.02 33.79 19.03
N GLY F 63 -36.85 34.55 17.95
CA GLY F 63 -36.43 33.97 16.69
C GLY F 63 -34.97 33.54 16.68
N LYS F 64 -34.63 32.53 17.49
CA LYS F 64 -33.28 31.98 17.50
C LYS F 64 -33.09 31.18 16.22
N THR F 65 -34.03 30.29 15.93
CA THR F 65 -33.91 29.36 14.84
C THR F 65 -34.26 30.04 13.51
N THR F 66 -35.20 31.00 13.55
CA THR F 66 -35.59 31.68 12.32
C THR F 66 -34.54 32.70 11.92
N PHE F 67 -33.64 33.02 12.85
CA PHE F 67 -32.47 33.84 12.56
C PHE F 67 -31.53 33.04 11.67
N VAL F 68 -31.37 31.76 12.00
CA VAL F 68 -30.50 30.86 11.26
C VAL F 68 -31.06 30.64 9.85
N LYS F 69 -32.39 30.70 9.70
CA LYS F 69 -33.01 30.73 8.38
C LYS F 69 -32.35 31.85 7.57
N GLY F 70 -32.34 33.05 8.14
CA GLY F 70 -31.74 34.21 7.50
C GLY F 70 -30.25 34.01 7.22
N MET F 71 -29.59 33.26 8.09
CA MET F 71 -28.15 33.02 8.02
C MET F 71 -27.81 32.16 6.80
N ILE F 72 -28.67 31.18 6.50
CA ILE F 72 -28.37 30.18 5.49
C ILE F 72 -28.45 30.82 4.10
N ARG F 73 -29.10 31.99 4.01
CA ARG F 73 -29.22 32.72 2.77
C ARG F 73 -27.84 33.10 2.24
N ALA F 74 -26.90 33.33 3.18
CA ALA F 74 -25.57 33.81 2.86
C ALA F 74 -24.69 32.69 2.32
N ILE F 75 -25.11 31.43 2.53
CA ILE F 75 -24.35 30.29 2.04
C ILE F 75 -25.08 29.64 0.87
N GLY F 76 -26.01 30.40 0.26
CA GLY F 76 -26.65 30.04 -0.99
C GLY F 76 -27.39 28.70 -0.94
N LEU F 77 -28.07 28.44 0.18
CA LEU F 77 -28.90 27.26 0.36
C LEU F 77 -30.34 27.71 0.58
N ASP F 78 -31.26 26.75 0.56
CA ASP F 78 -32.66 27.05 0.81
C ASP F 78 -32.87 27.22 2.31
N GLU F 79 -33.80 28.11 2.67
CA GLU F 79 -34.23 28.32 4.04
C GLU F 79 -34.95 27.06 4.54
N LYS F 80 -35.51 26.31 3.60
CA LYS F 80 -36.34 25.16 3.91
C LYS F 80 -35.55 24.10 4.67
N MET F 81 -34.22 24.07 4.50
CA MET F 81 -33.46 23.00 5.09
C MET F 81 -32.99 23.35 6.51
N VAL F 82 -33.08 24.64 6.86
CA VAL F 82 -32.92 25.02 8.26
C VAL F 82 -34.14 24.53 9.03
N LYS F 83 -33.87 23.72 10.06
CA LYS F 83 -34.89 23.15 10.93
C LYS F 83 -34.33 23.15 12.35
N SER F 84 -35.22 23.06 13.35
CA SER F 84 -34.78 23.09 14.73
C SER F 84 -33.88 21.89 15.05
N PRO F 85 -32.69 22.11 15.66
CA PRO F 85 -31.83 21.02 16.08
C PRO F 85 -32.10 20.54 17.50
N THR F 86 -33.26 20.93 18.06
CA THR F 86 -33.58 20.64 19.44
C THR F 86 -33.33 19.17 19.75
N PHE F 87 -33.70 18.29 18.80
CA PHE F 87 -33.60 16.86 18.98
C PHE F 87 -32.39 16.31 18.22
N THR F 88 -32.09 16.88 17.06
CA THR F 88 -31.01 16.40 16.20
C THR F 88 -29.65 16.77 16.80
N LEU F 89 -29.67 17.74 17.73
CA LEU F 89 -28.55 18.27 18.48
C LEU F 89 -27.62 19.12 17.63
N MET F 90 -27.34 18.66 16.40
CA MET F 90 -26.46 19.37 15.49
C MET F 90 -26.97 19.21 14.07
N ASN F 91 -27.08 20.33 13.35
CA ASN F 91 -27.30 20.28 11.91
C ASN F 91 -26.09 20.93 11.25
N VAL F 92 -25.63 20.33 10.14
CA VAL F 92 -24.58 20.94 9.34
C VAL F 92 -25.12 21.22 7.94
N TYR F 93 -25.01 22.49 7.53
CA TYR F 93 -25.47 22.92 6.21
C TYR F 93 -24.25 23.21 5.33
N PRO F 94 -23.88 22.31 4.39
CA PRO F 94 -22.67 22.48 3.58
C PRO F 94 -22.93 23.35 2.35
N GLY F 95 -22.56 24.63 2.45
CA GLY F 95 -22.77 25.58 1.37
C GLY F 95 -21.49 26.29 0.97
N LEU F 96 -21.64 27.50 0.44
CA LEU F 96 -20.52 28.37 0.12
C LEU F 96 -19.59 28.45 1.33
N LYS F 97 -20.18 28.30 2.51
CA LYS F 97 -19.47 28.02 3.74
C LYS F 97 -20.30 27.05 4.57
N THR F 98 -19.63 26.25 5.38
CA THR F 98 -20.33 25.24 6.17
C THR F 98 -20.83 25.87 7.47
N ILE F 99 -22.13 25.74 7.72
CA ILE F 99 -22.75 26.23 8.95
C ILE F 99 -23.02 25.05 9.89
N TYR F 100 -22.51 25.16 11.12
CA TYR F 100 -22.83 24.22 12.18
C TYR F 100 -23.89 24.83 13.10
N HIS F 101 -25.08 24.24 13.09
CA HIS F 101 -26.22 24.75 13.84
C HIS F 101 -26.43 23.90 15.10
N LEU F 102 -26.04 24.45 16.26
CA LEU F 102 -26.16 23.78 17.55
C LEU F 102 -27.44 24.21 18.26
N ASP F 103 -27.98 23.31 19.08
CA ASP F 103 -29.10 23.60 19.94
C ASP F 103 -28.90 22.87 21.26
N LEU F 104 -28.47 23.62 22.27
CA LEU F 104 -28.01 23.03 23.53
C LEU F 104 -29.18 22.77 24.48
N TYR F 105 -30.42 22.95 23.98
CA TYR F 105 -31.63 22.83 24.78
C TYR F 105 -31.67 21.48 25.49
N ARG F 106 -31.40 20.41 24.73
CA ARG F 106 -31.63 19.06 25.21
C ARG F 106 -30.30 18.34 25.46
N LEU F 107 -29.21 19.11 25.57
CA LEU F 107 -27.90 18.54 25.83
C LEU F 107 -27.89 17.95 27.25
N GLN F 108 -27.47 16.69 27.35
CA GLN F 108 -27.42 16.00 28.63
C GLN F 108 -25.96 15.77 29.03
N ASP F 109 -25.12 15.53 28.03
CA ASP F 109 -23.76 15.05 28.23
C ASP F 109 -22.75 16.11 27.77
N THR F 110 -22.05 16.69 28.74
CA THR F 110 -21.11 17.78 28.52
C THR F 110 -20.03 17.38 27.53
N ASP F 111 -19.70 16.08 27.52
CA ASP F 111 -18.57 15.57 26.75
C ASP F 111 -18.78 15.82 25.26
N PHE F 112 -20.04 16.09 24.87
CA PHE F 112 -20.31 16.43 23.48
C PHE F 112 -19.65 17.76 23.14
N LEU F 113 -19.65 18.68 24.10
CA LEU F 113 -18.98 19.97 23.96
C LEU F 113 -17.48 19.73 24.00
N SER F 114 -17.03 18.98 25.03
CA SER F 114 -15.63 18.69 25.29
C SER F 114 -14.96 18.07 24.07
N LEU F 115 -15.63 17.10 23.44
CA LEU F 115 -15.04 16.31 22.36
C LEU F 115 -15.55 16.80 21.00
N ASP F 116 -16.85 16.59 20.73
CA ASP F 116 -17.41 16.81 19.41
C ASP F 116 -17.30 18.28 19.01
N VAL F 117 -17.77 19.17 19.89
CA VAL F 117 -17.84 20.58 19.56
C VAL F 117 -16.43 21.14 19.51
N GLU F 118 -15.58 20.67 20.43
CA GLU F 118 -14.18 21.06 20.47
C GLU F 118 -13.52 20.77 19.13
N ASP F 119 -13.88 19.61 18.55
CA ASP F 119 -13.29 19.12 17.32
C ASP F 119 -13.74 19.99 16.15
N ILE F 120 -14.92 20.60 16.27
CA ILE F 120 -15.43 21.43 15.19
C ILE F 120 -14.71 22.78 15.22
N LEU F 121 -14.36 23.24 16.43
CA LEU F 121 -13.73 24.55 16.60
C LEU F 121 -12.33 24.55 15.99
N GLU F 122 -11.91 23.39 15.46
CA GLU F 122 -10.64 23.25 14.75
C GLU F 122 -10.84 23.66 13.30
N ASP F 123 -12.09 23.66 12.82
CA ASP F 123 -12.39 24.09 11.46
C ASP F 123 -12.17 25.59 11.34
N GLU F 124 -11.36 25.97 10.35
CA GLU F 124 -10.81 27.31 10.27
C GLU F 124 -11.50 28.10 9.16
N ASP F 125 -12.45 27.49 8.47
CA ASP F 125 -13.15 28.18 7.39
C ASP F 125 -14.66 27.86 7.40
N GLY F 126 -15.17 27.48 8.58
CA GLY F 126 -16.58 27.15 8.74
C GLY F 126 -17.20 27.90 9.92
N ILE F 127 -18.50 28.20 9.80
CA ILE F 127 -19.21 29.01 10.79
C ILE F 127 -19.99 28.10 11.73
N MET F 128 -19.98 28.46 13.03
CA MET F 128 -20.80 27.80 14.04
C MET F 128 -21.76 28.80 14.69
N VAL F 129 -23.06 28.48 14.68
CA VAL F 129 -24.08 29.22 15.38
C VAL F 129 -24.74 28.31 16.42
N VAL F 130 -24.92 28.83 17.65
CA VAL F 130 -25.28 27.99 18.79
C VAL F 130 -26.54 28.55 19.46
N GLU F 131 -27.70 27.93 19.19
CA GLU F 131 -28.92 28.22 19.94
C GLU F 131 -28.71 27.86 21.40
N TRP F 132 -28.99 28.81 22.30
CA TRP F 132 -28.86 28.64 23.73
C TRP F 132 -27.39 28.57 24.15
N GLY F 133 -26.52 29.26 23.40
CA GLY F 133 -25.09 29.29 23.67
C GLY F 133 -24.74 30.18 24.85
N ASP F 134 -25.76 30.78 25.47
CA ASP F 134 -25.60 31.52 26.72
C ASP F 134 -25.42 30.55 27.88
N LEU F 135 -25.75 29.27 27.66
CA LEU F 135 -25.39 28.26 28.64
C LEU F 135 -23.91 27.97 28.45
N PHE F 136 -23.27 27.44 29.50
CA PHE F 136 -21.85 27.14 29.51
C PHE F 136 -21.07 28.32 28.93
N ASP F 137 -20.97 29.40 29.72
CA ASP F 137 -20.31 30.60 29.23
C ASP F 137 -18.81 30.35 29.08
N GLY F 138 -18.24 29.58 30.02
CA GLY F 138 -16.81 29.33 30.06
C GLY F 138 -16.26 28.76 28.76
N PHE F 139 -17.07 27.93 28.09
CA PHE F 139 -16.61 27.10 26.99
C PHE F 139 -16.16 27.96 25.80
N TRP F 140 -17.01 28.88 25.37
CA TRP F 140 -16.88 29.52 24.07
C TRP F 140 -15.63 30.40 24.00
N PRO F 141 -14.99 30.50 22.81
CA PRO F 141 -13.88 31.43 22.59
C PRO F 141 -14.28 32.88 22.84
N GLU F 142 -13.37 33.65 23.47
CA GLU F 142 -13.64 34.96 24.05
C GLU F 142 -14.14 35.93 22.97
N ASP F 143 -13.58 35.80 21.76
CA ASP F 143 -13.89 36.68 20.65
C ASP F 143 -15.11 36.17 19.88
N SER F 144 -16.01 35.46 20.57
CA SER F 144 -17.22 34.94 19.96
C SER F 144 -18.18 36.08 19.67
N ILE F 145 -18.94 35.95 18.58
CA ILE F 145 -20.03 36.87 18.28
C ILE F 145 -21.26 36.46 19.10
N LYS F 146 -21.68 37.37 19.98
CA LYS F 146 -22.87 37.15 20.79
C LYS F 146 -24.05 37.88 20.11
N VAL F 147 -25.21 37.22 20.08
CA VAL F 147 -26.43 37.77 19.51
C VAL F 147 -27.58 37.48 20.48
N LYS F 148 -28.23 38.55 20.96
CA LYS F 148 -29.31 38.44 21.94
C LYS F 148 -30.61 38.89 21.28
N ILE F 149 -31.68 38.08 21.44
CA ILE F 149 -32.98 38.37 20.84
C ILE F 149 -34.07 38.37 21.91
N GLU F 150 -34.84 39.46 21.96
CA GLU F 150 -35.95 39.63 22.89
C GLU F 150 -37.24 39.90 22.12
N ILE F 151 -38.37 39.47 22.70
CA ILE F 151 -39.69 39.65 22.08
C ILE F 151 -40.15 41.08 22.33
N ALA F 152 -40.41 41.82 21.25
CA ALA F 152 -40.97 43.16 21.35
C ALA F 152 -42.49 43.07 21.43
N ASP F 153 -43.10 42.57 20.36
CA ASP F 153 -44.53 42.33 20.31
C ASP F 153 -44.77 41.05 19.52
N GLU F 154 -46.00 40.87 19.04
CA GLU F 154 -46.38 39.60 18.43
C GLU F 154 -45.70 39.41 17.08
N SER F 155 -45.21 40.50 16.47
CA SER F 155 -44.61 40.40 15.15
C SER F 155 -43.30 41.21 15.04
N HIS F 156 -42.76 41.66 16.18
CA HIS F 156 -41.52 42.43 16.19
C HIS F 156 -40.56 41.91 17.24
N ARG F 157 -39.25 42.05 16.96
CA ARG F 157 -38.22 41.60 17.89
C ARG F 157 -37.10 42.63 18.01
N ASN F 158 -36.43 42.61 19.16
CA ASN F 158 -35.24 43.41 19.44
C ASN F 158 -34.01 42.50 19.45
N VAL F 159 -32.96 42.93 18.75
CA VAL F 159 -31.70 42.19 18.78
C VAL F 159 -30.57 43.16 19.07
N GLU F 160 -29.64 42.72 19.93
CA GLU F 160 -28.40 43.45 20.17
C GLU F 160 -27.23 42.53 19.86
N ILE F 161 -26.35 42.97 18.95
CA ILE F 161 -25.25 42.15 18.48
C ILE F 161 -23.94 42.71 19.03
N LEU F 162 -23.20 41.85 19.71
CA LEU F 162 -21.88 42.16 20.26
C LEU F 162 -20.83 41.62 19.30
N ILE F 163 -19.99 42.51 18.77
CA ILE F 163 -18.93 42.10 17.86
C ILE F 163 -17.61 42.73 18.31
N PRO F 164 -16.54 41.95 18.54
CA PRO F 164 -15.29 42.49 19.07
C PRO F 164 -14.26 42.97 18.03
N GLU F 165 -14.15 44.30 17.88
CA GLU F 165 -13.03 45.00 17.28
C GLU F 165 -12.75 44.54 15.85
N GLU F 166 -13.82 44.38 15.05
CA GLU F 166 -13.67 44.11 13.63
C GLU F 166 -13.97 45.38 12.86
N VAL F 167 -12.90 46.04 12.40
CA VAL F 167 -13.00 47.32 11.70
C VAL F 167 -14.04 47.21 10.58
N ASN F 168 -13.97 46.12 9.79
CA ASN F 168 -14.81 45.93 8.62
C ASN F 168 -16.21 45.47 9.03
N PHE F 169 -16.31 44.78 10.16
CA PHE F 169 -17.55 44.12 10.54
C PHE F 169 -18.58 45.14 11.01
N LEU F 170 -18.28 45.83 12.13
CA LEU F 170 -19.23 46.75 12.75
C LEU F 170 -19.65 47.85 11.77
N VAL F 171 -18.76 48.21 10.84
CA VAL F 171 -19.01 49.24 9.85
C VAL F 171 -20.13 48.78 8.90
N GLU F 172 -20.09 47.50 8.52
CA GLU F 172 -21.02 46.95 7.54
C GLU F 172 -22.38 46.69 8.21
N LYS F 173 -22.35 46.59 9.54
CA LYS F 173 -23.52 46.28 10.34
C LYS F 173 -24.26 47.58 10.70
N ILE F 174 -23.50 48.62 11.05
CA ILE F 174 -24.09 49.91 11.39
C ILE F 174 -24.75 50.51 10.16
N GLU F 175 -24.28 50.14 8.97
CA GLU F 175 -24.89 50.57 7.72
C GLU F 175 -26.38 50.20 7.69
N ARG F 176 -26.71 48.97 8.13
CA ARG F 176 -28.08 48.52 8.13
C ARG F 176 -28.83 49.06 9.35
N TYR F 177 -28.08 49.30 10.42
CA TYR F 177 -28.56 50.01 11.60
C TYR F 177 -28.99 51.42 11.21
N ARG F 178 -28.18 52.06 10.34
CA ARG F 178 -28.44 53.41 9.86
C ARG F 178 -29.48 53.39 8.75
N LYS F 179 -29.74 52.20 8.18
CA LYS F 179 -30.69 52.04 7.09
C LYS F 179 -32.10 51.85 7.63
N GLU F 180 -32.26 51.89 8.96
CA GLU F 180 -33.52 51.67 9.64
C GLU F 180 -34.67 52.20 8.79
#